data_1AQT
# 
_entry.id   1AQT 
# 
_audit_conform.dict_name       mmcif_pdbx.dic 
_audit_conform.dict_version    5.385 
_audit_conform.dict_location   http://mmcif.pdb.org/dictionaries/ascii/mmcif_pdbx.dic 
# 
loop_
_database_2.database_id 
_database_2.database_code 
_database_2.pdbx_database_accession 
_database_2.pdbx_DOI 
PDB   1AQT         pdb_00001aqt 10.2210/pdb1aqt/pdb 
WWPDB D_1000171143 ?            ?                   
# 
loop_
_pdbx_audit_revision_history.ordinal 
_pdbx_audit_revision_history.data_content_type 
_pdbx_audit_revision_history.major_revision 
_pdbx_audit_revision_history.minor_revision 
_pdbx_audit_revision_history.revision_date 
1 'Structure model' 1 0 1998-02-04 
2 'Structure model' 1 1 2008-03-24 
3 'Structure model' 1 2 2011-07-13 
4 'Structure model' 1 3 2024-02-07 
# 
_pdbx_audit_revision_details.ordinal             1 
_pdbx_audit_revision_details.revision_ordinal    1 
_pdbx_audit_revision_details.data_content_type   'Structure model' 
_pdbx_audit_revision_details.provider            repository 
_pdbx_audit_revision_details.type                'Initial release' 
_pdbx_audit_revision_details.description         ? 
_pdbx_audit_revision_details.details             ? 
# 
loop_
_pdbx_audit_revision_group.ordinal 
_pdbx_audit_revision_group.revision_ordinal 
_pdbx_audit_revision_group.data_content_type 
_pdbx_audit_revision_group.group 
1 2 'Structure model' 'Version format compliance' 
2 3 'Structure model' 'Version format compliance' 
3 4 'Structure model' 'Data collection'           
4 4 'Structure model' 'Database references'       
5 4 'Structure model' Other                       
# 
loop_
_pdbx_audit_revision_category.ordinal 
_pdbx_audit_revision_category.revision_ordinal 
_pdbx_audit_revision_category.data_content_type 
_pdbx_audit_revision_category.category 
1 4 'Structure model' chem_comp_atom       
2 4 'Structure model' chem_comp_bond       
3 4 'Structure model' database_2           
4 4 'Structure model' pdbx_database_status 
# 
loop_
_pdbx_audit_revision_item.ordinal 
_pdbx_audit_revision_item.revision_ordinal 
_pdbx_audit_revision_item.data_content_type 
_pdbx_audit_revision_item.item 
1 4 'Structure model' '_database_2.pdbx_DOI'                
2 4 'Structure model' '_database_2.pdbx_database_accession' 
3 4 'Structure model' '_pdbx_database_status.process_site'  
# 
_pdbx_database_status.status_code                     REL 
_pdbx_database_status.entry_id                        1AQT 
_pdbx_database_status.recvd_initial_deposition_date   1997-07-31 
_pdbx_database_status.deposit_site                    ? 
_pdbx_database_status.process_site                    BNL 
_pdbx_database_status.status_code_sf                  REL 
_pdbx_database_status.status_code_mr                  ? 
_pdbx_database_status.SG_entry                        ? 
_pdbx_database_status.pdb_format_compatible           Y 
_pdbx_database_status.status_code_cs                  ? 
_pdbx_database_status.status_code_nmr_data            ? 
_pdbx_database_status.methods_development_category    ? 
# 
loop_
_audit_author.name 
_audit_author.pdbx_ordinal 
'Uhlin, U.'  1 
'Guss, J.M.' 2 
# 
loop_
_citation.id 
_citation.title 
_citation.journal_abbrev 
_citation.journal_volume 
_citation.page_first 
_citation.page_last 
_citation.year 
_citation.journal_id_ASTM 
_citation.country 
_citation.journal_id_ISSN 
_citation.journal_id_CSD 
_citation.book_publisher 
_citation.pdbx_database_id_PubMed 
_citation.pdbx_database_id_DOI 
primary 'Crystal structure of the epsilon subunit of the proton-translocating ATP synthase from Escherichia coli.' Structure   5   
1219 1230 1997 STRUE6 UK 0969-2126 2005 ? 9331422 '10.1016/S0969-2126(97)00272-4' 
1       
'The Expression, Purification and Crystallization of the Epsilon Subunit of the F1 Portion of the ATPase of Escherichia Coli' 
J.Mol.Biol. 228 306  ?    1992 JMOBAK UK 0022-2836 0070 ? ?       ?                               
# 
loop_
_citation_author.citation_id 
_citation_author.name 
_citation_author.ordinal 
_citation_author.identifier_ORCID 
primary 'Uhlin, U.'     1 ? 
primary 'Cox, G.B.'     2 ? 
primary 'Guss, J.M.'    3 ? 
1       'Codd, R.'      4 ? 
1       'Cox, G.B.'     5 ? 
1       'Guss, J.M.'    6 ? 
1       'Solomon, R.G.' 7 ? 
1       'Webb, D.'      8 ? 
# 
loop_
_entity.id 
_entity.type 
_entity.src_method 
_entity.pdbx_description 
_entity.formula_weight 
_entity.pdbx_number_of_molecules 
_entity.pdbx_ec 
_entity.pdbx_mutation 
_entity.pdbx_fragment 
_entity.details 
1 polymer man 'ATP SYNTHASE' 14897.904 1  3.6.1.34 'A1G, M2S' 'EPSILON CHAIN' ? 
2 water   nat water          18.015    14 ?        ?          ?               ? 
# 
_entity_poly.entity_id                      1 
_entity_poly.type                           'polypeptide(L)' 
_entity_poly.nstd_linkage                   no 
_entity_poly.nstd_monomer                   no 
_entity_poly.pdbx_seq_one_letter_code       
;GSTYHLDVVSAEQQMFSGLVEKIQVTGSEGELGIYPGHAPLLTAIKPGMIRIVKQHGHEEFIYLSGGILEVQPGNVTVLA
DTAIRGQDLDEARAMEAKRKAEEHISSSHGDVDYAQASAELAKAIAQLRVIELTKKAM
;
_entity_poly.pdbx_seq_one_letter_code_can   
;GSTYHLDVVSAEQQMFSGLVEKIQVTGSEGELGIYPGHAPLLTAIKPGMIRIVKQHGHEEFIYLSGGILEVQPGNVTVLA
DTAIRGQDLDEARAMEAKRKAEEHISSSHGDVDYAQASAELAKAIAQLRVIELTKKAM
;
_entity_poly.pdbx_strand_id                 A 
_entity_poly.pdbx_target_identifier         ? 
# 
_pdbx_entity_nonpoly.entity_id   2 
_pdbx_entity_nonpoly.name        water 
_pdbx_entity_nonpoly.comp_id     HOH 
# 
loop_
_entity_poly_seq.entity_id 
_entity_poly_seq.num 
_entity_poly_seq.mon_id 
_entity_poly_seq.hetero 
1 1   GLY n 
1 2   SER n 
1 3   THR n 
1 4   TYR n 
1 5   HIS n 
1 6   LEU n 
1 7   ASP n 
1 8   VAL n 
1 9   VAL n 
1 10  SER n 
1 11  ALA n 
1 12  GLU n 
1 13  GLN n 
1 14  GLN n 
1 15  MET n 
1 16  PHE n 
1 17  SER n 
1 18  GLY n 
1 19  LEU n 
1 20  VAL n 
1 21  GLU n 
1 22  LYS n 
1 23  ILE n 
1 24  GLN n 
1 25  VAL n 
1 26  THR n 
1 27  GLY n 
1 28  SER n 
1 29  GLU n 
1 30  GLY n 
1 31  GLU n 
1 32  LEU n 
1 33  GLY n 
1 34  ILE n 
1 35  TYR n 
1 36  PRO n 
1 37  GLY n 
1 38  HIS n 
1 39  ALA n 
1 40  PRO n 
1 41  LEU n 
1 42  LEU n 
1 43  THR n 
1 44  ALA n 
1 45  ILE n 
1 46  LYS n 
1 47  PRO n 
1 48  GLY n 
1 49  MET n 
1 50  ILE n 
1 51  ARG n 
1 52  ILE n 
1 53  VAL n 
1 54  LYS n 
1 55  GLN n 
1 56  HIS n 
1 57  GLY n 
1 58  HIS n 
1 59  GLU n 
1 60  GLU n 
1 61  PHE n 
1 62  ILE n 
1 63  TYR n 
1 64  LEU n 
1 65  SER n 
1 66  GLY n 
1 67  GLY n 
1 68  ILE n 
1 69  LEU n 
1 70  GLU n 
1 71  VAL n 
1 72  GLN n 
1 73  PRO n 
1 74  GLY n 
1 75  ASN n 
1 76  VAL n 
1 77  THR n 
1 78  VAL n 
1 79  LEU n 
1 80  ALA n 
1 81  ASP n 
1 82  THR n 
1 83  ALA n 
1 84  ILE n 
1 85  ARG n 
1 86  GLY n 
1 87  GLN n 
1 88  ASP n 
1 89  LEU n 
1 90  ASP n 
1 91  GLU n 
1 92  ALA n 
1 93  ARG n 
1 94  ALA n 
1 95  MET n 
1 96  GLU n 
1 97  ALA n 
1 98  LYS n 
1 99  ARG n 
1 100 LYS n 
1 101 ALA n 
1 102 GLU n 
1 103 GLU n 
1 104 HIS n 
1 105 ILE n 
1 106 SER n 
1 107 SER n 
1 108 SER n 
1 109 HIS n 
1 110 GLY n 
1 111 ASP n 
1 112 VAL n 
1 113 ASP n 
1 114 TYR n 
1 115 ALA n 
1 116 GLN n 
1 117 ALA n 
1 118 SER n 
1 119 ALA n 
1 120 GLU n 
1 121 LEU n 
1 122 ALA n 
1 123 LYS n 
1 124 ALA n 
1 125 ILE n 
1 126 ALA n 
1 127 GLN n 
1 128 LEU n 
1 129 ARG n 
1 130 VAL n 
1 131 ILE n 
1 132 GLU n 
1 133 LEU n 
1 134 THR n 
1 135 LYS n 
1 136 LYS n 
1 137 ALA n 
1 138 MET n 
# 
_entity_src_gen.entity_id                          1 
_entity_src_gen.pdbx_src_id                        1 
_entity_src_gen.pdbx_alt_source_flag               sample 
_entity_src_gen.pdbx_seq_type                      ? 
_entity_src_gen.pdbx_beg_seq_num                   ? 
_entity_src_gen.pdbx_end_seq_num                   ? 
_entity_src_gen.gene_src_common_name               ? 
_entity_src_gen.gene_src_genus                     Escherichia 
_entity_src_gen.pdbx_gene_src_gene                 ? 
_entity_src_gen.gene_src_species                   ? 
_entity_src_gen.gene_src_strain                    AN2994 
_entity_src_gen.gene_src_tissue                    ? 
_entity_src_gen.gene_src_tissue_fraction           ? 
_entity_src_gen.gene_src_details                   ? 
_entity_src_gen.pdbx_gene_src_fragment             ? 
_entity_src_gen.pdbx_gene_src_scientific_name      'Escherichia coli' 
_entity_src_gen.pdbx_gene_src_ncbi_taxonomy_id     562 
_entity_src_gen.pdbx_gene_src_variant              ? 
_entity_src_gen.pdbx_gene_src_cell_line            ? 
_entity_src_gen.pdbx_gene_src_atcc                 ? 
_entity_src_gen.pdbx_gene_src_organ                ? 
_entity_src_gen.pdbx_gene_src_organelle            ? 
_entity_src_gen.pdbx_gene_src_cell                 ? 
_entity_src_gen.pdbx_gene_src_cellular_location    ? 
_entity_src_gen.host_org_common_name               ? 
_entity_src_gen.pdbx_host_org_scientific_name      'Escherichia coli' 
_entity_src_gen.pdbx_host_org_ncbi_taxonomy_id     562 
_entity_src_gen.host_org_genus                     Escherichia 
_entity_src_gen.pdbx_host_org_gene                 UNCC 
_entity_src_gen.pdbx_host_org_organ                ? 
_entity_src_gen.host_org_species                   ? 
_entity_src_gen.pdbx_host_org_tissue               ? 
_entity_src_gen.pdbx_host_org_tissue_fraction      ? 
_entity_src_gen.pdbx_host_org_strain               ? 
_entity_src_gen.pdbx_host_org_variant              ? 
_entity_src_gen.pdbx_host_org_cell_line            ? 
_entity_src_gen.pdbx_host_org_atcc                 ? 
_entity_src_gen.pdbx_host_org_culture_collection   ? 
_entity_src_gen.pdbx_host_org_cell                 ? 
_entity_src_gen.pdbx_host_org_organelle            ? 
_entity_src_gen.pdbx_host_org_cellular_location    ? 
_entity_src_gen.pdbx_host_org_vector_type          ? 
_entity_src_gen.pdbx_host_org_vector               PGEX-2T 
_entity_src_gen.host_org_details                   ? 
_entity_src_gen.expression_system_id               ? 
_entity_src_gen.plasmid_name                       PAN590 
_entity_src_gen.plasmid_details                    ? 
_entity_src_gen.pdbx_description                   ? 
# 
loop_
_chem_comp.id 
_chem_comp.type 
_chem_comp.mon_nstd_flag 
_chem_comp.name 
_chem_comp.pdbx_synonyms 
_chem_comp.formula 
_chem_comp.formula_weight 
ALA 'L-peptide linking' y ALANINE         ? 'C3 H7 N O2'     89.093  
ARG 'L-peptide linking' y ARGININE        ? 'C6 H15 N4 O2 1' 175.209 
ASN 'L-peptide linking' y ASPARAGINE      ? 'C4 H8 N2 O3'    132.118 
ASP 'L-peptide linking' y 'ASPARTIC ACID' ? 'C4 H7 N O4'     133.103 
GLN 'L-peptide linking' y GLUTAMINE       ? 'C5 H10 N2 O3'   146.144 
GLU 'L-peptide linking' y 'GLUTAMIC ACID' ? 'C5 H9 N O4'     147.129 
GLY 'peptide linking'   y GLYCINE         ? 'C2 H5 N O2'     75.067  
HIS 'L-peptide linking' y HISTIDINE       ? 'C6 H10 N3 O2 1' 156.162 
HOH non-polymer         . WATER           ? 'H2 O'           18.015  
ILE 'L-peptide linking' y ISOLEUCINE      ? 'C6 H13 N O2'    131.173 
LEU 'L-peptide linking' y LEUCINE         ? 'C6 H13 N O2'    131.173 
LYS 'L-peptide linking' y LYSINE          ? 'C6 H15 N2 O2 1' 147.195 
MET 'L-peptide linking' y METHIONINE      ? 'C5 H11 N O2 S'  149.211 
PHE 'L-peptide linking' y PHENYLALANINE   ? 'C9 H11 N O2'    165.189 
PRO 'L-peptide linking' y PROLINE         ? 'C5 H9 N O2'     115.130 
SER 'L-peptide linking' y SERINE          ? 'C3 H7 N O3'     105.093 
THR 'L-peptide linking' y THREONINE       ? 'C4 H9 N O3'     119.119 
TYR 'L-peptide linking' y TYROSINE        ? 'C9 H11 N O3'    181.189 
VAL 'L-peptide linking' y VALINE          ? 'C5 H11 N O2'    117.146 
# 
loop_
_pdbx_poly_seq_scheme.asym_id 
_pdbx_poly_seq_scheme.entity_id 
_pdbx_poly_seq_scheme.seq_id 
_pdbx_poly_seq_scheme.mon_id 
_pdbx_poly_seq_scheme.ndb_seq_num 
_pdbx_poly_seq_scheme.pdb_seq_num 
_pdbx_poly_seq_scheme.auth_seq_num 
_pdbx_poly_seq_scheme.pdb_mon_id 
_pdbx_poly_seq_scheme.auth_mon_id 
_pdbx_poly_seq_scheme.pdb_strand_id 
_pdbx_poly_seq_scheme.pdb_ins_code 
_pdbx_poly_seq_scheme.hetero 
A 1 1   GLY 1   1   ?   ?   ?   A . n 
A 1 2   SER 2   2   2   SER SER A . n 
A 1 3   THR 3   3   3   THR THR A . n 
A 1 4   TYR 4   4   4   TYR TYR A . n 
A 1 5   HIS 5   5   5   HIS HIS A . n 
A 1 6   LEU 6   6   6   LEU LEU A . n 
A 1 7   ASP 7   7   7   ASP ASP A . n 
A 1 8   VAL 8   8   8   VAL VAL A . n 
A 1 9   VAL 9   9   9   VAL VAL A . n 
A 1 10  SER 10  10  10  SER SER A . n 
A 1 11  ALA 11  11  11  ALA ALA A . n 
A 1 12  GLU 12  12  12  GLU GLU A . n 
A 1 13  GLN 13  13  13  GLN GLN A . n 
A 1 14  GLN 14  14  14  GLN GLN A . n 
A 1 15  MET 15  15  15  MET MET A . n 
A 1 16  PHE 16  16  16  PHE PHE A . n 
A 1 17  SER 17  17  17  SER SER A . n 
A 1 18  GLY 18  18  18  GLY GLY A . n 
A 1 19  LEU 19  19  19  LEU LEU A . n 
A 1 20  VAL 20  20  20  VAL VAL A . n 
A 1 21  GLU 21  21  21  GLU GLU A . n 
A 1 22  LYS 22  22  22  LYS LYS A . n 
A 1 23  ILE 23  23  23  ILE ILE A . n 
A 1 24  GLN 24  24  24  GLN GLN A . n 
A 1 25  VAL 25  25  25  VAL VAL A . n 
A 1 26  THR 26  26  26  THR THR A . n 
A 1 27  GLY 27  27  27  GLY GLY A . n 
A 1 28  SER 28  28  28  SER SER A . n 
A 1 29  GLU 29  29  29  GLU GLU A . n 
A 1 30  GLY 30  30  30  GLY GLY A . n 
A 1 31  GLU 31  31  31  GLU GLU A . n 
A 1 32  LEU 32  32  32  LEU LEU A . n 
A 1 33  GLY 33  33  33  GLY GLY A . n 
A 1 34  ILE 34  34  34  ILE ILE A . n 
A 1 35  TYR 35  35  35  TYR TYR A . n 
A 1 36  PRO 36  36  36  PRO PRO A . n 
A 1 37  GLY 37  37  37  GLY GLY A . n 
A 1 38  HIS 38  38  38  HIS HIS A . n 
A 1 39  ALA 39  39  39  ALA ALA A . n 
A 1 40  PRO 40  40  40  PRO PRO A . n 
A 1 41  LEU 41  41  41  LEU LEU A . n 
A 1 42  LEU 42  42  42  LEU LEU A . n 
A 1 43  THR 43  43  43  THR THR A . n 
A 1 44  ALA 44  44  44  ALA ALA A . n 
A 1 45  ILE 45  45  45  ILE ILE A . n 
A 1 46  LYS 46  46  46  LYS LYS A . n 
A 1 47  PRO 47  47  47  PRO PRO A . n 
A 1 48  GLY 48  48  48  GLY GLY A . n 
A 1 49  MET 49  49  49  MET MET A . n 
A 1 50  ILE 50  50  50  ILE ILE A . n 
A 1 51  ARG 51  51  51  ARG ARG A . n 
A 1 52  ILE 52  52  52  ILE ILE A . n 
A 1 53  VAL 53  53  53  VAL VAL A . n 
A 1 54  LYS 54  54  54  LYS LYS A . n 
A 1 55  GLN 55  55  55  GLN GLN A . n 
A 1 56  HIS 56  56  56  HIS HIS A . n 
A 1 57  GLY 57  57  57  GLY GLY A . n 
A 1 58  HIS 58  58  58  HIS HIS A . n 
A 1 59  GLU 59  59  59  GLU GLU A . n 
A 1 60  GLU 60  60  60  GLU GLU A . n 
A 1 61  PHE 61  61  61  PHE PHE A . n 
A 1 62  ILE 62  62  62  ILE ILE A . n 
A 1 63  TYR 63  63  63  TYR TYR A . n 
A 1 64  LEU 64  64  64  LEU LEU A . n 
A 1 65  SER 65  65  65  SER SER A . n 
A 1 66  GLY 66  66  66  GLY GLY A . n 
A 1 67  GLY 67  67  67  GLY GLY A . n 
A 1 68  ILE 68  68  68  ILE ILE A . n 
A 1 69  LEU 69  69  69  LEU LEU A . n 
A 1 70  GLU 70  70  70  GLU GLU A . n 
A 1 71  VAL 71  71  71  VAL VAL A . n 
A 1 72  GLN 72  72  72  GLN GLN A . n 
A 1 73  PRO 73  73  73  PRO PRO A . n 
A 1 74  GLY 74  74  74  GLY GLY A . n 
A 1 75  ASN 75  75  75  ASN ASN A . n 
A 1 76  VAL 76  76  76  VAL VAL A . n 
A 1 77  THR 77  77  77  THR THR A . n 
A 1 78  VAL 78  78  78  VAL VAL A . n 
A 1 79  LEU 79  79  79  LEU LEU A . n 
A 1 80  ALA 80  80  80  ALA ALA A . n 
A 1 81  ASP 81  81  81  ASP ASP A . n 
A 1 82  THR 82  82  82  THR THR A . n 
A 1 83  ALA 83  83  83  ALA ALA A . n 
A 1 84  ILE 84  84  84  ILE ILE A . n 
A 1 85  ARG 85  85  85  ARG ARG A . n 
A 1 86  GLY 86  86  86  GLY GLY A . n 
A 1 87  GLN 87  87  87  GLN GLN A . n 
A 1 88  ASP 88  88  88  ASP ASP A . n 
A 1 89  LEU 89  89  89  LEU LEU A . n 
A 1 90  ASP 90  90  90  ASP ASP A . n 
A 1 91  GLU 91  91  91  GLU GLU A . n 
A 1 92  ALA 92  92  92  ALA ALA A . n 
A 1 93  ARG 93  93  93  ARG ARG A . n 
A 1 94  ALA 94  94  94  ALA ALA A . n 
A 1 95  MET 95  95  95  MET MET A . n 
A 1 96  GLU 96  96  96  GLU GLU A . n 
A 1 97  ALA 97  97  97  ALA ALA A . n 
A 1 98  LYS 98  98  98  LYS LYS A . n 
A 1 99  ARG 99  99  99  ARG ARG A . n 
A 1 100 LYS 100 100 100 LYS LYS A . n 
A 1 101 ALA 101 101 101 ALA ALA A . n 
A 1 102 GLU 102 102 102 GLU GLU A . n 
A 1 103 GLU 103 103 103 GLU GLU A . n 
A 1 104 HIS 104 104 104 HIS HIS A . n 
A 1 105 ILE 105 105 105 ILE ILE A . n 
A 1 106 SER 106 106 106 SER SER A . n 
A 1 107 SER 107 107 107 SER SER A . n 
A 1 108 SER 108 108 108 SER SER A . n 
A 1 109 HIS 109 109 109 HIS HIS A . n 
A 1 110 GLY 110 110 110 GLY GLY A . n 
A 1 111 ASP 111 111 111 ASP ASP A . n 
A 1 112 VAL 112 112 112 VAL VAL A . n 
A 1 113 ASP 113 113 113 ASP ASP A . n 
A 1 114 TYR 114 114 114 TYR TYR A . n 
A 1 115 ALA 115 115 115 ALA ALA A . n 
A 1 116 GLN 116 116 116 GLN GLN A . n 
A 1 117 ALA 117 117 117 ALA ALA A . n 
A 1 118 SER 118 118 118 SER SER A . n 
A 1 119 ALA 119 119 119 ALA ALA A . n 
A 1 120 GLU 120 120 120 GLU GLU A . n 
A 1 121 LEU 121 121 121 LEU LEU A . n 
A 1 122 ALA 122 122 122 ALA ALA A . n 
A 1 123 LYS 123 123 123 LYS LYS A . n 
A 1 124 ALA 124 124 124 ALA ALA A . n 
A 1 125 ILE 125 125 125 ILE ILE A . n 
A 1 126 ALA 126 126 126 ALA ALA A . n 
A 1 127 GLN 127 127 127 GLN GLN A . n 
A 1 128 LEU 128 128 128 LEU LEU A . n 
A 1 129 ARG 129 129 129 ARG ARG A . n 
A 1 130 VAL 130 130 130 VAL VAL A . n 
A 1 131 ILE 131 131 131 ILE ILE A . n 
A 1 132 GLU 132 132 132 GLU GLU A . n 
A 1 133 LEU 133 133 133 LEU LEU A . n 
A 1 134 THR 134 134 134 THR THR A . n 
A 1 135 LYS 135 135 135 LYS LYS A . n 
A 1 136 LYS 136 136 136 LYS LYS A . n 
A 1 137 ALA 137 137 ?   ?   ?   A . n 
A 1 138 MET 138 138 ?   ?   ?   A . n 
# 
loop_
_pdbx_nonpoly_scheme.asym_id 
_pdbx_nonpoly_scheme.entity_id 
_pdbx_nonpoly_scheme.mon_id 
_pdbx_nonpoly_scheme.ndb_seq_num 
_pdbx_nonpoly_scheme.pdb_seq_num 
_pdbx_nonpoly_scheme.auth_seq_num 
_pdbx_nonpoly_scheme.pdb_mon_id 
_pdbx_nonpoly_scheme.auth_mon_id 
_pdbx_nonpoly_scheme.pdb_strand_id 
_pdbx_nonpoly_scheme.pdb_ins_code 
B 2 HOH 1  139 1  HOH HOH A . 
B 2 HOH 2  140 4  HOH HOH A . 
B 2 HOH 3  141 6  HOH HOH A . 
B 2 HOH 4  142 8  HOH HOH A . 
B 2 HOH 5  143 10 HOH HOH A . 
B 2 HOH 6  144 11 HOH HOH A . 
B 2 HOH 7  145 13 HOH HOH A . 
B 2 HOH 8  146 14 HOH HOH A . 
B 2 HOH 9  147 17 HOH HOH A . 
B 2 HOH 10 148 22 HOH HOH A . 
B 2 HOH 11 149 24 HOH HOH A . 
B 2 HOH 12 150 30 HOH HOH A . 
B 2 HOH 13 151 31 HOH HOH A . 
B 2 HOH 14 152 33 HOH HOH A . 
# 
loop_
_software.name 
_software.classification 
_software.version 
_software.citation_id 
_software.pdbx_ordinal 
X-PLOR    'model building' 3.843 ? 1 
X-PLOR    refinement       3.843 ? 2 
DENZO     'data reduction' .     ? 3 
SCALEPACK 'data scaling'   .     ? 4 
X-PLOR    phasing          3.843 ? 5 
# 
_cell.entry_id           1AQT 
_cell.length_a           94.610 
_cell.length_b           94.610 
_cell.length_c           56.920 
_cell.angle_alpha        90.00 
_cell.angle_beta         90.00 
_cell.angle_gamma        120.00 
_cell.Z_PDB              12 
_cell.pdbx_unique_axis   ? 
# 
_symmetry.entry_id                         1AQT 
_symmetry.space_group_name_H-M             'P 65 2 2' 
_symmetry.pdbx_full_space_group_name_H-M   ? 
_symmetry.cell_setting                     ? 
_symmetry.Int_Tables_number                179 
# 
_exptl.entry_id          1AQT 
_exptl.method            'X-RAY DIFFRACTION' 
_exptl.crystals_number   1 
# 
_exptl_crystal.id                    1 
_exptl_crystal.density_meas          ? 
_exptl_crystal.density_Matthews      2.4 
_exptl_crystal.density_percent_sol   50. 
_exptl_crystal.description           ? 
# 
_exptl_crystal_grow.crystal_id      1 
_exptl_crystal_grow.method          ? 
_exptl_crystal_grow.temp            ? 
_exptl_crystal_grow.temp_details    ? 
_exptl_crystal_grow.pH              7.5 
_exptl_crystal_grow.pdbx_pH_range   ? 
_exptl_crystal_grow.pdbx_details    'PROTEIN (4 MG/ML)IN 50 MM HEPES BUFFER, PH 7.5, 200 MM (NH2)2SO4, 2 M (NA/K)PO4' 
# 
_diffrn.id                     1 
_diffrn.ambient_temp           293 
_diffrn.ambient_temp_details   ? 
_diffrn.crystal_id             1 
# 
_diffrn_detector.diffrn_id              1 
_diffrn_detector.detector               'IMAGE PLATE' 
_diffrn_detector.type                   'RIGAKU RAXIS II' 
_diffrn_detector.pdbx_collection_date   1994-09 
_diffrn_detector.details                MIRRORS 
# 
_diffrn_radiation.diffrn_id                        1 
_diffrn_radiation.wavelength_id                    1 
_diffrn_radiation.pdbx_monochromatic_or_laue_m_l   M 
_diffrn_radiation.monochromator                    
;NI FILTER (0.00015")
;
_diffrn_radiation.pdbx_diffrn_protocol             ? 
_diffrn_radiation.pdbx_scattering_type             x-ray 
# 
_diffrn_radiation_wavelength.id           1 
_diffrn_radiation_wavelength.wavelength   1.5418 
_diffrn_radiation_wavelength.wt           1.0 
# 
_diffrn_source.diffrn_id                   1 
_diffrn_source.source                      'ROTATING ANODE' 
_diffrn_source.type                        'RIGAKU RUH2R' 
_diffrn_source.pdbx_synchrotron_site       ? 
_diffrn_source.pdbx_synchrotron_beamline   ? 
_diffrn_source.pdbx_wavelength             1.5418 
_diffrn_source.pdbx_wavelength_list        ? 
# 
_reflns.entry_id                     1AQT 
_reflns.observed_criterion_sigma_I   0.0 
_reflns.observed_criterion_sigma_F   ? 
_reflns.d_resolution_low             19.0 
_reflns.d_resolution_high            2.3 
_reflns.number_obs                   6626 
_reflns.number_all                   ? 
_reflns.percent_possible_obs         94. 
_reflns.pdbx_Rmerge_I_obs            ? 
_reflns.pdbx_Rsym_value              0.0590000 
_reflns.pdbx_netI_over_sigmaI        12.4 
_reflns.B_iso_Wilson_estimate        31. 
_reflns.pdbx_redundancy              3.0 
_reflns.pdbx_diffrn_id               1 
_reflns.pdbx_ordinal                 1 
# 
_reflns_shell.d_res_high             2.3 
_reflns_shell.d_res_low              2.38 
_reflns_shell.percent_possible_all   89. 
_reflns_shell.Rmerge_I_obs           ? 
_reflns_shell.pdbx_Rsym_value        0.4800000 
_reflns_shell.meanI_over_sigI_obs    1.8 
_reflns_shell.pdbx_redundancy        2.2 
_reflns_shell.pdbx_diffrn_id         ? 
_reflns_shell.pdbx_ordinal           1 
# 
_refine.entry_id                                 1AQT 
_refine.ls_number_reflns_obs                     6134 
_refine.ls_number_reflns_all                     ? 
_refine.pdbx_ls_sigma_I                          ? 
_refine.pdbx_ls_sigma_F                          0.0 
_refine.pdbx_data_cutoff_high_absF               10000000.00 
_refine.pdbx_data_cutoff_low_absF                0.001 
_refine.pdbx_data_cutoff_high_rms_absF           ? 
_refine.ls_d_res_low                             19.0 
_refine.ls_d_res_high                            2.3 
_refine.ls_percent_reflns_obs                    87. 
_refine.ls_R_factor_obs                          0.2140000 
_refine.ls_R_factor_all                          ? 
_refine.ls_R_factor_R_work                       0.2140000 
_refine.ls_R_factor_R_free                       0.2880000 
_refine.ls_R_factor_R_free_error                 ? 
_refine.ls_R_factor_R_free_error_details         ? 
_refine.ls_percent_reflns_R_free                 8.0 
_refine.ls_number_reflns_R_free                  511 
_refine.ls_number_parameters                     ? 
_refine.ls_number_restraints                     ? 
_refine.occupancy_min                            ? 
_refine.occupancy_max                            ? 
_refine.B_iso_mean                               41. 
_refine.aniso_B[1][1]                            ? 
_refine.aniso_B[2][2]                            ? 
_refine.aniso_B[3][3]                            ? 
_refine.aniso_B[1][2]                            ? 
_refine.aniso_B[1][3]                            ? 
_refine.aniso_B[2][3]                            ? 
_refine.solvent_model_details                    ? 
_refine.solvent_model_param_ksol                 ? 
_refine.solvent_model_param_bsol                 ? 
_refine.pdbx_ls_cross_valid_method               THROUGHOUT 
_refine.details                                  ? 
_refine.pdbx_starting_model                      ? 
_refine.pdbx_method_to_determine_struct          'MULTIPLE ISOMORPHOUS REPLACEMENT' 
_refine.pdbx_isotropic_thermal_model             ? 
_refine.pdbx_stereochemistry_target_values       ? 
_refine.pdbx_stereochem_target_val_spec_case     ? 
_refine.pdbx_R_Free_selection_details            RANDOM 
_refine.pdbx_overall_ESU_R                       ? 
_refine.pdbx_overall_ESU_R_Free                  ? 
_refine.overall_SU_ML                            ? 
_refine.overall_SU_B                             ? 
_refine.pdbx_refine_id                           'X-RAY DIFFRACTION' 
_refine.pdbx_diffrn_id                           1 
_refine.pdbx_TLS_residual_ADP_flag               ? 
_refine.correlation_coeff_Fo_to_Fc               ? 
_refine.correlation_coeff_Fo_to_Fc_free          ? 
_refine.pdbx_solvent_vdw_probe_radii             ? 
_refine.pdbx_solvent_ion_probe_radii             ? 
_refine.pdbx_solvent_shrinkage_radii             ? 
_refine.pdbx_overall_phase_error                 ? 
_refine.overall_SU_R_Cruickshank_DPI             ? 
_refine.pdbx_overall_SU_R_free_Cruickshank_DPI   ? 
_refine.pdbx_overall_SU_R_Blow_DPI               ? 
_refine.pdbx_overall_SU_R_free_Blow_DPI          ? 
# 
_refine_hist.pdbx_refine_id                   'X-RAY DIFFRACTION' 
_refine_hist.cycle_id                         LAST 
_refine_hist.pdbx_number_atoms_protein        1027 
_refine_hist.pdbx_number_atoms_nucleic_acid   0 
_refine_hist.pdbx_number_atoms_ligand         0 
_refine_hist.number_atoms_solvent             14 
_refine_hist.number_atoms_total               1041 
_refine_hist.d_res_high                       2.3 
_refine_hist.d_res_low                        19.0 
# 
loop_
_refine_ls_restr.type 
_refine_ls_restr.dev_ideal 
_refine_ls_restr.dev_ideal_target 
_refine_ls_restr.weight 
_refine_ls_restr.number 
_refine_ls_restr.pdbx_refine_id 
_refine_ls_restr.pdbx_restraint_function 
x_bond_d                0.01 ?   ? ? 'X-RAY DIFFRACTION' ? 
x_bond_d_na             ?    ?   ? ? 'X-RAY DIFFRACTION' ? 
x_bond_d_prot           ?    ?   ? ? 'X-RAY DIFFRACTION' ? 
x_angle_d               ?    ?   ? ? 'X-RAY DIFFRACTION' ? 
x_angle_d_na            ?    ?   ? ? 'X-RAY DIFFRACTION' ? 
x_angle_d_prot          ?    ?   ? ? 'X-RAY DIFFRACTION' ? 
x_angle_deg             1.5  ?   ? ? 'X-RAY DIFFRACTION' ? 
x_angle_deg_na          ?    ?   ? ? 'X-RAY DIFFRACTION' ? 
x_angle_deg_prot        ?    ?   ? ? 'X-RAY DIFFRACTION' ? 
x_dihedral_angle_d      ?    ?   ? ? 'X-RAY DIFFRACTION' ? 
x_dihedral_angle_d_na   ?    ?   ? ? 'X-RAY DIFFRACTION' ? 
x_dihedral_angle_d_prot ?    ?   ? ? 'X-RAY DIFFRACTION' ? 
x_improper_angle_d      ?    ?   ? ? 'X-RAY DIFFRACTION' ? 
x_improper_angle_d_na   ?    ?   ? ? 'X-RAY DIFFRACTION' ? 
x_improper_angle_d_prot ?    ?   ? ? 'X-RAY DIFFRACTION' ? 
x_mcbond_it             2.8  1.5 ? ? 'X-RAY DIFFRACTION' ? 
x_mcangle_it            ?    ?   ? ? 'X-RAY DIFFRACTION' ? 
x_scbond_it             5.2  2.0 ? ? 'X-RAY DIFFRACTION' ? 
x_scangle_it            ?    ?   ? ? 'X-RAY DIFFRACTION' ? 
# 
_refine_ls_shell.pdbx_total_number_of_bins_used   8 
_refine_ls_shell.d_res_high                       2.3 
_refine_ls_shell.d_res_low                        2.4 
_refine_ls_shell.number_reflns_R_work             583 
_refine_ls_shell.R_factor_R_work                  0.4530000 
_refine_ls_shell.percent_reflns_obs               ? 
_refine_ls_shell.R_factor_R_free                  0.5330000 
_refine_ls_shell.R_factor_R_free_error            ? 
_refine_ls_shell.percent_reflns_R_free            7.9 
_refine_ls_shell.number_reflns_R_free             46 
_refine_ls_shell.pdbx_refine_id                   'X-RAY DIFFRACTION' 
_refine_ls_shell.number_reflns_all                ? 
_refine_ls_shell.R_factor_all                     ? 
# 
loop_
_pdbx_xplor_file.serial_no 
_pdbx_xplor_file.param_file 
_pdbx_xplor_file.topol_file 
_pdbx_xplor_file.pdbx_refine_id 
1 PARHCSDX_TIP3.PRO TOPHCSDX_TIP3.PRO 'X-RAY DIFFRACTION' 
2 ?                 ?                 'X-RAY DIFFRACTION' 
# 
_struct.entry_id                  1AQT 
_struct.title                     'EPSILON SUBUNIT OF F1F0-ATP SYNTHASE FROM ESCHERICHIA COLI' 
_struct.pdbx_model_details        ? 
_struct.pdbx_CASP_flag            ? 
_struct.pdbx_model_type_details   ? 
# 
_struct_keywords.entry_id        1AQT 
_struct_keywords.pdbx_keywords   HYDROLASE 
_struct_keywords.text            'HYDROLASE, ATPASE, ATP SYNTHASE, EPSILON SUBUNIT' 
# 
loop_
_struct_asym.id 
_struct_asym.pdbx_blank_PDB_chainid_flag 
_struct_asym.pdbx_modified 
_struct_asym.entity_id 
_struct_asym.details 
A N N 1 ? 
B N N 2 ? 
# 
_struct_ref.id                         1 
_struct_ref.db_name                    UNP 
_struct_ref.db_code                    ATPE_ECOLI 
_struct_ref.entity_id                  1 
_struct_ref.pdbx_db_accession          P0A6E6 
_struct_ref.pdbx_align_begin           1 
_struct_ref.pdbx_seq_one_letter_code   
;AMTYHLDVVSAEQQMFSGLVEKIQVTGSEGELGIYPGHAPLLTAIKPGMIRIVKQHGHEEFIYLSGGILEVQPGNVTVLA
DTAIRGQDLDEARAMEAKRKAEEHISSSHGDVDYAQASAELAKAIAQLRVIELTKKAM
;
_struct_ref.pdbx_db_isoform            ? 
# 
_struct_ref_seq.align_id                      1 
_struct_ref_seq.ref_id                        1 
_struct_ref_seq.pdbx_PDB_id_code              1AQT 
_struct_ref_seq.pdbx_strand_id                A 
_struct_ref_seq.seq_align_beg                 3 
_struct_ref_seq.pdbx_seq_align_beg_ins_code   ? 
_struct_ref_seq.seq_align_end                 138 
_struct_ref_seq.pdbx_seq_align_end_ins_code   ? 
_struct_ref_seq.pdbx_db_accession             P0A6E6 
_struct_ref_seq.db_align_beg                  3 
_struct_ref_seq.pdbx_db_align_beg_ins_code    ? 
_struct_ref_seq.db_align_end                  138 
_struct_ref_seq.pdbx_db_align_end_ins_code    ? 
_struct_ref_seq.pdbx_auth_seq_align_beg       3 
_struct_ref_seq.pdbx_auth_seq_align_end       138 
# 
_pdbx_struct_assembly.id                   1 
_pdbx_struct_assembly.details              author_defined_assembly 
_pdbx_struct_assembly.method_details       ? 
_pdbx_struct_assembly.oligomeric_details   dimeric 
_pdbx_struct_assembly.oligomeric_count     2 
# 
_pdbx_struct_assembly_gen.assembly_id       1 
_pdbx_struct_assembly_gen.oper_expression   1,2 
_pdbx_struct_assembly_gen.asym_id_list      A,B 
# 
loop_
_pdbx_struct_oper_list.id 
_pdbx_struct_oper_list.type 
_pdbx_struct_oper_list.name 
_pdbx_struct_oper_list.symmetry_operation 
_pdbx_struct_oper_list.matrix[1][1] 
_pdbx_struct_oper_list.matrix[1][2] 
_pdbx_struct_oper_list.matrix[1][3] 
_pdbx_struct_oper_list.vector[1] 
_pdbx_struct_oper_list.matrix[2][1] 
_pdbx_struct_oper_list.matrix[2][2] 
_pdbx_struct_oper_list.matrix[2][3] 
_pdbx_struct_oper_list.vector[2] 
_pdbx_struct_oper_list.matrix[3][1] 
_pdbx_struct_oper_list.matrix[3][2] 
_pdbx_struct_oper_list.matrix[3][3] 
_pdbx_struct_oper_list.vector[3] 
1 'identity operation'         1_555  x,y,z         1.0000000000  0.0000000000  0.0000000000  0.0000000000   0.0000000000  1.0000000000  0.0000000000 0.0000000000 0.0000000000  0.0000000000 1.0000000000  0.0000000000   
2 'crystal symmetry operation' 11_556 -x+y,y,-z+3/2 -0.4934958779 -0.5223410618 -0.6954291004 -18.5696306202 -0.5223410618 -0.4613268226 0.7171731854 4.4136576947 -0.6954291004 0.7171731854 -0.0451772995 -16.8400043878 
# 
_struct_biol.id   1 
# 
loop_
_struct_conf.conf_type_id 
_struct_conf.id 
_struct_conf.pdbx_PDB_helix_id 
_struct_conf.beg_label_comp_id 
_struct_conf.beg_label_asym_id 
_struct_conf.beg_label_seq_id 
_struct_conf.pdbx_beg_PDB_ins_code 
_struct_conf.end_label_comp_id 
_struct_conf.end_label_asym_id 
_struct_conf.end_label_seq_id 
_struct_conf.pdbx_end_PDB_ins_code 
_struct_conf.beg_auth_comp_id 
_struct_conf.beg_auth_asym_id 
_struct_conf.beg_auth_seq_id 
_struct_conf.end_auth_comp_id 
_struct_conf.end_auth_asym_id 
_struct_conf.end_auth_seq_id 
_struct_conf.pdbx_PDB_helix_class 
_struct_conf.details 
_struct_conf.pdbx_PDB_helix_length 
HELX_P HELX_P1 1 GLN A 87  ? LEU A 89  ? GLN A 87  LEU A 89  5 ? 3  
HELX_P HELX_P2 2 ASP A 90  ? SER A 106 ? ASP A 90  SER A 106 1 ? 17 
HELX_P HELX_P3 3 ASP A 113 ? LYS A 135 ? ASP A 113 LYS A 135 1 ? 23 
# 
_struct_conf_type.id          HELX_P 
_struct_conf_type.criteria    ? 
_struct_conf_type.reference   ? 
# 
loop_
_struct_sheet.id 
_struct_sheet.type 
_struct_sheet.number_strands 
_struct_sheet.details 
A ? 5 ? 
B ? 5 ? 
# 
loop_
_struct_sheet_order.sheet_id 
_struct_sheet_order.range_id_1 
_struct_sheet_order.range_id_2 
_struct_sheet_order.offset 
_struct_sheet_order.sense 
A 1 2 ? anti-parallel 
A 2 3 ? parallel      
A 3 4 ? anti-parallel 
A 4 5 ? anti-parallel 
B 1 2 ? anti-parallel 
B 2 3 ? anti-parallel 
B 3 4 ? anti-parallel 
B 4 5 ? anti-parallel 
# 
loop_
_struct_sheet_range.sheet_id 
_struct_sheet_range.id 
_struct_sheet_range.beg_label_comp_id 
_struct_sheet_range.beg_label_asym_id 
_struct_sheet_range.beg_label_seq_id 
_struct_sheet_range.pdbx_beg_PDB_ins_code 
_struct_sheet_range.end_label_comp_id 
_struct_sheet_range.end_label_asym_id 
_struct_sheet_range.end_label_seq_id 
_struct_sheet_range.pdbx_end_PDB_ins_code 
_struct_sheet_range.beg_auth_comp_id 
_struct_sheet_range.beg_auth_asym_id 
_struct_sheet_range.beg_auth_seq_id 
_struct_sheet_range.end_auth_comp_id 
_struct_sheet_range.end_auth_asym_id 
_struct_sheet_range.end_auth_seq_id 
A 1 GLN A 13 ? VAL A 20 ? GLN A 13 VAL A 20 
A 2 TYR A 4  ? SER A 10 ? TYR A 4  SER A 10 
A 3 GLY A 74 ? ASP A 81 ? GLY A 74 ASP A 81 
A 4 GLY A 66 ? GLN A 72 ? GLY A 66 GLN A 72 
A 5 LEU A 41 ? ILE A 45 ? LEU A 41 ILE A 45 
B 1 THR A 82 ? GLY A 86 ? THR A 82 GLY A 86 
B 2 HIS A 58 ? SER A 65 ? HIS A 58 SER A 65 
B 3 LYS A 46 ? LYS A 54 ? LYS A 46 LYS A 54 
B 4 GLU A 21 ? SER A 28 ? GLU A 21 SER A 28 
B 5 GLY A 30 ? TYR A 35 ? GLY A 30 TYR A 35 
# 
loop_
_pdbx_struct_sheet_hbond.sheet_id 
_pdbx_struct_sheet_hbond.range_id_1 
_pdbx_struct_sheet_hbond.range_id_2 
_pdbx_struct_sheet_hbond.range_1_label_atom_id 
_pdbx_struct_sheet_hbond.range_1_label_comp_id 
_pdbx_struct_sheet_hbond.range_1_label_asym_id 
_pdbx_struct_sheet_hbond.range_1_label_seq_id 
_pdbx_struct_sheet_hbond.range_1_PDB_ins_code 
_pdbx_struct_sheet_hbond.range_1_auth_atom_id 
_pdbx_struct_sheet_hbond.range_1_auth_comp_id 
_pdbx_struct_sheet_hbond.range_1_auth_asym_id 
_pdbx_struct_sheet_hbond.range_1_auth_seq_id 
_pdbx_struct_sheet_hbond.range_2_label_atom_id 
_pdbx_struct_sheet_hbond.range_2_label_comp_id 
_pdbx_struct_sheet_hbond.range_2_label_asym_id 
_pdbx_struct_sheet_hbond.range_2_label_seq_id 
_pdbx_struct_sheet_hbond.range_2_PDB_ins_code 
_pdbx_struct_sheet_hbond.range_2_auth_atom_id 
_pdbx_struct_sheet_hbond.range_2_auth_comp_id 
_pdbx_struct_sheet_hbond.range_2_auth_asym_id 
_pdbx_struct_sheet_hbond.range_2_auth_seq_id 
A 1 2 O VAL A 20 ? O VAL A 20 N TYR A 4  ? N TYR A 4  
A 2 3 O HIS A 5  ? O HIS A 5  N VAL A 76 ? N VAL A 76 
A 3 4 O ASN A 75 ? O ASN A 75 N GLN A 72 ? N GLN A 72 
A 4 5 O VAL A 71 ? O VAL A 71 N LEU A 41 ? N LEU A 41 
B 1 2 O THR A 82 ? O THR A 82 N SER A 65 ? N SER A 65 
B 2 3 O LEU A 64 ? O LEU A 64 N GLY A 48 ? N GLY A 48 
B 3 4 N LYS A 46 ? N LYS A 46 O THR A 26 ? O THR A 26 
B 4 5 N GLY A 27 ? N GLY A 27 O GLY A 30 ? O GLY A 30 
# 
loop_
_pdbx_validate_torsion.id 
_pdbx_validate_torsion.PDB_model_num 
_pdbx_validate_torsion.auth_comp_id 
_pdbx_validate_torsion.auth_asym_id 
_pdbx_validate_torsion.auth_seq_id 
_pdbx_validate_torsion.PDB_ins_code 
_pdbx_validate_torsion.label_alt_id 
_pdbx_validate_torsion.phi 
_pdbx_validate_torsion.psi 
1 1 SER A 17  ? ? -165.98 102.37 
2 1 THR A 26  ? ? -104.96 77.34  
3 1 HIS A 56  ? ? 80.83   11.98  
4 1 SER A 106 ? ? -84.11  39.04  
5 1 SER A 107 ? ? -141.25 -11.98 
6 1 SER A 108 ? ? -50.09  107.80 
# 
loop_
_pdbx_unobs_or_zero_occ_residues.id 
_pdbx_unobs_or_zero_occ_residues.PDB_model_num 
_pdbx_unobs_or_zero_occ_residues.polymer_flag 
_pdbx_unobs_or_zero_occ_residues.occupancy_flag 
_pdbx_unobs_or_zero_occ_residues.auth_asym_id 
_pdbx_unobs_or_zero_occ_residues.auth_comp_id 
_pdbx_unobs_or_zero_occ_residues.auth_seq_id 
_pdbx_unobs_or_zero_occ_residues.PDB_ins_code 
_pdbx_unobs_or_zero_occ_residues.label_asym_id 
_pdbx_unobs_or_zero_occ_residues.label_comp_id 
_pdbx_unobs_or_zero_occ_residues.label_seq_id 
1 1 Y 1 A GLY 1   ? A GLY 1   
2 1 Y 1 A ALA 137 ? A ALA 137 
3 1 Y 1 A MET 138 ? A MET 138 
# 
loop_
_chem_comp_atom.comp_id 
_chem_comp_atom.atom_id 
_chem_comp_atom.type_symbol 
_chem_comp_atom.pdbx_aromatic_flag 
_chem_comp_atom.pdbx_stereo_config 
_chem_comp_atom.pdbx_ordinal 
ALA N    N N N 1   
ALA CA   C N S 2   
ALA C    C N N 3   
ALA O    O N N 4   
ALA CB   C N N 5   
ALA OXT  O N N 6   
ALA H    H N N 7   
ALA H2   H N N 8   
ALA HA   H N N 9   
ALA HB1  H N N 10  
ALA HB2  H N N 11  
ALA HB3  H N N 12  
ALA HXT  H N N 13  
ARG N    N N N 14  
ARG CA   C N S 15  
ARG C    C N N 16  
ARG O    O N N 17  
ARG CB   C N N 18  
ARG CG   C N N 19  
ARG CD   C N N 20  
ARG NE   N N N 21  
ARG CZ   C N N 22  
ARG NH1  N N N 23  
ARG NH2  N N N 24  
ARG OXT  O N N 25  
ARG H    H N N 26  
ARG H2   H N N 27  
ARG HA   H N N 28  
ARG HB2  H N N 29  
ARG HB3  H N N 30  
ARG HG2  H N N 31  
ARG HG3  H N N 32  
ARG HD2  H N N 33  
ARG HD3  H N N 34  
ARG HE   H N N 35  
ARG HH11 H N N 36  
ARG HH12 H N N 37  
ARG HH21 H N N 38  
ARG HH22 H N N 39  
ARG HXT  H N N 40  
ASN N    N N N 41  
ASN CA   C N S 42  
ASN C    C N N 43  
ASN O    O N N 44  
ASN CB   C N N 45  
ASN CG   C N N 46  
ASN OD1  O N N 47  
ASN ND2  N N N 48  
ASN OXT  O N N 49  
ASN H    H N N 50  
ASN H2   H N N 51  
ASN HA   H N N 52  
ASN HB2  H N N 53  
ASN HB3  H N N 54  
ASN HD21 H N N 55  
ASN HD22 H N N 56  
ASN HXT  H N N 57  
ASP N    N N N 58  
ASP CA   C N S 59  
ASP C    C N N 60  
ASP O    O N N 61  
ASP CB   C N N 62  
ASP CG   C N N 63  
ASP OD1  O N N 64  
ASP OD2  O N N 65  
ASP OXT  O N N 66  
ASP H    H N N 67  
ASP H2   H N N 68  
ASP HA   H N N 69  
ASP HB2  H N N 70  
ASP HB3  H N N 71  
ASP HD2  H N N 72  
ASP HXT  H N N 73  
GLN N    N N N 74  
GLN CA   C N S 75  
GLN C    C N N 76  
GLN O    O N N 77  
GLN CB   C N N 78  
GLN CG   C N N 79  
GLN CD   C N N 80  
GLN OE1  O N N 81  
GLN NE2  N N N 82  
GLN OXT  O N N 83  
GLN H    H N N 84  
GLN H2   H N N 85  
GLN HA   H N N 86  
GLN HB2  H N N 87  
GLN HB3  H N N 88  
GLN HG2  H N N 89  
GLN HG3  H N N 90  
GLN HE21 H N N 91  
GLN HE22 H N N 92  
GLN HXT  H N N 93  
GLU N    N N N 94  
GLU CA   C N S 95  
GLU C    C N N 96  
GLU O    O N N 97  
GLU CB   C N N 98  
GLU CG   C N N 99  
GLU CD   C N N 100 
GLU OE1  O N N 101 
GLU OE2  O N N 102 
GLU OXT  O N N 103 
GLU H    H N N 104 
GLU H2   H N N 105 
GLU HA   H N N 106 
GLU HB2  H N N 107 
GLU HB3  H N N 108 
GLU HG2  H N N 109 
GLU HG3  H N N 110 
GLU HE2  H N N 111 
GLU HXT  H N N 112 
GLY N    N N N 113 
GLY CA   C N N 114 
GLY C    C N N 115 
GLY O    O N N 116 
GLY OXT  O N N 117 
GLY H    H N N 118 
GLY H2   H N N 119 
GLY HA2  H N N 120 
GLY HA3  H N N 121 
GLY HXT  H N N 122 
HIS N    N N N 123 
HIS CA   C N S 124 
HIS C    C N N 125 
HIS O    O N N 126 
HIS CB   C N N 127 
HIS CG   C Y N 128 
HIS ND1  N Y N 129 
HIS CD2  C Y N 130 
HIS CE1  C Y N 131 
HIS NE2  N Y N 132 
HIS OXT  O N N 133 
HIS H    H N N 134 
HIS H2   H N N 135 
HIS HA   H N N 136 
HIS HB2  H N N 137 
HIS HB3  H N N 138 
HIS HD1  H N N 139 
HIS HD2  H N N 140 
HIS HE1  H N N 141 
HIS HE2  H N N 142 
HIS HXT  H N N 143 
HOH O    O N N 144 
HOH H1   H N N 145 
HOH H2   H N N 146 
ILE N    N N N 147 
ILE CA   C N S 148 
ILE C    C N N 149 
ILE O    O N N 150 
ILE CB   C N S 151 
ILE CG1  C N N 152 
ILE CG2  C N N 153 
ILE CD1  C N N 154 
ILE OXT  O N N 155 
ILE H    H N N 156 
ILE H2   H N N 157 
ILE HA   H N N 158 
ILE HB   H N N 159 
ILE HG12 H N N 160 
ILE HG13 H N N 161 
ILE HG21 H N N 162 
ILE HG22 H N N 163 
ILE HG23 H N N 164 
ILE HD11 H N N 165 
ILE HD12 H N N 166 
ILE HD13 H N N 167 
ILE HXT  H N N 168 
LEU N    N N N 169 
LEU CA   C N S 170 
LEU C    C N N 171 
LEU O    O N N 172 
LEU CB   C N N 173 
LEU CG   C N N 174 
LEU CD1  C N N 175 
LEU CD2  C N N 176 
LEU OXT  O N N 177 
LEU H    H N N 178 
LEU H2   H N N 179 
LEU HA   H N N 180 
LEU HB2  H N N 181 
LEU HB3  H N N 182 
LEU HG   H N N 183 
LEU HD11 H N N 184 
LEU HD12 H N N 185 
LEU HD13 H N N 186 
LEU HD21 H N N 187 
LEU HD22 H N N 188 
LEU HD23 H N N 189 
LEU HXT  H N N 190 
LYS N    N N N 191 
LYS CA   C N S 192 
LYS C    C N N 193 
LYS O    O N N 194 
LYS CB   C N N 195 
LYS CG   C N N 196 
LYS CD   C N N 197 
LYS CE   C N N 198 
LYS NZ   N N N 199 
LYS OXT  O N N 200 
LYS H    H N N 201 
LYS H2   H N N 202 
LYS HA   H N N 203 
LYS HB2  H N N 204 
LYS HB3  H N N 205 
LYS HG2  H N N 206 
LYS HG3  H N N 207 
LYS HD2  H N N 208 
LYS HD3  H N N 209 
LYS HE2  H N N 210 
LYS HE3  H N N 211 
LYS HZ1  H N N 212 
LYS HZ2  H N N 213 
LYS HZ3  H N N 214 
LYS HXT  H N N 215 
MET N    N N N 216 
MET CA   C N S 217 
MET C    C N N 218 
MET O    O N N 219 
MET CB   C N N 220 
MET CG   C N N 221 
MET SD   S N N 222 
MET CE   C N N 223 
MET OXT  O N N 224 
MET H    H N N 225 
MET H2   H N N 226 
MET HA   H N N 227 
MET HB2  H N N 228 
MET HB3  H N N 229 
MET HG2  H N N 230 
MET HG3  H N N 231 
MET HE1  H N N 232 
MET HE2  H N N 233 
MET HE3  H N N 234 
MET HXT  H N N 235 
PHE N    N N N 236 
PHE CA   C N S 237 
PHE C    C N N 238 
PHE O    O N N 239 
PHE CB   C N N 240 
PHE CG   C Y N 241 
PHE CD1  C Y N 242 
PHE CD2  C Y N 243 
PHE CE1  C Y N 244 
PHE CE2  C Y N 245 
PHE CZ   C Y N 246 
PHE OXT  O N N 247 
PHE H    H N N 248 
PHE H2   H N N 249 
PHE HA   H N N 250 
PHE HB2  H N N 251 
PHE HB3  H N N 252 
PHE HD1  H N N 253 
PHE HD2  H N N 254 
PHE HE1  H N N 255 
PHE HE2  H N N 256 
PHE HZ   H N N 257 
PHE HXT  H N N 258 
PRO N    N N N 259 
PRO CA   C N S 260 
PRO C    C N N 261 
PRO O    O N N 262 
PRO CB   C N N 263 
PRO CG   C N N 264 
PRO CD   C N N 265 
PRO OXT  O N N 266 
PRO H    H N N 267 
PRO HA   H N N 268 
PRO HB2  H N N 269 
PRO HB3  H N N 270 
PRO HG2  H N N 271 
PRO HG3  H N N 272 
PRO HD2  H N N 273 
PRO HD3  H N N 274 
PRO HXT  H N N 275 
SER N    N N N 276 
SER CA   C N S 277 
SER C    C N N 278 
SER O    O N N 279 
SER CB   C N N 280 
SER OG   O N N 281 
SER OXT  O N N 282 
SER H    H N N 283 
SER H2   H N N 284 
SER HA   H N N 285 
SER HB2  H N N 286 
SER HB3  H N N 287 
SER HG   H N N 288 
SER HXT  H N N 289 
THR N    N N N 290 
THR CA   C N S 291 
THR C    C N N 292 
THR O    O N N 293 
THR CB   C N R 294 
THR OG1  O N N 295 
THR CG2  C N N 296 
THR OXT  O N N 297 
THR H    H N N 298 
THR H2   H N N 299 
THR HA   H N N 300 
THR HB   H N N 301 
THR HG1  H N N 302 
THR HG21 H N N 303 
THR HG22 H N N 304 
THR HG23 H N N 305 
THR HXT  H N N 306 
TYR N    N N N 307 
TYR CA   C N S 308 
TYR C    C N N 309 
TYR O    O N N 310 
TYR CB   C N N 311 
TYR CG   C Y N 312 
TYR CD1  C Y N 313 
TYR CD2  C Y N 314 
TYR CE1  C Y N 315 
TYR CE2  C Y N 316 
TYR CZ   C Y N 317 
TYR OH   O N N 318 
TYR OXT  O N N 319 
TYR H    H N N 320 
TYR H2   H N N 321 
TYR HA   H N N 322 
TYR HB2  H N N 323 
TYR HB3  H N N 324 
TYR HD1  H N N 325 
TYR HD2  H N N 326 
TYR HE1  H N N 327 
TYR HE2  H N N 328 
TYR HH   H N N 329 
TYR HXT  H N N 330 
VAL N    N N N 331 
VAL CA   C N S 332 
VAL C    C N N 333 
VAL O    O N N 334 
VAL CB   C N N 335 
VAL CG1  C N N 336 
VAL CG2  C N N 337 
VAL OXT  O N N 338 
VAL H    H N N 339 
VAL H2   H N N 340 
VAL HA   H N N 341 
VAL HB   H N N 342 
VAL HG11 H N N 343 
VAL HG12 H N N 344 
VAL HG13 H N N 345 
VAL HG21 H N N 346 
VAL HG22 H N N 347 
VAL HG23 H N N 348 
VAL HXT  H N N 349 
# 
loop_
_chem_comp_bond.comp_id 
_chem_comp_bond.atom_id_1 
_chem_comp_bond.atom_id_2 
_chem_comp_bond.value_order 
_chem_comp_bond.pdbx_aromatic_flag 
_chem_comp_bond.pdbx_stereo_config 
_chem_comp_bond.pdbx_ordinal 
ALA N   CA   sing N N 1   
ALA N   H    sing N N 2   
ALA N   H2   sing N N 3   
ALA CA  C    sing N N 4   
ALA CA  CB   sing N N 5   
ALA CA  HA   sing N N 6   
ALA C   O    doub N N 7   
ALA C   OXT  sing N N 8   
ALA CB  HB1  sing N N 9   
ALA CB  HB2  sing N N 10  
ALA CB  HB3  sing N N 11  
ALA OXT HXT  sing N N 12  
ARG N   CA   sing N N 13  
ARG N   H    sing N N 14  
ARG N   H2   sing N N 15  
ARG CA  C    sing N N 16  
ARG CA  CB   sing N N 17  
ARG CA  HA   sing N N 18  
ARG C   O    doub N N 19  
ARG C   OXT  sing N N 20  
ARG CB  CG   sing N N 21  
ARG CB  HB2  sing N N 22  
ARG CB  HB3  sing N N 23  
ARG CG  CD   sing N N 24  
ARG CG  HG2  sing N N 25  
ARG CG  HG3  sing N N 26  
ARG CD  NE   sing N N 27  
ARG CD  HD2  sing N N 28  
ARG CD  HD3  sing N N 29  
ARG NE  CZ   sing N N 30  
ARG NE  HE   sing N N 31  
ARG CZ  NH1  sing N N 32  
ARG CZ  NH2  doub N N 33  
ARG NH1 HH11 sing N N 34  
ARG NH1 HH12 sing N N 35  
ARG NH2 HH21 sing N N 36  
ARG NH2 HH22 sing N N 37  
ARG OXT HXT  sing N N 38  
ASN N   CA   sing N N 39  
ASN N   H    sing N N 40  
ASN N   H2   sing N N 41  
ASN CA  C    sing N N 42  
ASN CA  CB   sing N N 43  
ASN CA  HA   sing N N 44  
ASN C   O    doub N N 45  
ASN C   OXT  sing N N 46  
ASN CB  CG   sing N N 47  
ASN CB  HB2  sing N N 48  
ASN CB  HB3  sing N N 49  
ASN CG  OD1  doub N N 50  
ASN CG  ND2  sing N N 51  
ASN ND2 HD21 sing N N 52  
ASN ND2 HD22 sing N N 53  
ASN OXT HXT  sing N N 54  
ASP N   CA   sing N N 55  
ASP N   H    sing N N 56  
ASP N   H2   sing N N 57  
ASP CA  C    sing N N 58  
ASP CA  CB   sing N N 59  
ASP CA  HA   sing N N 60  
ASP C   O    doub N N 61  
ASP C   OXT  sing N N 62  
ASP CB  CG   sing N N 63  
ASP CB  HB2  sing N N 64  
ASP CB  HB3  sing N N 65  
ASP CG  OD1  doub N N 66  
ASP CG  OD2  sing N N 67  
ASP OD2 HD2  sing N N 68  
ASP OXT HXT  sing N N 69  
GLN N   CA   sing N N 70  
GLN N   H    sing N N 71  
GLN N   H2   sing N N 72  
GLN CA  C    sing N N 73  
GLN CA  CB   sing N N 74  
GLN CA  HA   sing N N 75  
GLN C   O    doub N N 76  
GLN C   OXT  sing N N 77  
GLN CB  CG   sing N N 78  
GLN CB  HB2  sing N N 79  
GLN CB  HB3  sing N N 80  
GLN CG  CD   sing N N 81  
GLN CG  HG2  sing N N 82  
GLN CG  HG3  sing N N 83  
GLN CD  OE1  doub N N 84  
GLN CD  NE2  sing N N 85  
GLN NE2 HE21 sing N N 86  
GLN NE2 HE22 sing N N 87  
GLN OXT HXT  sing N N 88  
GLU N   CA   sing N N 89  
GLU N   H    sing N N 90  
GLU N   H2   sing N N 91  
GLU CA  C    sing N N 92  
GLU CA  CB   sing N N 93  
GLU CA  HA   sing N N 94  
GLU C   O    doub N N 95  
GLU C   OXT  sing N N 96  
GLU CB  CG   sing N N 97  
GLU CB  HB2  sing N N 98  
GLU CB  HB3  sing N N 99  
GLU CG  CD   sing N N 100 
GLU CG  HG2  sing N N 101 
GLU CG  HG3  sing N N 102 
GLU CD  OE1  doub N N 103 
GLU CD  OE2  sing N N 104 
GLU OE2 HE2  sing N N 105 
GLU OXT HXT  sing N N 106 
GLY N   CA   sing N N 107 
GLY N   H    sing N N 108 
GLY N   H2   sing N N 109 
GLY CA  C    sing N N 110 
GLY CA  HA2  sing N N 111 
GLY CA  HA3  sing N N 112 
GLY C   O    doub N N 113 
GLY C   OXT  sing N N 114 
GLY OXT HXT  sing N N 115 
HIS N   CA   sing N N 116 
HIS N   H    sing N N 117 
HIS N   H2   sing N N 118 
HIS CA  C    sing N N 119 
HIS CA  CB   sing N N 120 
HIS CA  HA   sing N N 121 
HIS C   O    doub N N 122 
HIS C   OXT  sing N N 123 
HIS CB  CG   sing N N 124 
HIS CB  HB2  sing N N 125 
HIS CB  HB3  sing N N 126 
HIS CG  ND1  sing Y N 127 
HIS CG  CD2  doub Y N 128 
HIS ND1 CE1  doub Y N 129 
HIS ND1 HD1  sing N N 130 
HIS CD2 NE2  sing Y N 131 
HIS CD2 HD2  sing N N 132 
HIS CE1 NE2  sing Y N 133 
HIS CE1 HE1  sing N N 134 
HIS NE2 HE2  sing N N 135 
HIS OXT HXT  sing N N 136 
HOH O   H1   sing N N 137 
HOH O   H2   sing N N 138 
ILE N   CA   sing N N 139 
ILE N   H    sing N N 140 
ILE N   H2   sing N N 141 
ILE CA  C    sing N N 142 
ILE CA  CB   sing N N 143 
ILE CA  HA   sing N N 144 
ILE C   O    doub N N 145 
ILE C   OXT  sing N N 146 
ILE CB  CG1  sing N N 147 
ILE CB  CG2  sing N N 148 
ILE CB  HB   sing N N 149 
ILE CG1 CD1  sing N N 150 
ILE CG1 HG12 sing N N 151 
ILE CG1 HG13 sing N N 152 
ILE CG2 HG21 sing N N 153 
ILE CG2 HG22 sing N N 154 
ILE CG2 HG23 sing N N 155 
ILE CD1 HD11 sing N N 156 
ILE CD1 HD12 sing N N 157 
ILE CD1 HD13 sing N N 158 
ILE OXT HXT  sing N N 159 
LEU N   CA   sing N N 160 
LEU N   H    sing N N 161 
LEU N   H2   sing N N 162 
LEU CA  C    sing N N 163 
LEU CA  CB   sing N N 164 
LEU CA  HA   sing N N 165 
LEU C   O    doub N N 166 
LEU C   OXT  sing N N 167 
LEU CB  CG   sing N N 168 
LEU CB  HB2  sing N N 169 
LEU CB  HB3  sing N N 170 
LEU CG  CD1  sing N N 171 
LEU CG  CD2  sing N N 172 
LEU CG  HG   sing N N 173 
LEU CD1 HD11 sing N N 174 
LEU CD1 HD12 sing N N 175 
LEU CD1 HD13 sing N N 176 
LEU CD2 HD21 sing N N 177 
LEU CD2 HD22 sing N N 178 
LEU CD2 HD23 sing N N 179 
LEU OXT HXT  sing N N 180 
LYS N   CA   sing N N 181 
LYS N   H    sing N N 182 
LYS N   H2   sing N N 183 
LYS CA  C    sing N N 184 
LYS CA  CB   sing N N 185 
LYS CA  HA   sing N N 186 
LYS C   O    doub N N 187 
LYS C   OXT  sing N N 188 
LYS CB  CG   sing N N 189 
LYS CB  HB2  sing N N 190 
LYS CB  HB3  sing N N 191 
LYS CG  CD   sing N N 192 
LYS CG  HG2  sing N N 193 
LYS CG  HG3  sing N N 194 
LYS CD  CE   sing N N 195 
LYS CD  HD2  sing N N 196 
LYS CD  HD3  sing N N 197 
LYS CE  NZ   sing N N 198 
LYS CE  HE2  sing N N 199 
LYS CE  HE3  sing N N 200 
LYS NZ  HZ1  sing N N 201 
LYS NZ  HZ2  sing N N 202 
LYS NZ  HZ3  sing N N 203 
LYS OXT HXT  sing N N 204 
MET N   CA   sing N N 205 
MET N   H    sing N N 206 
MET N   H2   sing N N 207 
MET CA  C    sing N N 208 
MET CA  CB   sing N N 209 
MET CA  HA   sing N N 210 
MET C   O    doub N N 211 
MET C   OXT  sing N N 212 
MET CB  CG   sing N N 213 
MET CB  HB2  sing N N 214 
MET CB  HB3  sing N N 215 
MET CG  SD   sing N N 216 
MET CG  HG2  sing N N 217 
MET CG  HG3  sing N N 218 
MET SD  CE   sing N N 219 
MET CE  HE1  sing N N 220 
MET CE  HE2  sing N N 221 
MET CE  HE3  sing N N 222 
MET OXT HXT  sing N N 223 
PHE N   CA   sing N N 224 
PHE N   H    sing N N 225 
PHE N   H2   sing N N 226 
PHE CA  C    sing N N 227 
PHE CA  CB   sing N N 228 
PHE CA  HA   sing N N 229 
PHE C   O    doub N N 230 
PHE C   OXT  sing N N 231 
PHE CB  CG   sing N N 232 
PHE CB  HB2  sing N N 233 
PHE CB  HB3  sing N N 234 
PHE CG  CD1  doub Y N 235 
PHE CG  CD2  sing Y N 236 
PHE CD1 CE1  sing Y N 237 
PHE CD1 HD1  sing N N 238 
PHE CD2 CE2  doub Y N 239 
PHE CD2 HD2  sing N N 240 
PHE CE1 CZ   doub Y N 241 
PHE CE1 HE1  sing N N 242 
PHE CE2 CZ   sing Y N 243 
PHE CE2 HE2  sing N N 244 
PHE CZ  HZ   sing N N 245 
PHE OXT HXT  sing N N 246 
PRO N   CA   sing N N 247 
PRO N   CD   sing N N 248 
PRO N   H    sing N N 249 
PRO CA  C    sing N N 250 
PRO CA  CB   sing N N 251 
PRO CA  HA   sing N N 252 
PRO C   O    doub N N 253 
PRO C   OXT  sing N N 254 
PRO CB  CG   sing N N 255 
PRO CB  HB2  sing N N 256 
PRO CB  HB3  sing N N 257 
PRO CG  CD   sing N N 258 
PRO CG  HG2  sing N N 259 
PRO CG  HG3  sing N N 260 
PRO CD  HD2  sing N N 261 
PRO CD  HD3  sing N N 262 
PRO OXT HXT  sing N N 263 
SER N   CA   sing N N 264 
SER N   H    sing N N 265 
SER N   H2   sing N N 266 
SER CA  C    sing N N 267 
SER CA  CB   sing N N 268 
SER CA  HA   sing N N 269 
SER C   O    doub N N 270 
SER C   OXT  sing N N 271 
SER CB  OG   sing N N 272 
SER CB  HB2  sing N N 273 
SER CB  HB3  sing N N 274 
SER OG  HG   sing N N 275 
SER OXT HXT  sing N N 276 
THR N   CA   sing N N 277 
THR N   H    sing N N 278 
THR N   H2   sing N N 279 
THR CA  C    sing N N 280 
THR CA  CB   sing N N 281 
THR CA  HA   sing N N 282 
THR C   O    doub N N 283 
THR C   OXT  sing N N 284 
THR CB  OG1  sing N N 285 
THR CB  CG2  sing N N 286 
THR CB  HB   sing N N 287 
THR OG1 HG1  sing N N 288 
THR CG2 HG21 sing N N 289 
THR CG2 HG22 sing N N 290 
THR CG2 HG23 sing N N 291 
THR OXT HXT  sing N N 292 
TYR N   CA   sing N N 293 
TYR N   H    sing N N 294 
TYR N   H2   sing N N 295 
TYR CA  C    sing N N 296 
TYR CA  CB   sing N N 297 
TYR CA  HA   sing N N 298 
TYR C   O    doub N N 299 
TYR C   OXT  sing N N 300 
TYR CB  CG   sing N N 301 
TYR CB  HB2  sing N N 302 
TYR CB  HB3  sing N N 303 
TYR CG  CD1  doub Y N 304 
TYR CG  CD2  sing Y N 305 
TYR CD1 CE1  sing Y N 306 
TYR CD1 HD1  sing N N 307 
TYR CD2 CE2  doub Y N 308 
TYR CD2 HD2  sing N N 309 
TYR CE1 CZ   doub Y N 310 
TYR CE1 HE1  sing N N 311 
TYR CE2 CZ   sing Y N 312 
TYR CE2 HE2  sing N N 313 
TYR CZ  OH   sing N N 314 
TYR OH  HH   sing N N 315 
TYR OXT HXT  sing N N 316 
VAL N   CA   sing N N 317 
VAL N   H    sing N N 318 
VAL N   H2   sing N N 319 
VAL CA  C    sing N N 320 
VAL CA  CB   sing N N 321 
VAL CA  HA   sing N N 322 
VAL C   O    doub N N 323 
VAL C   OXT  sing N N 324 
VAL CB  CG1  sing N N 325 
VAL CB  CG2  sing N N 326 
VAL CB  HB   sing N N 327 
VAL CG1 HG11 sing N N 328 
VAL CG1 HG12 sing N N 329 
VAL CG1 HG13 sing N N 330 
VAL CG2 HG21 sing N N 331 
VAL CG2 HG22 sing N N 332 
VAL CG2 HG23 sing N N 333 
VAL OXT HXT  sing N N 334 
# 
_atom_sites.entry_id                    1AQT 
_atom_sites.fract_transf_matrix[1][1]   -0.00595486 
_atom_sites.fract_transf_matrix[1][2]   -0.00586104 
_atom_sites.fract_transf_matrix[1][3]   0.00889647 
_atom_sites.fract_transf_matrix[2][1]   -0.00614206 
_atom_sites.fract_transf_matrix[2][2]   0.00633411 
_atom_sites.fract_transf_matrix[2][3]   0.00843304 
_atom_sites.fract_transf_matrix[3][1]   -0.01440549 
_atom_sites.fract_transf_matrix[3][2]   -0.00060263 
_atom_sites.fract_transf_matrix[3][3]   -0.01003935 
_atom_sites.fract_transf_vector[1]      0.262172 
_atom_sites.fract_transf_vector[2]      0.459276 
_atom_sites.fract_transf_vector[3]      0.533067 
# 
loop_
_atom_type.symbol 
C 
N 
O 
S 
# 
loop_
_atom_site.group_PDB 
_atom_site.id 
_atom_site.type_symbol 
_atom_site.label_atom_id 
_atom_site.label_alt_id 
_atom_site.label_comp_id 
_atom_site.label_asym_id 
_atom_site.label_entity_id 
_atom_site.label_seq_id 
_atom_site.pdbx_PDB_ins_code 
_atom_site.Cartn_x 
_atom_site.Cartn_y 
_atom_site.Cartn_z 
_atom_site.occupancy 
_atom_site.B_iso_or_equiv 
_atom_site.pdbx_formal_charge 
_atom_site.auth_seq_id 
_atom_site.auth_comp_id 
_atom_site.auth_asym_id 
_atom_site.auth_atom_id 
_atom_site.pdbx_PDB_model_num 
ATOM   1    N N   . SER A 1 2   ? 7.392   -22.402 4.121   1.00 51.17 ? 2   SER A N   1 
ATOM   2    C CA  . SER A 1 2   ? 8.080   -21.985 2.860   1.00 52.47 ? 2   SER A CA  1 
ATOM   3    C C   . SER A 1 2   ? 7.214   -21.090 1.957   1.00 48.76 ? 2   SER A C   1 
ATOM   4    O O   . SER A 1 2   ? 7.715   -20.260 1.196   1.00 44.99 ? 2   SER A O   1 
ATOM   5    C CB  . SER A 1 2   ? 8.537   -23.214 2.073   1.00 53.29 ? 2   SER A CB  1 
ATOM   6    O OG  . SER A 1 2   ? 7.485   -24.158 1.981   1.00 63.91 ? 2   SER A OG  1 
ATOM   7    N N   . THR A 1 3   ? 5.900   -21.212 2.104   1.00 46.66 ? 3   THR A N   1 
ATOM   8    C CA  . THR A 1 3   ? 4.959   -20.421 1.312   1.00 38.36 ? 3   THR A CA  1 
ATOM   9    C C   . THR A 1 3   ? 3.588   -20.361 2.005   1.00 35.53 ? 3   THR A C   1 
ATOM   10   O O   . THR A 1 3   ? 3.304   -21.196 2.876   1.00 31.16 ? 3   THR A O   1 
ATOM   11   C CB  . THR A 1 3   ? 4.863   -21.046 -0.107  1.00 40.28 ? 3   THR A CB  1 
ATOM   12   O OG1 . THR A 1 3   ? 5.583   -20.233 -1.044  1.00 38.24 ? 3   THR A OG1 1 
ATOM   13   C CG2 . THR A 1 3   ? 3.434   -21.257 -0.545  1.00 35.23 ? 3   THR A CG2 1 
ATOM   14   N N   . TYR A 1 4   ? 2.796   -19.316 1.723   1.00 35.21 ? 4   TYR A N   1 
ATOM   15   C CA  . TYR A 1 4   ? 1.428   -19.174 2.268   1.00 34.71 ? 4   TYR A CA  1 
ATOM   16   C C   . TYR A 1 4   ? 0.561   -18.518 1.205   1.00 34.21 ? 4   TYR A C   1 
ATOM   17   O O   . TYR A 1 4   ? 1.090   -17.919 0.259   1.00 28.11 ? 4   TYR A O   1 
ATOM   18   C CB  . TYR A 1 4   ? 1.358   -18.361 3.579   1.00 36.30 ? 4   TYR A CB  1 
ATOM   19   C CG  . TYR A 1 4   ? 1.808   -16.913 3.477   1.00 36.09 ? 4   TYR A CG  1 
ATOM   20   C CD1 . TYR A 1 4   ? 3.140   -16.574 3.668   1.00 36.85 ? 4   TYR A CD1 1 
ATOM   21   C CD2 . TYR A 1 4   ? 0.910   -15.893 3.179   1.00 33.36 ? 4   TYR A CD2 1 
ATOM   22   C CE1 . TYR A 1 4   ? 3.573   -15.272 3.557   1.00 41.22 ? 4   TYR A CE1 1 
ATOM   23   C CE2 . TYR A 1 4   ? 1.336   -14.576 3.068   1.00 36.38 ? 4   TYR A CE2 1 
ATOM   24   C CZ  . TYR A 1 4   ? 2.670   -14.274 3.259   1.00 39.19 ? 4   TYR A CZ  1 
ATOM   25   O OH  . TYR A 1 4   ? 3.133   -12.988 3.139   1.00 39.26 ? 4   TYR A OH  1 
ATOM   26   N N   . HIS A 1 5   ? -0.760  -18.636 1.365   1.00 33.92 ? 5   HIS A N   1 
ATOM   27   C CA  . HIS A 1 5   ? -1.698  -18.062 0.397   1.00 32.61 ? 5   HIS A CA  1 
ATOM   28   C C   . HIS A 1 5   ? -2.032  -16.599 0.655   1.00 34.04 ? 5   HIS A C   1 
ATOM   29   O O   . HIS A 1 5   ? -2.368  -16.218 1.780   1.00 34.23 ? 5   HIS A O   1 
ATOM   30   C CB  . HIS A 1 5   ? -2.992  -18.879 0.348   1.00 33.13 ? 5   HIS A CB  1 
ATOM   31   C CG  . HIS A 1 5   ? -3.809  -18.608 -0.879  1.00 35.07 ? 5   HIS A CG  1 
ATOM   32   N ND1 . HIS A 1 5   ? -4.901  -17.767 -0.868  1.00 29.27 ? 5   HIS A ND1 1 
ATOM   33   C CD2 . HIS A 1 5   ? -3.657  -19.027 -2.158  1.00 30.19 ? 5   HIS A CD2 1 
ATOM   34   C CE1 . HIS A 1 5   ? -5.384  -17.673 -2.107  1.00 36.02 ? 5   HIS A CE1 1 
ATOM   35   N NE2 . HIS A 1 5   ? -4.643  -18.427 -2.898  1.00 31.04 ? 5   HIS A NE2 1 
ATOM   36   N N   . LEU A 1 6   ? -2.015  -15.808 -0.412  1.00 32.42 ? 6   LEU A N   1 
ATOM   37   C CA  . LEU A 1 6   ? -2.299  -14.376 -0.342  1.00 30.81 ? 6   LEU A CA  1 
ATOM   38   C C   . LEU A 1 6   ? -3.410  -13.974 -1.299  1.00 32.78 ? 6   LEU A C   1 
ATOM   39   O O   . LEU A 1 6   ? -3.391  -14.317 -2.485  1.00 31.34 ? 6   LEU A O   1 
ATOM   40   C CB  . LEU A 1 6   ? -1.039  -13.570 -0.680  1.00 26.63 ? 6   LEU A CB  1 
ATOM   41   C CG  . LEU A 1 6   ? -1.170  -12.050 -0.760  1.00 25.32 ? 6   LEU A CG  1 
ATOM   42   C CD1 . LEU A 1 6   ? -1.361  -11.479 0.620   1.00 25.02 ? 6   LEU A CD1 1 
ATOM   43   C CD2 . LEU A 1 6   ? 0.073   -11.454 -1.389  1.00 28.95 ? 6   LEU A CD2 1 
ATOM   44   N N   . ASP A 1 7   ? -4.354  -13.205 -0.767  1.00 35.18 ? 7   ASP A N   1 
ATOM   45   C CA  . ASP A 1 7   ? -5.477  -12.682 -1.517  1.00 31.57 ? 7   ASP A CA  1 
ATOM   46   C C   . ASP A 1 7   ? -5.477  -11.163 -1.417  1.00 31.27 ? 7   ASP A C   1 
ATOM   47   O O   . ASP A 1 7   ? -5.600  -10.626 -0.315  1.00 30.47 ? 7   ASP A O   1 
ATOM   48   C CB  . ASP A 1 7   ? -6.786  -13.200 -0.934  1.00 33.59 ? 7   ASP A CB  1 
ATOM   49   C CG  . ASP A 1 7   ? -7.220  -14.490 -1.558  1.00 38.17 ? 7   ASP A CG  1 
ATOM   50   O OD1 . ASP A 1 7   ? -7.359  -14.509 -2.802  1.00 39.41 ? 7   ASP A OD1 1 
ATOM   51   O OD2 . ASP A 1 7   ? -7.441  -15.461 -0.805  1.00 42.90 ? 7   ASP A OD2 1 
ATOM   52   N N   . VAL A 1 8   ? -5.240  -10.472 -2.531  1.00 25.89 ? 8   VAL A N   1 
ATOM   53   C CA  . VAL A 1 8   ? -5.313  -9.024  -2.492  1.00 23.15 ? 8   VAL A CA  1 
ATOM   54   C C   . VAL A 1 8   ? -6.544  -8.682  -3.305  1.00 27.53 ? 8   VAL A C   1 
ATOM   55   O O   . VAL A 1 8   ? -6.597  -8.921  -4.514  1.00 27.83 ? 8   VAL A O   1 
ATOM   56   C CB  . VAL A 1 8   ? -4.095  -8.326  -3.079  1.00 18.89 ? 8   VAL A CB  1 
ATOM   57   C CG1 . VAL A 1 8   ? -4.266  -6.809  -2.940  1.00 18.95 ? 8   VAL A CG1 1 
ATOM   58   C CG2 . VAL A 1 8   ? -2.861  -8.736  -2.336  1.00 24.78 ? 8   VAL A CG2 1 
ATOM   59   N N   . VAL A 1 9   ? -7.554  -8.172  -2.617  1.00 25.87 ? 9   VAL A N   1 
ATOM   60   C CA  . VAL A 1 9   ? -8.807  -7.838  -3.246  1.00 20.52 ? 9   VAL A CA  1 
ATOM   61   C C   . VAL A 1 9   ? -9.323  -6.485  -2.830  1.00 28.12 ? 9   VAL A C   1 
ATOM   62   O O   . VAL A 1 9   ? -8.979  -5.969  -1.766  1.00 34.04 ? 9   VAL A O   1 
ATOM   63   C CB  . VAL A 1 9   ? -9.901  -8.882  -2.877  1.00 18.02 ? 9   VAL A CB  1 
ATOM   64   C CG1 . VAL A 1 9   ? -9.574  -10.227 -3.475  1.00 21.77 ? 9   VAL A CG1 1 
ATOM   65   C CG2 . VAL A 1 9   ? -10.028 -9.014  -1.381  1.00 17.68 ? 9   VAL A CG2 1 
ATOM   66   N N   . SER A 1 10  ? -10.145 -5.907  -3.701  1.00 29.20 ? 10  SER A N   1 
ATOM   67   C CA  . SER A 1 10  ? -10.796 -4.633  -3.440  1.00 28.99 ? 10  SER A CA  1 
ATOM   68   C C   . SER A 1 10  ? -12.280 -4.901  -3.693  1.00 28.51 ? 10  SER A C   1 
ATOM   69   O O   . SER A 1 10  ? -12.646 -6.011  -4.061  1.00 32.86 ? 10  SER A O   1 
ATOM   70   C CB  . SER A 1 10  ? -10.280 -3.553  -4.389  1.00 25.41 ? 10  SER A CB  1 
ATOM   71   O OG  . SER A 1 10  ? -10.654 -3.827  -5.722  1.00 21.68 ? 10  SER A OG  1 
ATOM   72   N N   . ALA A 1 11  ? -13.119 -3.882  -3.563  1.00 25.55 ? 11  ALA A N   1 
ATOM   73   C CA  . ALA A 1 11  ? -14.544 -4.056  -3.769  1.00 23.66 ? 11  ALA A CA  1 
ATOM   74   C C   . ALA A 1 11  ? -14.863 -4.541  -5.168  1.00 25.07 ? 11  ALA A C   1 
ATOM   75   O O   . ALA A 1 11  ? -15.811 -5.277  -5.355  1.00 26.07 ? 11  ALA A O   1 
ATOM   76   C CB  . ALA A 1 11  ? -15.265 -2.770  -3.495  1.00 19.40 ? 11  ALA A CB  1 
ATOM   77   N N   . GLU A 1 12  ? -13.993 -4.238  -6.126  1.00 24.55 ? 12  GLU A N   1 
ATOM   78   C CA  . GLU A 1 12  ? -14.247 -4.619  -7.511  1.00 25.06 ? 12  GLU A CA  1 
ATOM   79   C C   . GLU A 1 12  ? -13.292 -5.600  -8.175  1.00 27.14 ? 12  GLU A C   1 
ATOM   80   O O   . GLU A 1 12  ? -13.671 -6.310  -9.105  1.00 27.36 ? 12  GLU A O   1 
ATOM   81   C CB  . GLU A 1 12  ? -14.287 -3.370  -8.397  1.00 25.35 ? 12  GLU A CB  1 
ATOM   82   C CG  . GLU A 1 12  ? -15.290 -2.295  -7.991  1.00 31.54 ? 12  GLU A CG  1 
ATOM   83   C CD  . GLU A 1 12  ? -14.750 -1.298  -6.982  1.00 32.88 ? 12  GLU A CD  1 
ATOM   84   O OE1 . GLU A 1 12  ? -13.534 -1.308  -6.695  1.00 34.86 ? 12  GLU A OE1 1 
ATOM   85   O OE2 . GLU A 1 12  ? -15.554 -0.491  -6.471  1.00 36.42 ? 12  GLU A OE2 1 
ATOM   86   N N   . GLN A 1 13  ? -12.046 -5.623  -7.730  1.00 27.28 ? 13  GLN A N   1 
ATOM   87   C CA  . GLN A 1 13  ? -11.056 -6.481  -8.367  1.00 24.98 ? 13  GLN A CA  1 
ATOM   88   C C   . GLN A 1 13  ? -10.345 -7.409  -7.423  1.00 26.67 ? 13  GLN A C   1 
ATOM   89   O O   . GLN A 1 13  ? -10.339 -7.208  -6.218  1.00 28.71 ? 13  GLN A O   1 
ATOM   90   C CB  . GLN A 1 13  ? -9.983  -5.616  -9.000  1.00 22.78 ? 13  GLN A CB  1 
ATOM   91   C CG  . GLN A 1 13  ? -10.482 -4.453  -9.809  1.00 24.07 ? 13  GLN A CG  1 
ATOM   92   C CD  . GLN A 1 13  ? -9.426  -3.380  -9.933  1.00 25.01 ? 13  GLN A CD  1 
ATOM   93   O OE1 . GLN A 1 13  ? -9.499  -2.347  -9.273  1.00 31.27 ? 13  GLN A OE1 1 
ATOM   94   N NE2 . GLN A 1 13  ? -8.407  -3.638  -10.748 1.00 23.75 ? 13  GLN A NE2 1 
ATOM   95   N N   . GLN A 1 14  ? -9.708  -8.412  -8.007  1.00 23.26 ? 14  GLN A N   1 
ATOM   96   C CA  . GLN A 1 14  ? -8.913  -9.369  -7.267  1.00 27.48 ? 14  GLN A CA  1 
ATOM   97   C C   . GLN A 1 14  ? -7.523  -9.178  -7.829  1.00 24.52 ? 14  GLN A C   1 
ATOM   98   O O   . GLN A 1 14  ? -7.152  -9.805  -8.808  1.00 21.49 ? 14  GLN A O   1 
ATOM   99   C CB  . GLN A 1 14  ? -9.389  -10.792 -7.507  1.00 38.06 ? 14  GLN A CB  1 
ATOM   100  C CG  . GLN A 1 14  ? -8.585  -11.842 -6.750  1.00 54.51 ? 14  GLN A CG  1 
ATOM   101  C CD  . GLN A 1 14  ? -9.095  -13.258 -7.011  1.00 67.36 ? 14  GLN A CD  1 
ATOM   102  O OE1 . GLN A 1 14  ? -8.557  -14.247 -6.488  1.00 72.05 ? 14  GLN A OE1 1 
ATOM   103  N NE2 . GLN A 1 14  ? -10.144 -13.363 -7.833  1.00 76.27 ? 14  GLN A NE2 1 
ATOM   104  N N   . MET A 1 15  ? -6.804  -8.226  -7.244  1.00 25.56 ? 15  MET A N   1 
ATOM   105  C CA  . MET A 1 15  ? -5.461  -7.846  -7.649  1.00 28.26 ? 15  MET A CA  1 
ATOM   106  C C   . MET A 1 15  ? -4.460  -8.991  -7.667  1.00 35.02 ? 15  MET A C   1 
ATOM   107  O O   . MET A 1 15  ? -3.568  -9.037  -8.527  1.00 37.73 ? 15  MET A O   1 
ATOM   108  C CB  . MET A 1 15  ? -4.955  -6.787  -6.693  1.00 27.74 ? 15  MET A CB  1 
ATOM   109  C CG  . MET A 1 15  ? -5.934  -5.677  -6.479  1.00 30.23 ? 15  MET A CG  1 
ATOM   110  S SD  . MET A 1 15  ? -6.126  -4.651  -7.969  1.00 37.21 ? 15  MET A SD  1 
ATOM   111  C CE  . MET A 1 15  ? -4.552  -3.800  -8.015  1.00 23.30 ? 15  MET A CE  1 
ATOM   112  N N   . PHE A 1 16  ? -4.581  -9.889  -6.691  1.00 33.37 ? 16  PHE A N   1 
ATOM   113  C CA  . PHE A 1 16  ? -3.671  -11.020 -6.597  1.00 33.42 ? 16  PHE A CA  1 
ATOM   114  C C   . PHE A 1 16  ? -4.327  -12.179 -5.851  1.00 34.82 ? 16  PHE A C   1 
ATOM   115  O O   . PHE A 1 16  ? -5.210  -11.983 -5.009  1.00 39.58 ? 16  PHE A O   1 
ATOM   116  C CB  . PHE A 1 16  ? -2.374  -10.585 -5.890  1.00 33.27 ? 16  PHE A CB  1 
ATOM   117  C CG  . PHE A 1 16  ? -1.316  -11.648 -5.857  1.00 33.29 ? 16  PHE A CG  1 
ATOM   118  C CD1 . PHE A 1 16  ? -1.321  -12.623 -4.863  1.00 31.57 ? 16  PHE A CD1 1 
ATOM   119  C CD2 . PHE A 1 16  ? -0.297  -11.652 -6.800  1.00 31.48 ? 16  PHE A CD2 1 
ATOM   120  C CE1 . PHE A 1 16  ? -0.349  -13.610 -4.826  1.00 33.19 ? 16  PHE A CE1 1 
ATOM   121  C CE2 . PHE A 1 16  ? 0.686   -12.636 -6.772  1.00 38.53 ? 16  PHE A CE2 1 
ATOM   122  C CZ  . PHE A 1 16  ? 0.668   -13.608 -5.773  1.00 35.35 ? 16  PHE A CZ  1 
ATOM   123  N N   . SER A 1 17  ? -3.893  -13.393 -6.171  1.00 34.87 ? 17  SER A N   1 
ATOM   124  C CA  . SER A 1 17  ? -4.409  -14.583 -5.521  1.00 35.33 ? 17  SER A CA  1 
ATOM   125  C C   . SER A 1 17  ? -3.501  -15.752 -5.834  1.00 38.11 ? 17  SER A C   1 
ATOM   126  O O   . SER A 1 17  ? -3.582  -16.329 -6.916  1.00 46.19 ? 17  SER A O   1 
ATOM   127  C CB  . SER A 1 17  ? -5.815  -14.896 -6.006  1.00 33.58 ? 17  SER A CB  1 
ATOM   128  O OG  . SER A 1 17  ? -6.248  -16.142 -5.497  1.00 34.28 ? 17  SER A OG  1 
ATOM   129  N N   . GLY A 1 18  ? -2.662  -16.119 -4.874  1.00 35.79 ? 18  GLY A N   1 
ATOM   130  C CA  . GLY A 1 18  ? -1.748  -17.230 -5.071  1.00 36.51 ? 18  GLY A CA  1 
ATOM   131  C C   . GLY A 1 18  ? -0.705  -17.346 -3.972  1.00 38.99 ? 18  GLY A C   1 
ATOM   132  O O   . GLY A 1 18  ? -0.771  -16.635 -2.966  1.00 37.86 ? 18  GLY A O   1 
ATOM   133  N N   . LEU A 1 19  ? 0.288   -18.209 -4.184  1.00 36.87 ? 19  LEU A N   1 
ATOM   134  C CA  . LEU A 1 19  ? 1.340   -18.434 -3.199  1.00 34.78 ? 19  LEU A CA  1 
ATOM   135  C C   . LEU A 1 19  ? 2.493   -17.430 -3.263  1.00 37.45 ? 19  LEU A C   1 
ATOM   136  O O   . LEU A 1 19  ? 3.024   -17.146 -4.340  1.00 41.86 ? 19  LEU A O   1 
ATOM   137  C CB  . LEU A 1 19  ? 1.884   -19.851 -3.339  1.00 29.74 ? 19  LEU A CB  1 
ATOM   138  C CG  . LEU A 1 19  ? 0.858   -20.954 -3.114  1.00 30.00 ? 19  LEU A CG  1 
ATOM   139  C CD1 . LEU A 1 19  ? 1.505   -22.316 -3.334  1.00 33.10 ? 19  LEU A CD1 1 
ATOM   140  C CD2 . LEU A 1 19  ? 0.317   -20.851 -1.719  1.00 31.17 ? 19  LEU A CD2 1 
ATOM   141  N N   . VAL A 1 20  ? 2.887   -16.914 -2.101  1.00 34.28 ? 20  VAL A N   1 
ATOM   142  C CA  . VAL A 1 20  ? 3.994   -15.969 -2.004  1.00 30.40 ? 20  VAL A CA  1 
ATOM   143  C C   . VAL A 1 20  ? 4.919   -16.422 -0.879  1.00 33.46 ? 20  VAL A C   1 
ATOM   144  O O   . VAL A 1 20  ? 4.532   -17.224 -0.031  1.00 34.91 ? 20  VAL A O   1 
ATOM   145  C CB  . VAL A 1 20  ? 3.509   -14.535 -1.684  1.00 26.07 ? 20  VAL A CB  1 
ATOM   146  C CG1 . VAL A 1 20  ? 2.565   -14.052 -2.754  1.00 27.41 ? 20  VAL A CG1 1 
ATOM   147  C CG2 . VAL A 1 20  ? 2.842   -14.484 -0.331  1.00 18.59 ? 20  VAL A CG2 1 
ATOM   148  N N   . GLU A 1 21  ? 6.144   -15.907 -0.883  1.00 37.72 ? 21  GLU A N   1 
ATOM   149  C CA  . GLU A 1 21  ? 7.123   -16.238 0.146   1.00 39.25 ? 21  GLU A CA  1 
ATOM   150  C C   . GLU A 1 21  ? 7.053   -15.212 1.286   1.00 39.30 ? 21  GLU A C   1 
ATOM   151  O O   . GLU A 1 21  ? 7.259   -15.555 2.452   1.00 41.75 ? 21  GLU A O   1 
ATOM   152  C CB  . GLU A 1 21  ? 8.536   -16.301 -0.457  1.00 38.95 ? 21  GLU A CB  1 
ATOM   153  C CG  . GLU A 1 21  ? 8.653   -17.214 -1.684  1.00 41.43 ? 21  GLU A CG  1 
ATOM   154  C CD  . GLU A 1 21  ? 10.066  -17.298 -2.234  1.00 42.73 ? 21  GLU A CD  1 
ATOM   155  O OE1 . GLU A 1 21  ? 10.661  -16.250 -2.554  1.00 48.57 ? 21  GLU A OE1 1 
ATOM   156  O OE2 . GLU A 1 21  ? 10.576  -18.423 -2.371  1.00 47.06 ? 21  GLU A OE2 1 
ATOM   157  N N   . LYS A 1 22  ? 6.711   -13.970 0.945   1.00 37.61 ? 22  LYS A N   1 
ATOM   158  C CA  . LYS A 1 22  ? 6.601   -12.890 1.924   1.00 37.28 ? 22  LYS A CA  1 
ATOM   159  C C   . LYS A 1 22  ? 5.960   -11.636 1.328   1.00 38.29 ? 22  LYS A C   1 
ATOM   160  O O   . LYS A 1 22  ? 5.819   -11.508 0.111   1.00 37.83 ? 22  LYS A O   1 
ATOM   161  C CB  . LYS A 1 22  ? 7.998   -12.514 2.433   1.00 39.43 ? 22  LYS A CB  1 
ATOM   162  C CG  . LYS A 1 22  ? 8.927   -12.012 1.339   1.00 45.61 ? 22  LYS A CG  1 
ATOM   163  C CD  . LYS A 1 22  ? 10.338  -11.702 1.826   1.00 54.56 ? 22  LYS A CD  1 
ATOM   164  C CE  . LYS A 1 22  ? 10.421  -10.401 2.620   1.00 59.62 ? 22  LYS A CE  1 
ATOM   165  N NZ  . LYS A 1 22  ? 10.191  -9.178  1.800   1.00 64.17 ? 22  LYS A NZ  1 
ATOM   166  N N   . ILE A 1 23  ? 5.579   -10.711 2.201   1.00 36.29 ? 23  ILE A N   1 
ATOM   167  C CA  . ILE A 1 23  ? 5.015   -9.436  1.787   1.00 37.54 ? 23  ILE A CA  1 
ATOM   168  C C   . ILE A 1 23  ? 5.365   -8.374  2.816   1.00 35.71 ? 23  ILE A C   1 
ATOM   169  O O   . ILE A 1 23  ? 5.622   -8.678  3.971   1.00 33.21 ? 23  ILE A O   1 
ATOM   170  C CB  . ILE A 1 23  ? 3.470   -9.442  1.689   1.00 37.76 ? 23  ILE A CB  1 
ATOM   171  C CG1 . ILE A 1 23  ? 2.859   -9.708  3.066   1.00 37.78 ? 23  ILE A CG1 1 
ATOM   172  C CG2 . ILE A 1 23  ? 3.008   -10.412 0.622   1.00 36.52 ? 23  ILE A CG2 1 
ATOM   173  C CD1 . ILE A 1 23  ? 1.407   -9.297  3.191   1.00 37.28 ? 23  ILE A CD1 1 
ATOM   174  N N   . GLN A 1 24  ? 5.370   -7.123  2.386   1.00 36.27 ? 24  GLN A N   1 
ATOM   175  C CA  . GLN A 1 24  ? 5.625   -6.017  3.293   1.00 37.28 ? 24  GLN A CA  1 
ATOM   176  C C   . GLN A 1 24  ? 4.501   -5.031  3.077   1.00 35.32 ? 24  GLN A C   1 
ATOM   177  O O   . GLN A 1 24  ? 4.252   -4.613  1.948   1.00 31.29 ? 24  GLN A O   1 
ATOM   178  C CB  . GLN A 1 24  ? 6.972   -5.367  3.001   1.00 41.31 ? 24  GLN A CB  1 
ATOM   179  C CG  . GLN A 1 24  ? 8.141   -6.227  3.404   1.00 49.24 ? 24  GLN A CG  1 
ATOM   180  C CD  . GLN A 1 24  ? 9.446   -5.709  2.869   1.00 52.49 ? 24  GLN A CD  1 
ATOM   181  O OE1 . GLN A 1 24  ? 9.791   -5.935  1.701   1.00 58.06 ? 24  GLN A OE1 1 
ATOM   182  N NE2 . GLN A 1 24  ? 10.190  -5.004  3.718   1.00 50.40 ? 24  GLN A NE2 1 
ATOM   183  N N   . VAL A 1 25  ? 3.761   -4.735  4.136   1.00 32.91 ? 25  VAL A N   1 
ATOM   184  C CA  . VAL A 1 25  ? 2.670   -3.787  4.026   1.00 36.12 ? 25  VAL A CA  1 
ATOM   185  C C   . VAL A 1 25  ? 3.009   -2.625  4.910   1.00 37.27 ? 25  VAL A C   1 
ATOM   186  O O   . VAL A 1 25  ? 4.009   -2.653  5.617   1.00 38.92 ? 25  VAL A O   1 
ATOM   187  C CB  . VAL A 1 25  ? 1.304   -4.385  4.458   1.00 32.26 ? 25  VAL A CB  1 
ATOM   188  C CG1 . VAL A 1 25  ? 0.980   -5.619  3.627   1.00 35.94 ? 25  VAL A CG1 1 
ATOM   189  C CG2 . VAL A 1 25  ? 1.318   -4.715  5.930   1.00 39.09 ? 25  VAL A CG2 1 
ATOM   190  N N   . THR A 1 26  ? 2.211   -1.572  4.798   1.00 44.39 ? 26  THR A N   1 
ATOM   191  C CA  . THR A 1 26  ? 2.386   -0.375  5.600   1.00 46.88 ? 26  THR A CA  1 
ATOM   192  C C   . THR A 1 26  ? 1.284   -0.422  6.649   1.00 47.94 ? 26  THR A C   1 
ATOM   193  O O   . THR A 1 26  ? 0.250   0.244   6.527   1.00 49.91 ? 26  THR A O   1 
ATOM   194  C CB  . THR A 1 26  ? 2.264   0.892   4.734   1.00 45.48 ? 26  THR A CB  1 
ATOM   195  O OG1 . THR A 1 26  ? 3.181   0.801   3.632   1.00 38.00 ? 26  THR A OG1 1 
ATOM   196  C CG2 . THR A 1 26  ? 2.584   2.134   5.573   1.00 42.00 ? 26  THR A CG2 1 
ATOM   197  N N   . GLY A 1 27  ? 1.504   -1.257  7.659   1.00 50.57 ? 27  GLY A N   1 
ATOM   198  C CA  . GLY A 1 27  ? 0.532   -1.427  8.723   1.00 55.93 ? 27  GLY A CA  1 
ATOM   199  C C   . GLY A 1 27  ? 0.202   -0.185  9.529   1.00 58.64 ? 27  GLY A C   1 
ATOM   200  O O   . GLY A 1 27  ? 0.748   0.898   9.298   1.00 63.72 ? 27  GLY A O   1 
ATOM   201  N N   . SER A 1 28  ? -0.715  -0.355  10.473  1.00 59.28 ? 28  SER A N   1 
ATOM   202  C CA  . SER A 1 28  ? -1.152  0.720   11.352  1.00 64.09 ? 28  SER A CA  1 
ATOM   203  C C   . SER A 1 28  ? -0.006  1.142   12.310  1.00 70.50 ? 28  SER A C   1 
ATOM   204  O O   . SER A 1 28  ? 0.219   2.339   12.552  1.00 72.03 ? 28  SER A O   1 
ATOM   205  C CB  . SER A 1 28  ? -2.381  0.231   12.137  1.00 58.79 ? 28  SER A CB  1 
ATOM   206  O OG  . SER A 1 28  ? -3.020  1.285   12.825  1.00 54.37 ? 28  SER A OG  1 
ATOM   207  N N   . GLU A 1 29  ? 0.757   0.149   12.778  1.00 74.61 ? 29  GLU A N   1 
ATOM   208  C CA  . GLU A 1 29  ? 1.875   0.346   13.710  1.00 74.77 ? 29  GLU A CA  1 
ATOM   209  C C   . GLU A 1 29  ? 3.221   0.665   13.057  1.00 73.18 ? 29  GLU A C   1 
ATOM   210  O O   . GLU A 1 29  ? 4.180   1.012   13.743  1.00 73.19 ? 29  GLU A O   1 
ATOM   211  C CB  . GLU A 1 29  ? 2.053   -0.904  14.569  1.00 80.17 ? 29  GLU A CB  1 
ATOM   212  C CG  . GLU A 1 29  ? 0.766   -1.440  15.180  1.00 90.04 ? 29  GLU A CG  1 
ATOM   213  C CD  . GLU A 1 29  ? 0.354   -2.803  14.607  1.00 93.75 ? 29  GLU A CD  1 
ATOM   214  O OE1 . GLU A 1 29  ? 0.464   -3.019  13.376  1.00 94.07 ? 29  GLU A OE1 1 
ATOM   215  O OE2 . GLU A 1 29  ? -0.084  -3.675  15.393  1.00 96.73 ? 29  GLU A OE2 1 
ATOM   216  N N   . GLY A 1 30  ? 3.306   0.493   11.744  1.00 73.17 ? 30  GLY A N   1 
ATOM   217  C CA  . GLY A 1 30  ? 4.546   0.749   11.026  1.00 71.70 ? 30  GLY A CA  1 
ATOM   218  C C   . GLY A 1 30  ? 4.745   -0.295  9.938   1.00 69.24 ? 30  GLY A C   1 
ATOM   219  O O   . GLY A 1 30  ? 3.855   -1.121  9.707   1.00 69.75 ? 30  GLY A O   1 
ATOM   220  N N   . GLU A 1 31  ? 5.896   -0.275  9.268   1.00 62.94 ? 31  GLU A N   1 
ATOM   221  C CA  . GLU A 1 31  ? 6.146   -1.250  8.211   1.00 60.81 ? 31  GLU A CA  1 
ATOM   222  C C   . GLU A 1 31  ? 6.139   -2.697  8.702   1.00 55.90 ? 31  GLU A C   1 
ATOM   223  O O   . GLU A 1 31  ? 6.924   -3.071  9.568   1.00 56.83 ? 31  GLU A O   1 
ATOM   224  C CB  . GLU A 1 31  ? 7.460   -0.989  7.491   1.00 64.75 ? 31  GLU A CB  1 
ATOM   225  C CG  . GLU A 1 31  ? 7.929   -2.268  6.792   1.00 79.39 ? 31  GLU A CG  1 
ATOM   226  C CD  . GLU A 1 31  ? 8.909   -2.038  5.664   1.00 90.13 ? 31  GLU A CD  1 
ATOM   227  O OE1 . GLU A 1 31  ? 9.943   -1.384  5.916   1.00 98.78 ? 31  GLU A OE1 1 
ATOM   228  O OE2 . GLU A 1 31  ? 8.658   -2.528  4.529   1.00 90.64 ? 31  GLU A OE2 1 
ATOM   229  N N   . LEU A 1 32  ? 5.335   -3.530  8.055   1.00 48.76 ? 32  LEU A N   1 
ATOM   230  C CA  . LEU A 1 32  ? 5.230   -4.917  8.452   1.00 43.36 ? 32  LEU A CA  1 
ATOM   231  C C   . LEU A 1 32  ? 5.764   -5.936  7.471   1.00 39.68 ? 32  LEU A C   1 
ATOM   232  O O   . LEU A 1 32  ? 5.581   -5.813  6.269   1.00 39.89 ? 32  LEU A O   1 
ATOM   233  C CB  . LEU A 1 32  ? 3.781   -5.242  8.772   1.00 44.75 ? 32  LEU A CB  1 
ATOM   234  C CG  . LEU A 1 32  ? 3.505   -5.425  10.260  1.00 50.35 ? 32  LEU A CG  1 
ATOM   235  C CD1 . LEU A 1 32  ? 1.988   -5.491  10.536  1.00 53.48 ? 32  LEU A CD1 1 
ATOM   236  C CD2 . LEU A 1 32  ? 4.225   -6.690  10.729  1.00 51.83 ? 32  LEU A CD2 1 
ATOM   237  N N   . GLY A 1 33  ? 6.421   -6.955  8.006   1.00 38.63 ? 33  GLY A N   1 
ATOM   238  C CA  . GLY A 1 33  ? 6.947   -8.024  7.179   1.00 38.31 ? 33  GLY A CA  1 
ATOM   239  C C   . GLY A 1 33  ? 6.218   -9.293  7.562   1.00 35.74 ? 33  GLY A C   1 
ATOM   240  O O   . GLY A 1 33  ? 6.250   -9.693  8.721   1.00 43.62 ? 33  GLY A O   1 
ATOM   241  N N   . ILE A 1 34  ? 5.502   -9.890  6.622   1.00 34.15 ? 34  ILE A N   1 
ATOM   242  C CA  . ILE A 1 34  ? 4.772   -11.106 6.926   1.00 35.78 ? 34  ILE A CA  1 
ATOM   243  C C   . ILE A 1 34  ? 5.363   -12.322 6.236   1.00 35.26 ? 34  ILE A C   1 
ATOM   244  O O   . ILE A 1 34  ? 5.431   -12.387 5.007   1.00 35.59 ? 34  ILE A O   1 
ATOM   245  C CB  . ILE A 1 34  ? 3.259   -10.977 6.610   1.00 35.62 ? 34  ILE A CB  1 
ATOM   246  C CG1 . ILE A 1 34  ? 2.562   -10.204 7.720   1.00 36.16 ? 34  ILE A CG1 1 
ATOM   247  C CG2 . ILE A 1 34  ? 2.603   -12.336 6.516   1.00 37.61 ? 34  ILE A CG2 1 
ATOM   248  C CD1 . ILE A 1 34  ? 2.420   -8.755  7.433   1.00 41.92 ? 34  ILE A CD1 1 
ATOM   249  N N   . TYR A 1 35  ? 5.769   -13.293 7.051   1.00 34.75 ? 35  TYR A N   1 
ATOM   250  C CA  . TYR A 1 35  ? 6.362   -14.519 6.551   1.00 33.00 ? 35  TYR A CA  1 
ATOM   251  C C   . TYR A 1 35  ? 5.487   -15.743 6.829   1.00 33.61 ? 35  TYR A C   1 
ATOM   252  O O   . TYR A 1 35  ? 4.469   -15.658 7.534   1.00 30.36 ? 35  TYR A O   1 
ATOM   253  C CB  . TYR A 1 35  ? 7.734   -14.720 7.199   1.00 29.55 ? 35  TYR A CB  1 
ATOM   254  C CG  . TYR A 1 35  ? 8.794   -13.785 6.694   1.00 27.47 ? 35  TYR A CG  1 
ATOM   255  C CD1 . TYR A 1 35  ? 8.955   -12.513 7.256   1.00 30.51 ? 35  TYR A CD1 1 
ATOM   256  C CD2 . TYR A 1 35  ? 9.645   -14.167 5.654   1.00 28.25 ? 35  TYR A CD2 1 
ATOM   257  C CE1 . TYR A 1 35  ? 9.953   -11.653 6.811   1.00 35.06 ? 35  TYR A CE1 1 
ATOM   258  C CE2 . TYR A 1 35  ? 10.648  -13.319 5.201   1.00 31.86 ? 35  TYR A CE2 1 
ATOM   259  C CZ  . TYR A 1 35  ? 10.794  -12.055 5.777   1.00 37.49 ? 35  TYR A CZ  1 
ATOM   260  O OH  . TYR A 1 35  ? 11.792  -11.208 5.336   1.00 40.98 ? 35  TYR A OH  1 
ATOM   261  N N   . PRO A 1 36  ? 5.845   -16.890 6.213   1.00 33.65 ? 36  PRO A N   1 
ATOM   262  C CA  . PRO A 1 36  ? 5.100   -18.138 6.408   1.00 34.41 ? 36  PRO A CA  1 
ATOM   263  C C   . PRO A 1 36  ? 5.174   -18.457 7.903   1.00 38.67 ? 36  PRO A C   1 
ATOM   264  O O   . PRO A 1 36  ? 6.204   -18.214 8.546   1.00 40.14 ? 36  PRO A O   1 
ATOM   265  C CB  . PRO A 1 36  ? 5.913   -19.148 5.591   1.00 34.51 ? 36  PRO A CB  1 
ATOM   266  C CG  . PRO A 1 36  ? 6.499   -18.296 4.462   1.00 32.10 ? 36  PRO A CG  1 
ATOM   267  C CD  . PRO A 1 36  ? 6.913   -17.050 5.201   1.00 30.74 ? 36  PRO A CD  1 
ATOM   268  N N   . GLY A 1 37  ? 4.061   -18.890 8.477   1.00 39.51 ? 37  GLY A N   1 
ATOM   269  C CA  . GLY A 1 37  ? 4.051   -19.215 9.893   1.00 41.34 ? 37  GLY A CA  1 
ATOM   270  C C   . GLY A 1 37  ? 3.933   -18.033 10.841  1.00 45.43 ? 37  GLY A C   1 
ATOM   271  O O   . GLY A 1 37  ? 4.100   -18.198 12.052  1.00 49.76 ? 37  GLY A O   1 
ATOM   272  N N   . HIS A 1 38  ? 3.660   -16.843 10.309  1.00 43.27 ? 38  HIS A N   1 
ATOM   273  C CA  . HIS A 1 38  ? 3.499   -15.645 11.141  1.00 40.09 ? 38  HIS A CA  1 
ATOM   274  C C   . HIS A 1 38  ? 2.255   -15.818 12.047  1.00 38.74 ? 38  HIS A C   1 
ATOM   275  O O   . HIS A 1 38  ? 1.298   -16.509 11.680  1.00 38.86 ? 38  HIS A O   1 
ATOM   276  C CB  . HIS A 1 38  ? 3.372   -14.409 10.237  1.00 37.67 ? 38  HIS A CB  1 
ATOM   277  C CG  . HIS A 1 38  ? 3.451   -13.103 10.966  1.00 39.19 ? 38  HIS A CG  1 
ATOM   278  N ND1 . HIS A 1 38  ? 2.472   -12.679 11.839  1.00 38.37 ? 38  HIS A ND1 1 
ATOM   279  C CD2 . HIS A 1 38  ? 4.370   -12.110 10.919  1.00 37.85 ? 38  HIS A CD2 1 
ATOM   280  C CE1 . HIS A 1 38  ? 2.784   -11.479 12.298  1.00 34.19 ? 38  HIS A CE1 1 
ATOM   281  N NE2 . HIS A 1 38  ? 3.930   -11.113 11.756  1.00 37.08 ? 38  HIS A NE2 1 
ATOM   282  N N   . ALA A 1 39  ? 2.280   -15.217 13.235  1.00 37.60 ? 39  ALA A N   1 
ATOM   283  C CA  . ALA A 1 39  ? 1.163   -15.311 14.189  1.00 34.61 ? 39  ALA A CA  1 
ATOM   284  C C   . ALA A 1 39  ? -0.055  -14.513 13.739  1.00 38.63 ? 39  ALA A C   1 
ATOM   285  O O   . ALA A 1 39  ? 0.101   -13.433 13.185  1.00 41.70 ? 39  ALA A O   1 
ATOM   286  C CB  . ALA A 1 39  ? 1.616   -14.792 15.526  1.00 33.09 ? 39  ALA A CB  1 
ATOM   287  N N   . PRO A 1 40  ? -1.286  -15.002 14.018  1.00 36.85 ? 40  PRO A N   1 
ATOM   288  C CA  . PRO A 1 40  ? -2.493  -14.276 13.613  1.00 38.12 ? 40  PRO A CA  1 
ATOM   289  C C   . PRO A 1 40  ? -2.455  -12.764 13.943  1.00 38.65 ? 40  PRO A C   1 
ATOM   290  O O   . PRO A 1 40  ? -1.908  -12.342 14.968  1.00 39.98 ? 40  PRO A O   1 
ATOM   291  C CB  . PRO A 1 40  ? -3.596  -15.013 14.383  1.00 38.28 ? 40  PRO A CB  1 
ATOM   292  C CG  . PRO A 1 40  ? -3.112  -16.399 14.367  1.00 37.25 ? 40  PRO A CG  1 
ATOM   293  C CD  . PRO A 1 40  ? -1.649  -16.233 14.736  1.00 37.49 ? 40  PRO A CD  1 
ATOM   294  N N   . LEU A 1 41  ? -3.009  -11.958 13.039  1.00 37.73 ? 41  LEU A N   1 
ATOM   295  C CA  . LEU A 1 41  ? -3.034  -10.506 13.188  1.00 35.19 ? 41  LEU A CA  1 
ATOM   296  C C   . LEU A 1 41  ? -4.222  -9.935  12.407  1.00 36.43 ? 41  LEU A C   1 
ATOM   297  O O   . LEU A 1 41  ? -4.732  -10.560 11.467  1.00 36.13 ? 41  LEU A O   1 
ATOM   298  C CB  . LEU A 1 41  ? -1.705  -9.932  12.664  1.00 36.65 ? 41  LEU A CB  1 
ATOM   299  C CG  . LEU A 1 41  ? -1.345  -8.441  12.521  1.00 42.66 ? 41  LEU A CG  1 
ATOM   300  C CD1 . LEU A 1 41  ? -1.398  -7.736  13.868  1.00 44.21 ? 41  LEU A CD1 1 
ATOM   301  C CD2 . LEU A 1 41  ? 0.066   -8.310  11.934  1.00 36.60 ? 41  LEU A CD2 1 
ATOM   302  N N   . LEU A 1 42  ? -4.684  -8.769  12.845  1.00 36.60 ? 42  LEU A N   1 
ATOM   303  C CA  . LEU A 1 42  ? -5.804  -8.050  12.230  1.00 31.38 ? 42  LEU A CA  1 
ATOM   304  C C   . LEU A 1 42  ? -5.430  -6.571  12.323  1.00 31.46 ? 42  LEU A C   1 
ATOM   305  O O   . LEU A 1 42  ? -5.520  -5.986  13.404  1.00 25.18 ? 42  LEU A O   1 
ATOM   306  C CB  . LEU A 1 42  ? -7.072  -8.254  13.057  1.00 29.21 ? 42  LEU A CB  1 
ATOM   307  C CG  . LEU A 1 42  ? -8.346  -8.848  12.478  1.00 28.88 ? 42  LEU A CG  1 
ATOM   308  C CD1 . LEU A 1 42  ? -9.512  -8.493  13.421  1.00 23.44 ? 42  LEU A CD1 1 
ATOM   309  C CD2 . LEU A 1 42  ? -8.567  -8.308  11.084  1.00 22.09 ? 42  LEU A CD2 1 
ATOM   310  N N   . THR A 1 43  ? -4.987  -5.960  11.229  1.00 30.20 ? 43  THR A N   1 
ATOM   311  C CA  . THR A 1 43  ? -4.620  -4.546  11.302  1.00 31.48 ? 43  THR A CA  1 
ATOM   312  C C   . THR A 1 43  ? -5.111  -3.678  10.138  1.00 33.46 ? 43  THR A C   1 
ATOM   313  O O   . THR A 1 43  ? -5.511  -4.177  9.081   1.00 35.82 ? 43  THR A O   1 
ATOM   314  C CB  . THR A 1 43  ? -3.084  -4.368  11.500  1.00 29.78 ? 43  THR A CB  1 
ATOM   315  O OG1 . THR A 1 43  ? -2.799  -3.029  11.930  1.00 35.91 ? 43  THR A OG1 1 
ATOM   316  C CG2 . THR A 1 43  ? -2.340  -4.639  10.206  1.00 31.83 ? 43  THR A CG2 1 
ATOM   317  N N   . ALA A 1 44  ? -5.113  -2.368  10.366  1.00 27.27 ? 44  ALA A N   1 
ATOM   318  C CA  . ALA A 1 44  ? -5.530  -1.411  9.362   1.00 27.62 ? 44  ALA A CA  1 
ATOM   319  C C   . ALA A 1 44  ? -4.296  -1.007  8.589   1.00 28.99 ? 44  ALA A C   1 
ATOM   320  O O   . ALA A 1 44  ? -3.209  -0.894  9.158   1.00 28.93 ? 44  ALA A O   1 
ATOM   321  C CB  . ALA A 1 44  ? -6.136  -0.190  10.027  1.00 27.57 ? 44  ALA A CB  1 
ATOM   322  N N   . ILE A 1 45  ? -4.463  -0.779  7.296   1.00 30.01 ? 45  ILE A N   1 
ATOM   323  C CA  . ILE A 1 45  ? -3.339  -0.378  6.476   1.00 29.12 ? 45  ILE A CA  1 
ATOM   324  C C   . ILE A 1 45  ? -3.372  1.120   6.227   1.00 30.84 ? 45  ILE A C   1 
ATOM   325  O O   . ILE A 1 45  ? -4.419  1.703   5.972   1.00 30.08 ? 45  ILE A O   1 
ATOM   326  C CB  . ILE A 1 45  ? -3.308  -1.161  5.150   1.00 22.52 ? 45  ILE A CB  1 
ATOM   327  C CG1 . ILE A 1 45  ? -3.175  -2.648  5.459   1.00 24.32 ? 45  ILE A CG1 1 
ATOM   328  C CG2 . ILE A 1 45  ? -2.138  -0.728  4.304   1.00 18.34 ? 45  ILE A CG2 1 
ATOM   329  C CD1 . ILE A 1 45  ? -3.288  -3.537  4.248   1.00 31.02 ? 45  ILE A CD1 1 
ATOM   330  N N   . LYS A 1 46  ? -2.222  1.752   6.393   1.00 32.68 ? 46  LYS A N   1 
ATOM   331  C CA  . LYS A 1 46  ? -2.117  3.178   6.156   1.00 35.44 ? 46  LYS A CA  1 
ATOM   332  C C   . LYS A 1 46  ? -1.747  3.358   4.688   1.00 32.38 ? 46  LYS A C   1 
ATOM   333  O O   . LYS A 1 46  ? -1.130  2.464   4.095   1.00 30.72 ? 46  LYS A O   1 
ATOM   334  C CB  . LYS A 1 46  ? -1.062  3.785   7.082   1.00 44.29 ? 46  LYS A CB  1 
ATOM   335  C CG  . LYS A 1 46  ? -1.520  3.927   8.543   1.00 56.26 ? 46  LYS A CG  1 
ATOM   336  C CD  . LYS A 1 46  ? -2.648  4.985   8.704   1.00 64.47 ? 46  LYS A CD  1 
ATOM   337  C CE  . LYS A 1 46  ? -3.215  5.077   10.141  1.00 65.01 ? 46  LYS A CE  1 
ATOM   338  N NZ  . LYS A 1 46  ? -4.054  3.901   10.538  1.00 63.71 ? 46  LYS A NZ  1 
ATOM   339  N N   . PRO A 1 47  ? -2.169  4.476   4.061   1.00 32.91 ? 47  PRO A N   1 
ATOM   340  C CA  . PRO A 1 47  ? -1.863  4.727   2.650   1.00 33.09 ? 47  PRO A CA  1 
ATOM   341  C C   . PRO A 1 47  ? -0.385  4.487   2.387   1.00 35.93 ? 47  PRO A C   1 
ATOM   342  O O   . PRO A 1 47  ? 0.478   5.088   3.026   1.00 40.19 ? 47  PRO A O   1 
ATOM   343  C CB  . PRO A 1 47  ? -2.267  6.192   2.457   1.00 29.95 ? 47  PRO A CB  1 
ATOM   344  C CG  . PRO A 1 47  ? -2.221  6.774   3.832   1.00 35.07 ? 47  PRO A CG  1 
ATOM   345  C CD  . PRO A 1 47  ? -2.786  5.664   4.671   1.00 33.85 ? 47  PRO A CD  1 
ATOM   346  N N   . GLY A 1 48  ? -0.100  3.557   1.486   1.00 33.77 ? 48  GLY A N   1 
ATOM   347  C CA  . GLY A 1 48  ? 1.279   3.232   1.190   1.00 33.17 ? 48  GLY A CA  1 
ATOM   348  C C   . GLY A 1 48  ? 1.397   2.201   0.100   1.00 34.74 ? 48  GLY A C   1 
ATOM   349  O O   . GLY A 1 48  ? 1.036   2.479   -1.038  1.00 38.04 ? 48  GLY A O   1 
ATOM   350  N N   . MET A 1 49  ? 1.848   1.000   0.446   1.00 35.65 ? 49  MET A N   1 
ATOM   351  C CA  . MET A 1 49  ? 2.027   -0.043  -0.560  1.00 36.23 ? 49  MET A CA  1 
ATOM   352  C C   . MET A 1 49  ? 2.243   -1.432  0.025   1.00 35.45 ? 49  MET A C   1 
ATOM   353  O O   . MET A 1 49  ? 2.533   -1.579  1.214   1.00 38.70 ? 49  MET A O   1 
ATOM   354  C CB  . MET A 1 49  ? 3.276   0.274   -1.369  1.00 39.86 ? 49  MET A CB  1 
ATOM   355  C CG  . MET A 1 49  ? 4.497   0.463   -0.477  1.00 41.94 ? 49  MET A CG  1 
ATOM   356  S SD  . MET A 1 49  ? 6.059   0.319   -1.375  1.00 46.74 ? 49  MET A SD  1 
ATOM   357  C CE  . MET A 1 49  ? 6.831   -0.999  -0.436  1.00 47.00 ? 49  MET A CE  1 
ATOM   358  N N   . ILE A 1 50  ? 2.133   -2.448  -0.827  1.00 34.15 ? 50  ILE A N   1 
ATOM   359  C CA  . ILE A 1 50  ? 2.386   -3.811  -0.406  1.00 32.57 ? 50  ILE A CA  1 
ATOM   360  C C   . ILE A 1 50  ? 3.356   -4.355  -1.419  1.00 33.06 ? 50  ILE A C   1 
ATOM   361  O O   . ILE A 1 50  ? 3.150   -4.196  -2.620  1.00 34.48 ? 50  ILE A O   1 
ATOM   362  C CB  . ILE A 1 50  ? 1.124   -4.726  -0.392  1.00 32.58 ? 50  ILE A CB  1 
ATOM   363  C CG1 . ILE A 1 50  ? 1.554   -6.182  -0.129  1.00 30.46 ? 50  ILE A CG1 1 
ATOM   364  C CG2 . ILE A 1 50  ? 0.363   -4.605  -1.682  1.00 30.56 ? 50  ILE A CG2 1 
ATOM   365  C CD1 . ILE A 1 50  ? 0.437   -7.184  0.011   1.00 29.13 ? 50  ILE A CD1 1 
ATOM   366  N N   . ARG A 1 51  ? 4.477   -4.881  -0.933  1.00 37.10 ? 51  ARG A N   1 
ATOM   367  C CA  . ARG A 1 51  ? 5.461   -5.490  -1.816  1.00 34.99 ? 51  ARG A CA  1 
ATOM   368  C C   . ARG A 1 51  ? 5.152   -6.979  -1.759  1.00 35.99 ? 51  ARG A C   1 
ATOM   369  O O   . ARG A 1 51  ? 5.075   -7.570  -0.672  1.00 35.28 ? 51  ARG A O   1 
ATOM   370  C CB  . ARG A 1 51  ? 6.888   -5.246  -1.346  1.00 34.67 ? 51  ARG A CB  1 
ATOM   371  C CG  . ARG A 1 51  ? 7.895   -5.793  -2.330  1.00 37.51 ? 51  ARG A CG  1 
ATOM   372  C CD  . ARG A 1 51  ? 9.081   -6.364  -1.645  1.00 47.46 ? 51  ARG A CD  1 
ATOM   373  N NE  . ARG A 1 51  ? 10.130  -5.384  -1.430  1.00 55.83 ? 51  ARG A NE  1 
ATOM   374  C CZ  . ARG A 1 51  ? 11.362  -5.706  -1.050  1.00 64.90 ? 51  ARG A CZ  1 
ATOM   375  N NH1 . ARG A 1 51  ? 11.687  -6.980  -0.836  1.00 65.50 ? 51  ARG A NH1 1 
ATOM   376  N NH2 . ARG A 1 51  ? 12.279  -4.760  -0.923  1.00 68.62 ? 51  ARG A NH2 1 
ATOM   377  N N   . ILE A 1 52  ? 4.897   -7.564  -2.923  1.00 34.14 ? 52  ILE A N   1 
ATOM   378  C CA  . ILE A 1 52  ? 4.575   -8.971  -3.000  1.00 32.96 ? 52  ILE A CA  1 
ATOM   379  C C   . ILE A 1 52  ? 5.769   -9.715  -3.555  1.00 34.61 ? 52  ILE A C   1 
ATOM   380  O O   . ILE A 1 52  ? 6.212   -9.444  -4.670  1.00 31.28 ? 52  ILE A O   1 
ATOM   381  C CB  . ILE A 1 52  ? 3.355   -9.223  -3.909  1.00 30.97 ? 52  ILE A CB  1 
ATOM   382  C CG1 . ILE A 1 52  ? 2.104   -8.601  -3.285  1.00 30.19 ? 52  ILE A CG1 1 
ATOM   383  C CG2 . ILE A 1 52  ? 3.142   -10.722 -4.107  1.00 30.46 ? 52  ILE A CG2 1 
ATOM   384  C CD1 . ILE A 1 52  ? 0.851   -8.768  -4.116  1.00 31.53 ? 52  ILE A CD1 1 
ATOM   385  N N   . VAL A 1 53  ? 6.331   -10.604 -2.745  1.00 34.67 ? 53  VAL A N   1 
ATOM   386  C CA  . VAL A 1 53  ? 7.450   -11.404 -3.189  1.00 37.05 ? 53  VAL A CA  1 
ATOM   387  C C   . VAL A 1 53  ? 6.836   -12.759 -3.542  1.00 41.12 ? 53  VAL A C   1 
ATOM   388  O O   . VAL A 1 53  ? 6.541   -13.579 -2.668  1.00 41.64 ? 53  VAL A O   1 
ATOM   389  C CB  . VAL A 1 53  ? 8.530   -11.520 -2.091  1.00 37.79 ? 53  VAL A CB  1 
ATOM   390  C CG1 . VAL A 1 53  ? 9.726   -12.309 -2.591  1.00 31.24 ? 53  VAL A CG1 1 
ATOM   391  C CG2 . VAL A 1 53  ? 8.977   -10.132 -1.660  1.00 34.38 ? 53  VAL A CG2 1 
ATOM   392  N N   . LYS A 1 54  ? 6.509   -12.903 -4.825  1.00 47.72 ? 54  LYS A N   1 
ATOM   393  C CA  . LYS A 1 54  ? 5.916   -14.112 -5.383  1.00 54.23 ? 54  LYS A CA  1 
ATOM   394  C C   . LYS A 1 54  ? 6.991   -15.195 -5.300  1.00 58.61 ? 54  LYS A C   1 
ATOM   395  O O   . LYS A 1 54  ? 8.186   -14.892 -5.186  1.00 60.91 ? 54  LYS A O   1 
ATOM   396  C CB  . LYS A 1 54  ? 5.535   -13.879 -6.862  1.00 57.65 ? 54  LYS A CB  1 
ATOM   397  C CG  . LYS A 1 54  ? 4.804   -12.549 -7.163  1.00 59.16 ? 54  LYS A CG  1 
ATOM   398  C CD  . LYS A 1 54  ? 4.978   -12.089 -8.638  1.00 61.03 ? 54  LYS A CD  1 
ATOM   399  C CE  . LYS A 1 54  ? 3.819   -12.501 -9.552  1.00 61.73 ? 54  LYS A CE  1 
ATOM   400  N NZ  . LYS A 1 54  ? 3.647   -13.978 -9.671  1.00 67.62 ? 54  LYS A NZ  1 
ATOM   401  N N   . GLN A 1 55  ? 6.572   -16.451 -5.377  1.00 64.17 ? 55  GLN A N   1 
ATOM   402  C CA  . GLN A 1 55  ? 7.503   -17.576 -5.339  1.00 70.39 ? 55  GLN A CA  1 
ATOM   403  C C   . GLN A 1 55  ? 8.642   -17.335 -6.360  1.00 71.71 ? 55  GLN A C   1 
ATOM   404  O O   . GLN A 1 55  ? 8.442   -16.664 -7.378  1.00 69.97 ? 55  GLN A O   1 
ATOM   405  C CB  . GLN A 1 55  ? 6.740   -18.864 -5.667  1.00 74.02 ? 55  GLN A CB  1 
ATOM   406  C CG  . GLN A 1 55  ? 7.440   -20.165 -5.288  1.00 80.89 ? 55  GLN A CG  1 
ATOM   407  C CD  . GLN A 1 55  ? 6.682   -21.374 -5.805  1.00 85.29 ? 55  GLN A CD  1 
ATOM   408  O OE1 . GLN A 1 55  ? 5.466   -21.307 -6.019  1.00 87.53 ? 55  GLN A OE1 1 
ATOM   409  N NE2 . GLN A 1 55  ? 7.395   -22.481 -6.036  1.00 84.47 ? 55  GLN A NE2 1 
ATOM   410  N N   . HIS A 1 56  ? 9.836   -17.842 -6.054  1.00 73.00 ? 56  HIS A N   1 
ATOM   411  C CA  . HIS A 1 56  ? 11.017  -17.690 -6.915  1.00 76.55 ? 56  HIS A CA  1 
ATOM   412  C C   . HIS A 1 56  ? 11.680  -16.328 -6.728  1.00 75.35 ? 56  HIS A C   1 
ATOM   413  O O   . HIS A 1 56  ? 12.544  -15.943 -7.527  1.00 74.46 ? 56  HIS A O   1 
ATOM   414  C CB  . HIS A 1 56  ? 10.689  -17.880 -8.416  1.00 81.06 ? 56  HIS A CB  1 
ATOM   415  C CG  . HIS A 1 56  ? 10.376  -19.293 -8.809  1.00 86.55 ? 56  HIS A CG  1 
ATOM   416  N ND1 . HIS A 1 56  ? 10.054  -20.284 -7.910  1.00 88.83 ? 56  HIS A ND1 1 
ATOM   417  C CD2 . HIS A 1 56  ? 10.314  -19.877 -10.040 1.00 87.08 ? 56  HIS A CD2 1 
ATOM   418  C CE1 . HIS A 1 56  ? 9.808   -21.410 -8.553  1.00 88.80 ? 56  HIS A CE1 1 
ATOM   419  N NE2 . HIS A 1 56  ? 9.960   -21.187 -9.850  1.00 86.35 ? 56  HIS A NE2 1 
ATOM   420  N N   . GLY A 1 57  ? 11.274  -15.603 -5.682  1.00 72.56 ? 57  GLY A N   1 
ATOM   421  C CA  . GLY A 1 57  ? 11.842  -14.290 -5.410  1.00 72.50 ? 57  GLY A CA  1 
ATOM   422  C C   . GLY A 1 57  ? 11.612  -13.219 -6.476  1.00 73.68 ? 57  GLY A C   1 
ATOM   423  O O   . GLY A 1 57  ? 12.559  -12.546 -6.898  1.00 75.48 ? 57  GLY A O   1 
ATOM   424  N N   . HIS A 1 58  ? 10.364  -13.071 -6.925  1.00 73.75 ? 58  HIS A N   1 
ATOM   425  C CA  . HIS A 1 58  ? 9.989   -12.070 -7.940  1.00 67.62 ? 58  HIS A CA  1 
ATOM   426  C C   . HIS A 1 58  ? 9.061   -11.067 -7.295  1.00 60.96 ? 58  HIS A C   1 
ATOM   427  O O   . HIS A 1 58  ? 8.120   -11.456 -6.620  1.00 58.97 ? 58  HIS A O   1 
ATOM   428  C CB  . HIS A 1 58  ? 9.242   -12.723 -9.098  1.00 72.04 ? 58  HIS A CB  1 
ATOM   429  C CG  . HIS A 1 58  ? 10.081  -13.672 -9.880  1.00 77.93 ? 58  HIS A CG  1 
ATOM   430  N ND1 . HIS A 1 58  ? 11.449  -13.549 -9.985  1.00 80.62 ? 58  HIS A ND1 1 
ATOM   431  C CD2 . HIS A 1 58  ? 9.746   -14.782 -10.587 1.00 78.27 ? 58  HIS A CD2 1 
ATOM   432  C CE1 . HIS A 1 58  ? 11.927  -14.538 -10.717 1.00 81.29 ? 58  HIS A CE1 1 
ATOM   433  N NE2 . HIS A 1 58  ? 10.913  -15.299 -11.094 1.00 82.40 ? 58  HIS A NE2 1 
ATOM   434  N N   . GLU A 1 59  ? 9.285   -9.784  -7.546  1.00 56.51 ? 59  GLU A N   1 
ATOM   435  C CA  . GLU A 1 59  ? 8.442   -8.749  -6.943  1.00 53.11 ? 59  GLU A CA  1 
ATOM   436  C C   . GLU A 1 59  ? 7.339   -8.110  -7.802  1.00 49.52 ? 59  GLU A C   1 
ATOM   437  O O   . GLU A 1 59  ? 7.367   -8.160  -9.037  1.00 51.34 ? 59  GLU A O   1 
ATOM   438  C CB  . GLU A 1 59  ? 9.321   -7.675  -6.284  1.00 50.26 ? 59  GLU A CB  1 
ATOM   439  C CG  . GLU A 1 59  ? 10.151  -8.245  -5.142  1.00 52.48 ? 59  GLU A CG  1 
ATOM   440  C CD  . GLU A 1 59  ? 11.165  -7.277  -4.564  1.00 53.10 ? 59  GLU A CD  1 
ATOM   441  O OE1 . GLU A 1 59  ? 11.495  -6.256  -5.216  1.00 52.77 ? 59  GLU A OE1 1 
ATOM   442  O OE2 . GLU A 1 59  ? 11.657  -7.564  -3.450  1.00 50.96 ? 59  GLU A OE2 1 
ATOM   443  N N   . GLU A 1 60  ? 6.330   -7.583  -7.118  1.00 44.24 ? 60  GLU A N   1 
ATOM   444  C CA  . GLU A 1 60  ? 5.204   -6.907  -7.744  1.00 41.91 ? 60  GLU A CA  1 
ATOM   445  C C   . GLU A 1 60  ? 4.802   -5.819  -6.738  1.00 40.35 ? 60  GLU A C   1 
ATOM   446  O O   . GLU A 1 60  ? 4.728   -6.089  -5.536  1.00 40.05 ? 60  GLU A O   1 
ATOM   447  C CB  . GLU A 1 60  ? 4.068   -7.903  -7.977  1.00 42.41 ? 60  GLU A CB  1 
ATOM   448  C CG  . GLU A 1 60  ? 2.937   -7.376  -8.851  1.00 58.21 ? 60  GLU A CG  1 
ATOM   449  C CD  . GLU A 1 60  ? 1.845   -8.419  -9.103  1.00 66.91 ? 60  GLU A CD  1 
ATOM   450  O OE1 . GLU A 1 60  ? 2.187   -9.578  -9.440  1.00 70.74 ? 60  GLU A OE1 1 
ATOM   451  O OE2 . GLU A 1 60  ? 0.641   -8.079  -8.973  1.00 70.94 ? 60  GLU A OE2 1 
ATOM   452  N N   . PHE A 1 61  ? 4.626   -4.582  -7.203  1.00 35.24 ? 61  PHE A N   1 
ATOM   453  C CA  . PHE A 1 61  ? 4.264   -3.492  -6.300  1.00 32.74 ? 61  PHE A CA  1 
ATOM   454  C C   . PHE A 1 61  ? 2.870   -2.957  -6.525  1.00 29.47 ? 61  PHE A C   1 
ATOM   455  O O   . PHE A 1 61  ? 2.489   -2.654  -7.648  1.00 29.24 ? 61  PHE A O   1 
ATOM   456  C CB  . PHE A 1 61  ? 5.272   -2.354  -6.413  1.00 33.58 ? 61  PHE A CB  1 
ATOM   457  C CG  . PHE A 1 61  ? 6.640   -2.721  -5.933  1.00 38.19 ? 61  PHE A CG  1 
ATOM   458  C CD1 . PHE A 1 61  ? 7.523   -3.417  -6.756  1.00 40.62 ? 61  PHE A CD1 1 
ATOM   459  C CD2 . PHE A 1 61  ? 7.024   -2.422  -4.634  1.00 37.69 ? 61  PHE A CD2 1 
ATOM   460  C CE1 . PHE A 1 61  ? 8.774   -3.807  -6.286  1.00 42.14 ? 61  PHE A CE1 1 
ATOM   461  C CE2 . PHE A 1 61  ? 8.272   -2.807  -4.158  1.00 43.38 ? 61  PHE A CE2 1 
ATOM   462  C CZ  . PHE A 1 61  ? 9.144   -3.504  -4.985  1.00 43.35 ? 61  PHE A CZ  1 
ATOM   463  N N   . ILE A 1 62  ? 2.105   -2.840  -5.447  1.00 28.41 ? 62  ILE A N   1 
ATOM   464  C CA  . ILE A 1 62  ? 0.751   -2.331  -5.534  1.00 26.75 ? 62  ILE A CA  1 
ATOM   465  C C   . ILE A 1 62  ? 0.568   -1.216  -4.510  1.00 24.95 ? 62  ILE A C   1 
ATOM   466  O O   . ILE A 1 62  ? 0.952   -1.348  -3.347  1.00 26.32 ? 62  ILE A O   1 
ATOM   467  C CB  . ILE A 1 62  ? -0.291  -3.462  -5.282  1.00 28.40 ? 62  ILE A CB  1 
ATOM   468  C CG1 . ILE A 1 62  ? -0.084  -4.590  -6.296  1.00 27.87 ? 62  ILE A CG1 1 
ATOM   469  C CG2 . ILE A 1 62  ? -1.732  -2.913  -5.388  1.00 22.19 ? 62  ILE A CG2 1 
ATOM   470  C CD1 . ILE A 1 62  ? -0.960  -5.811  -6.077  1.00 27.60 ? 62  ILE A CD1 1 
ATOM   471  N N   . TYR A 1 63  ? 0.037   -0.092  -4.971  1.00 21.49 ? 63  TYR A N   1 
ATOM   472  C CA  . TYR A 1 63  ? -0.251  1.040   -4.114  1.00 23.88 ? 63  TYR A CA  1 
ATOM   473  C C   . TYR A 1 63  ? -1.594  0.828   -3.416  1.00 25.45 ? 63  TYR A C   1 
ATOM   474  O O   . TYR A 1 63  ? -2.587  0.422   -4.044  1.00 29.19 ? 63  TYR A O   1 
ATOM   475  C CB  . TYR A 1 63  ? -0.276  2.329   -4.948  1.00 21.44 ? 63  TYR A CB  1 
ATOM   476  C CG  . TYR A 1 63  ? -0.966  3.509   -4.290  1.00 19.49 ? 63  TYR A CG  1 
ATOM   477  C CD1 . TYR A 1 63  ? -0.332  4.238   -3.279  1.00 17.42 ? 63  TYR A CD1 1 
ATOM   478  C CD2 . TYR A 1 63  ? -2.277  3.873   -4.649  1.00 14.78 ? 63  TYR A CD2 1 
ATOM   479  C CE1 . TYR A 1 63  ? -0.993  5.280   -2.621  1.00 23.57 ? 63  TYR A CE1 1 
ATOM   480  C CE2 . TYR A 1 63  ? -2.940  4.910   -3.998  1.00 17.52 ? 63  TYR A CE2 1 
ATOM   481  C CZ  . TYR A 1 63  ? -2.297  5.607   -2.990  1.00 21.76 ? 63  TYR A CZ  1 
ATOM   482  O OH  . TYR A 1 63  ? -2.977  6.588   -2.319  1.00 25.69 ? 63  TYR A OH  1 
ATOM   483  N N   . LEU A 1 64  ? -1.622  1.103   -2.114  1.00 26.89 ? 64  LEU A N   1 
ATOM   484  C CA  . LEU A 1 64  ? -2.836  0.974   -1.308  1.00 26.99 ? 64  LEU A CA  1 
ATOM   485  C C   . LEU A 1 64  ? -3.163  2.325   -0.671  1.00 25.38 ? 64  LEU A C   1 
ATOM   486  O O   . LEU A 1 64  ? -2.325  2.911   0.013   1.00 20.36 ? 64  LEU A O   1 
ATOM   487  C CB  . LEU A 1 64  ? -2.635  -0.064  -0.184  1.00 30.82 ? 64  LEU A CB  1 
ATOM   488  C CG  . LEU A 1 64  ? -2.417  -1.543  -0.531  1.00 32.52 ? 64  LEU A CG  1 
ATOM   489  C CD1 . LEU A 1 64  ? -2.140  -2.343  0.730   1.00 39.23 ? 64  LEU A CD1 1 
ATOM   490  C CD2 . LEU A 1 64  ? -3.631  -2.089  -1.255  1.00 37.08 ? 64  LEU A CD2 1 
ATOM   491  N N   . SER A 1 65  ? -4.363  2.832   -0.918  1.00 22.76 ? 65  SER A N   1 
ATOM   492  C CA  . SER A 1 65  ? -4.768  4.088   -0.305  1.00 28.43 ? 65  SER A CA  1 
ATOM   493  C C   . SER A 1 65  ? -5.085  3.807   1.169   1.00 29.28 ? 65  SER A C   1 
ATOM   494  O O   . SER A 1 65  ? -5.138  4.713   2.003   1.00 30.60 ? 65  SER A O   1 
ATOM   495  C CB  . SER A 1 65  ? -6.018  4.624   -0.993  1.00 30.02 ? 65  SER A CB  1 
ATOM   496  O OG  . SER A 1 65  ? -7.043  3.643   -0.980  1.00 35.57 ? 65  SER A OG  1 
ATOM   497  N N   . GLY A 1 66  ? -5.314  2.528   1.458   1.00 32.46 ? 66  GLY A N   1 
ATOM   498  C CA  . GLY A 1 66  ? -5.643  2.070   2.792   1.00 26.34 ? 66  GLY A CA  1 
ATOM   499  C C   . GLY A 1 66  ? -6.353  0.735   2.671   1.00 28.60 ? 66  GLY A C   1 
ATOM   500  O O   . GLY A 1 66  ? -6.555  0.207   1.575   1.00 25.51 ? 66  GLY A O   1 
ATOM   501  N N   . GLY A 1 67  ? -6.716  0.162   3.806   1.00 29.32 ? 67  GLY A N   1 
ATOM   502  C CA  . GLY A 1 67  ? -7.398  -1.114  3.774   1.00 27.48 ? 67  GLY A CA  1 
ATOM   503  C C   . GLY A 1 67  ? -7.220  -1.896  5.056   1.00 28.19 ? 67  GLY A C   1 
ATOM   504  O O   . GLY A 1 67  ? -6.857  -1.345  6.093   1.00 29.65 ? 67  GLY A O   1 
ATOM   505  N N   . ILE A 1 68  ? -7.458  -3.197  4.979   1.00 27.57 ? 68  ILE A N   1 
ATOM   506  C CA  . ILE A 1 68  ? -7.352  -4.069  6.135   1.00 23.13 ? 68  ILE A CA  1 
ATOM   507  C C   . ILE A 1 68  ? -6.462  -5.263  5.866   1.00 20.73 ? 68  ILE A C   1 
ATOM   508  O O   . ILE A 1 68  ? -6.504  -5.840  4.790   1.00 24.13 ? 68  ILE A O   1 
ATOM   509  C CB  . ILE A 1 68  ? -8.727  -4.578  6.545   1.00 21.76 ? 68  ILE A CB  1 
ATOM   510  C CG1 . ILE A 1 68  ? -9.663  -3.398  6.781   1.00 21.67 ? 68  ILE A CG1 1 
ATOM   511  C CG2 . ILE A 1 68  ? -8.619  -5.388  7.823   1.00 30.52 ? 68  ILE A CG2 1 
ATOM   512  C CD1 . ILE A 1 68  ? -11.056 -3.806  7.116   1.00 19.75 ? 68  ILE A CD1 1 
ATOM   513  N N   . LEU A 1 69  ? -5.619  -5.593  6.836   1.00 21.31 ? 69  LEU A N   1 
ATOM   514  C CA  . LEU A 1 69  ? -4.720  -6.734  6.725   1.00 22.58 ? 69  LEU A CA  1 
ATOM   515  C C   . LEU A 1 69  ? -5.185  -7.839  7.666   1.00 25.70 ? 69  LEU A C   1 
ATOM   516  O O   . LEU A 1 69  ? -5.385  -7.594  8.852   1.00 28.24 ? 69  LEU A O   1 
ATOM   517  C CB  . LEU A 1 69  ? -3.291  -6.333  7.086   1.00 20.61 ? 69  LEU A CB  1 
ATOM   518  C CG  . LEU A 1 69  ? -2.311  -7.503  7.169   1.00 22.80 ? 69  LEU A CG  1 
ATOM   519  C CD1 . LEU A 1 69  ? -2.217  -8.191  5.819   1.00 22.57 ? 69  LEU A CD1 1 
ATOM   520  C CD2 . LEU A 1 69  ? -0.951  -7.028  7.606   1.00 20.30 ? 69  LEU A CD2 1 
ATOM   521  N N   . GLU A 1 70  ? -5.352  -9.047  7.129   1.00 25.79 ? 70  GLU A N   1 
ATOM   522  C CA  . GLU A 1 70  ? -5.781  -10.194 7.927   1.00 25.68 ? 70  GLU A CA  1 
ATOM   523  C C   . GLU A 1 70  ? -4.835  -11.383 7.802   1.00 24.81 ? 70  GLU A C   1 
ATOM   524  O O   . GLU A 1 70  ? -4.817  -12.073 6.781   1.00 23.66 ? 70  GLU A O   1 
ATOM   525  C CB  . GLU A 1 70  ? -7.194  -10.643 7.526   1.00 30.45 ? 70  GLU A CB  1 
ATOM   526  C CG  . GLU A 1 70  ? -7.717  -11.898 8.261   1.00 32.40 ? 70  GLU A CG  1 
ATOM   527  C CD  . GLU A 1 70  ? -9.006  -12.462 7.661   1.00 37.25 ? 70  GLU A CD  1 
ATOM   528  O OE1 . GLU A 1 70  ? -9.185  -12.433 6.417   1.00 38.45 ? 70  GLU A OE1 1 
ATOM   529  O OE2 . GLU A 1 70  ? -9.856  -12.948 8.433   1.00 37.47 ? 70  GLU A OE2 1 
ATOM   530  N N   . VAL A 1 71  ? -4.033  -11.603 8.835   1.00 27.87 ? 71  VAL A N   1 
ATOM   531  C CA  . VAL A 1 71  ? -3.138  -12.738 8.845   1.00 28.00 ? 71  VAL A CA  1 
ATOM   532  C C   . VAL A 1 71  ? -3.827  -13.830 9.661   1.00 34.77 ? 71  VAL A C   1 
ATOM   533  O O   . VAL A 1 71  ? -4.304  -13.598 10.779  1.00 35.21 ? 71  VAL A O   1 
ATOM   534  C CB  . VAL A 1 71  ? -1.790  -12.407 9.456   1.00 27.15 ? 71  VAL A CB  1 
ATOM   535  C CG1 . VAL A 1 71  ? -0.879  -13.611 9.351   1.00 32.83 ? 71  VAL A CG1 1 
ATOM   536  C CG2 . VAL A 1 71  ? -1.179  -11.214 8.758   1.00 21.16 ? 71  VAL A CG2 1 
ATOM   537  N N   . GLN A 1 72  ? -3.960  -14.992 9.031   1.00 41.20 ? 72  GLN A N   1 
ATOM   538  C CA  . GLN A 1 72  ? -4.590  -16.182 9.605   1.00 44.20 ? 72  GLN A CA  1 
ATOM   539  C C   . GLN A 1 72  ? -3.719  -17.390 9.241   1.00 44.13 ? 72  GLN A C   1 
ATOM   540  O O   . GLN A 1 72  ? -2.865  -17.297 8.355   1.00 39.16 ? 72  GLN A O   1 
ATOM   541  C CB  . GLN A 1 72  ? -6.000  -16.373 9.026   1.00 42.74 ? 72  GLN A CB  1 
ATOM   542  C CG  . GLN A 1 72  ? -7.027  -15.374 9.505   1.00 52.36 ? 72  GLN A CG  1 
ATOM   543  C CD  . GLN A 1 72  ? -7.219  -15.406 11.009  1.00 58.91 ? 72  GLN A CD  1 
ATOM   544  O OE1 . GLN A 1 72  ? -7.743  -16.382 11.558  1.00 63.84 ? 72  GLN A OE1 1 
ATOM   545  N NE2 . GLN A 1 72  ? -6.821  -14.321 11.685  1.00 57.39 ? 72  GLN A NE2 1 
ATOM   546  N N   . PRO A 1 73  ? -3.932  -18.542 9.912   1.00 43.22 ? 73  PRO A N   1 
ATOM   547  C CA  . PRO A 1 73  ? -3.132  -19.732 9.616   1.00 39.37 ? 73  PRO A CA  1 
ATOM   548  C C   . PRO A 1 73  ? -3.216  -20.143 8.147   1.00 37.22 ? 73  PRO A C   1 
ATOM   549  O O   . PRO A 1 73  ? -4.303  -20.403 7.614   1.00 40.22 ? 73  PRO A O   1 
ATOM   550  C CB  . PRO A 1 73  ? -3.737  -20.784 10.551  1.00 42.58 ? 73  PRO A CB  1 
ATOM   551  C CG  . PRO A 1 73  ? -4.211  -19.972 11.710  1.00 43.42 ? 73  PRO A CG  1 
ATOM   552  C CD  . PRO A 1 73  ? -4.873  -18.811 11.008  1.00 44.26 ? 73  PRO A CD  1 
ATOM   553  N N   . GLY A 1 74  ? -2.062  -20.114 7.484   1.00 34.98 ? 74  GLY A N   1 
ATOM   554  C CA  . GLY A 1 74  ? -1.969  -20.483 6.082   1.00 39.57 ? 74  GLY A CA  1 
ATOM   555  C C   . GLY A 1 74  ? -2.537  -19.509 5.058   1.00 43.04 ? 74  GLY A C   1 
ATOM   556  O O   . GLY A 1 74  ? -2.165  -19.541 3.875   1.00 44.98 ? 74  GLY A O   1 
ATOM   557  N N   . ASN A 1 75  ? -3.415  -18.618 5.504   1.00 43.74 ? 75  ASN A N   1 
ATOM   558  C CA  . ASN A 1 75  ? -4.036  -17.673 4.595   1.00 39.72 ? 75  ASN A CA  1 
ATOM   559  C C   . ASN A 1 75  ? -3.910  -16.224 5.012   1.00 36.22 ? 75  ASN A C   1 
ATOM   560  O O   . ASN A 1 75  ? -4.188  -15.869 6.154   1.00 40.93 ? 75  ASN A O   1 
ATOM   561  C CB  . ASN A 1 75  ? -5.506  -18.032 4.435   1.00 46.77 ? 75  ASN A CB  1 
ATOM   562  C CG  . ASN A 1 75  ? -5.922  -18.084 2.988   1.00 56.14 ? 75  ASN A CG  1 
ATOM   563  O OD1 . ASN A 1 75  ? -6.310  -17.065 2.399   1.00 60.01 ? 75  ASN A OD1 1 
ATOM   564  N ND2 . ASN A 1 75  ? -5.805  -19.266 2.385   1.00 59.19 ? 75  ASN A ND2 1 
ATOM   565  N N   . VAL A 1 76  ? -3.509  -15.384 4.070   1.00 31.82 ? 76  VAL A N   1 
ATOM   566  C CA  . VAL A 1 76  ? -3.364  -13.962 4.332   1.00 29.03 ? 76  VAL A CA  1 
ATOM   567  C C   . VAL A 1 76  ? -4.216  -13.172 3.337   1.00 28.55 ? 76  VAL A C   1 
ATOM   568  O O   . VAL A 1 76  ? -4.179  -13.424 2.130   1.00 25.97 ? 76  VAL A O   1 
ATOM   569  C CB  . VAL A 1 76  ? -1.886  -13.529 4.254   1.00 30.12 ? 76  VAL A CB  1 
ATOM   570  C CG1 . VAL A 1 76  ? -1.768  -12.034 4.446   1.00 32.77 ? 76  VAL A CG1 1 
ATOM   571  C CG2 . VAL A 1 76  ? -1.088  -14.239 5.327   1.00 32.80 ? 76  VAL A CG2 1 
ATOM   572  N N   . THR A 1 77  ? -4.983  -12.218 3.854   1.00 26.43 ? 77  THR A N   1 
ATOM   573  C CA  . THR A 1 77  ? -5.868  -11.401 3.023   1.00 24.28 ? 77  THR A CA  1 
ATOM   574  C C   . THR A 1 77  ? -5.712  -9.908  3.291   1.00 24.41 ? 77  THR A C   1 
ATOM   575  O O   . THR A 1 77  ? -5.635  -9.488  4.440   1.00 26.29 ? 77  THR A O   1 
ATOM   576  C CB  . THR A 1 77  ? -7.342  -11.734 3.294   1.00 19.29 ? 77  THR A CB  1 
ATOM   577  O OG1 . THR A 1 77  ? -7.615  -13.070 2.871   1.00 26.48 ? 77  THR A OG1 1 
ATOM   578  C CG2 . THR A 1 77  ? -8.250  -10.785 2.552   1.00 17.94 ? 77  THR A CG2 1 
ATOM   579  N N   . VAL A 1 78  ? -5.654  -9.116  2.226   1.00 21.80 ? 78  VAL A N   1 
ATOM   580  C CA  . VAL A 1 78  ? -5.563  -7.671  2.359   1.00 24.81 ? 78  VAL A CA  1 
ATOM   581  C C   . VAL A 1 78  ? -6.700  -7.080  1.550   1.00 22.60 ? 78  VAL A C   1 
ATOM   582  O O   . VAL A 1 78  ? -6.780  -7.280  0.339   1.00 25.93 ? 78  VAL A O   1 
ATOM   583  C CB  . VAL A 1 78  ? -4.190  -7.120  1.904   1.00 29.57 ? 78  VAL A CB  1 
ATOM   584  C CG1 . VAL A 1 78  ? -3.639  -7.976  0.813   1.00 39.44 ? 78  VAL A CG1 1 
ATOM   585  C CG2 . VAL A 1 78  ? -4.292  -5.654  1.441   1.00 29.97 ? 78  VAL A CG2 1 
ATOM   586  N N   . LEU A 1 79  ? -7.658  -6.482  2.250   1.00 23.26 ? 79  LEU A N   1 
ATOM   587  C CA  . LEU A 1 79  ? -8.817  -5.865  1.607   1.00 25.38 ? 79  LEU A CA  1 
ATOM   588  C C   . LEU A 1 79  ? -8.474  -4.407  1.407   1.00 24.00 ? 79  LEU A C   1 
ATOM   589  O O   . LEU A 1 79  ? -8.319  -3.658  2.367   1.00 22.92 ? 79  LEU A O   1 
ATOM   590  C CB  . LEU A 1 79  ? -10.066 -6.001  2.477   1.00 23.73 ? 79  LEU A CB  1 
ATOM   591  C CG  . LEU A 1 79  ? -11.338 -5.350  1.932   1.00 29.64 ? 79  LEU A CG  1 
ATOM   592  C CD1 . LEU A 1 79  ? -11.925 -6.151  0.788   1.00 29.09 ? 79  LEU A CD1 1 
ATOM   593  C CD2 . LEU A 1 79  ? -12.340 -5.224  3.031   1.00 36.62 ? 79  LEU A CD2 1 
ATOM   594  N N   . ALA A 1 80  ? -8.369  -4.000  0.154   1.00 20.40 ? 80  ALA A N   1 
ATOM   595  C CA  . ALA A 1 80  ? -7.976  -2.637  -0.125  1.00 25.37 ? 80  ALA A CA  1 
ATOM   596  C C   . ALA A 1 80  ? -9.105  -1.682  -0.454  1.00 25.34 ? 80  ALA A C   1 
ATOM   597  O O   . ALA A 1 80  ? -10.088 -2.073  -1.078  1.00 27.03 ? 80  ALA A O   1 
ATOM   598  C CB  . ALA A 1 80  ? -6.948  -2.626  -1.253  1.00 26.31 ? 80  ALA A CB  1 
ATOM   599  N N   . ASP A 1 81  ? -8.959  -0.427  -0.020  1.00 27.13 ? 81  ASP A N   1 
ATOM   600  C CA  . ASP A 1 81  ? -9.936  0.616   -0.329  1.00 29.53 ? 81  ASP A CA  1 
ATOM   601  C C   . ASP A 1 81  ? -9.743  0.887   -1.812  1.00 27.51 ? 81  ASP A C   1 
ATOM   602  O O   . ASP A 1 81  ? -10.613 0.586   -2.620  1.00 29.83 ? 81  ASP A O   1 
ATOM   603  C CB  . ASP A 1 81  ? -9.659  1.874   0.490   1.00 28.87 ? 81  ASP A CB  1 
ATOM   604  C CG  . ASP A 1 81  ? -10.027 1.711   1.945   1.00 32.90 ? 81  ASP A CG  1 
ATOM   605  O OD1 . ASP A 1 81  ? -10.930 0.901   2.265   1.00 33.81 ? 81  ASP A OD1 1 
ATOM   606  O OD2 . ASP A 1 81  ? -9.412  2.405   2.779   1.00 35.83 ? 81  ASP A OD2 1 
ATOM   607  N N   . THR A 1 82  ? -8.599  1.469   -2.155  1.00 26.94 ? 82  THR A N   1 
ATOM   608  C CA  . THR A 1 82  ? -8.246  1.702   -3.538  1.00 27.90 ? 82  THR A CA  1 
ATOM   609  C C   . THR A 1 82  ? -6.897  1.024   -3.699  1.00 28.22 ? 82  THR A C   1 
ATOM   610  O O   . THR A 1 82  ? -5.998  1.148   -2.853  1.00 28.90 ? 82  THR A O   1 
ATOM   611  C CB  . THR A 1 82  ? -8.143  3.190   -3.902  1.00 30.85 ? 82  THR A CB  1 
ATOM   612  O OG1 . THR A 1 82  ? -9.374  3.846   -3.581  1.00 40.97 ? 82  THR A OG1 1 
ATOM   613  C CG2 . THR A 1 82  ? -7.923  3.343   -5.376  1.00 33.22 ? 82  THR A CG2 1 
ATOM   614  N N   . ALA A 1 83  ? -6.799  0.236   -4.757  1.00 31.51 ? 83  ALA A N   1 
ATOM   615  C CA  . ALA A 1 83  ? -5.580  -0.483  -5.062  1.00 31.56 ? 83  ALA A CA  1 
ATOM   616  C C   . ALA A 1 83  ? -5.286  -0.281  -6.535  1.00 33.87 ? 83  ALA A C   1 
ATOM   617  O O   . ALA A 1 83  ? -6.170  -0.425  -7.389  1.00 31.67 ? 83  ALA A O   1 
ATOM   618  C CB  . ALA A 1 83  ? -5.737  -1.956  -4.755  1.00 31.94 ? 83  ALA A CB  1 
ATOM   619  N N   . ILE A 1 84  ? -4.031  0.063   -6.814  1.00 30.38 ? 84  ILE A N   1 
ATOM   620  C CA  . ILE A 1 84  ? -3.568  0.305   -8.165  1.00 23.91 ? 84  ILE A CA  1 
ATOM   621  C C   . ILE A 1 84  ? -2.192  -0.307  -8.291  1.00 24.60 ? 84  ILE A C   1 
ATOM   622  O O   . ILE A 1 84  ? -1.328  -0.067  -7.463  1.00 26.71 ? 84  ILE A O   1 
ATOM   623  C CB  . ILE A 1 84  ? -3.457  1.815   -8.462  1.00 24.44 ? 84  ILE A CB  1 
ATOM   624  C CG1 . ILE A 1 84  ? -4.806  2.500   -8.206  1.00 22.37 ? 84  ILE A CG1 1 
ATOM   625  C CG2 . ILE A 1 84  ? -3.000  2.034   -9.912  1.00 21.25 ? 84  ILE A CG2 1 
ATOM   626  C CD1 . ILE A 1 84  ? -4.698  3.952   -7.963  1.00 17.30 ? 84  ILE A CD1 1 
ATOM   627  N N   . ARG A 1 85  ? -2.018  -1.122  -9.328  1.00 26.13 ? 85  ARG A N   1 
ATOM   628  C CA  . ARG A 1 85  ? -0.763  -1.786  -9.636  1.00 26.99 ? 85  ARG A CA  1 
ATOM   629  C C   . ARG A 1 85  ? 0.308   -0.734  -9.929  1.00 25.48 ? 85  ARG A C   1 
ATOM   630  O O   . ARG A 1 85  ? 0.021   0.311   -10.509 1.00 28.09 ? 85  ARG A O   1 
ATOM   631  C CB  . ARG A 1 85  ? -0.952  -2.709  -10.839 1.00 26.76 ? 85  ARG A CB  1 
ATOM   632  C CG  . ARG A 1 85  ? -0.491  -4.123  -10.590 1.00 46.67 ? 85  ARG A CG  1 
ATOM   633  C CD  . ARG A 1 85  ? -0.870  -5.054  -11.725 1.00 53.91 ? 85  ARG A CD  1 
ATOM   634  N NE  . ARG A 1 85  ? -2.288  -5.434  -11.744 1.00 65.35 ? 85  ARG A NE  1 
ATOM   635  C CZ  . ARG A 1 85  ? -2.821  -6.470  -11.085 1.00 71.34 ? 85  ARG A CZ  1 
ATOM   636  N NH1 . ARG A 1 85  ? -2.058  -7.245  -10.314 1.00 72.75 ? 85  ARG A NH1 1 
ATOM   637  N NH2 . ARG A 1 85  ? -4.112  -6.772  -11.251 1.00 66.92 ? 85  ARG A NH2 1 
ATOM   638  N N   . GLY A 1 86  ? 1.532   -0.994  -9.490  1.00 24.36 ? 86  GLY A N   1 
ATOM   639  C CA  . GLY A 1 86  ? 2.615   -0.054  -9.710  1.00 23.74 ? 86  GLY A CA  1 
ATOM   640  C C   . GLY A 1 86  ? 2.803   0.362   -11.161 1.00 28.32 ? 86  GLY A C   1 
ATOM   641  O O   . GLY A 1 86  ? 3.055   1.544   -11.434 1.00 30.57 ? 86  GLY A O   1 
ATOM   642  N N   . GLN A 1 87  ? 2.663   -0.581  -12.095 1.00 26.15 ? 87  GLN A N   1 
ATOM   643  C CA  . GLN A 1 87  ? 2.822   -0.271  -13.508 1.00 26.07 ? 87  GLN A CA  1 
ATOM   644  C C   . GLN A 1 87  ? 1.720   0.632   -14.052 1.00 28.45 ? 87  GLN A C   1 
ATOM   645  O O   . GLN A 1 87  ? 1.869   1.209   -15.128 1.00 32.79 ? 87  GLN A O   1 
ATOM   646  C CB  . GLN A 1 87  ? 2.933   -1.548  -14.344 1.00 25.34 ? 87  GLN A CB  1 
ATOM   647  C CG  . GLN A 1 87  ? 1.915   -2.615  -14.029 1.00 43.25 ? 87  GLN A CG  1 
ATOM   648  C CD  . GLN A 1 87  ? 2.457   -3.670  -13.064 1.00 53.87 ? 87  GLN A CD  1 
ATOM   649  O OE1 . GLN A 1 87  ? 2.801   -4.783  -13.479 1.00 58.01 ? 87  GLN A OE1 1 
ATOM   650  N NE2 . GLN A 1 87  ? 2.523   -3.331  -11.771 1.00 50.60 ? 87  GLN A NE2 1 
ATOM   651  N N   . ASP A 1 88  ? 0.645   0.804   -13.287 1.00 27.91 ? 88  ASP A N   1 
ATOM   652  C CA  . ASP A 1 88  ? -0.471  1.638   -13.715 1.00 27.83 ? 88  ASP A CA  1 
ATOM   653  C C   . ASP A 1 88  ? -0.481  3.040   -13.125 1.00 25.66 ? 88  ASP A C   1 
ATOM   654  O O   . ASP A 1 88  ? -1.315  3.853   -13.487 1.00 24.43 ? 88  ASP A O   1 
ATOM   655  C CB  . ASP A 1 88  ? -1.808  0.945   -13.424 1.00 34.13 ? 88  ASP A CB  1 
ATOM   656  C CG  . ASP A 1 88  ? -1.991  -0.326  -14.228 1.00 41.46 ? 88  ASP A CG  1 
ATOM   657  O OD1 . ASP A 1 88  ? -1.821  -0.306  -15.466 1.00 49.42 ? 88  ASP A OD1 1 
ATOM   658  O OD2 . ASP A 1 88  ? -2.297  -1.368  -13.622 1.00 49.69 ? 88  ASP A OD2 1 
ATOM   659  N N   . LEU A 1 89  ? 0.402   3.317   -12.181 1.00 26.15 ? 89  LEU A N   1 
ATOM   660  C CA  . LEU A 1 89  ? 0.412   4.648   -11.607 1.00 24.69 ? 89  LEU A CA  1 
ATOM   661  C C   . LEU A 1 89  ? 0.975   5.595   -12.631 1.00 28.55 ? 89  LEU A C   1 
ATOM   662  O O   . LEU A 1 89  ? 1.781   5.194   -13.477 1.00 28.70 ? 89  LEU A O   1 
ATOM   663  C CB  . LEU A 1 89  ? 1.232   4.704   -10.337 1.00 21.84 ? 89  LEU A CB  1 
ATOM   664  C CG  . LEU A 1 89  ? 0.602   3.935   -9.181  1.00 23.95 ? 89  LEU A CG  1 
ATOM   665  C CD1 . LEU A 1 89  ? 1.640   3.735   -8.090  1.00 13.90 ? 89  LEU A CD1 1 
ATOM   666  C CD2 . LEU A 1 89  ? -0.620  4.680   -8.665  1.00 16.39 ? 89  LEU A CD2 1 
ATOM   667  N N   . ASP A 1 90  ? 0.531   6.846   -12.583 1.00 29.23 ? 90  ASP A N   1 
ATOM   668  C CA  . ASP A 1 90  ? 1.004   7.826   -13.538 1.00 30.09 ? 90  ASP A CA  1 
ATOM   669  C C   . ASP A 1 90  ? 1.817   8.851   -12.816 1.00 32.93 ? 90  ASP A C   1 
ATOM   670  O O   . ASP A 1 90  ? 1.302   9.562   -11.944 1.00 33.81 ? 90  ASP A O   1 
ATOM   671  C CB  . ASP A 1 90  ? -0.166  8.499   -14.249 1.00 33.25 ? 90  ASP A CB  1 
ATOM   672  C CG  . ASP A 1 90  ? 0.283   9.317   -15.424 1.00 31.65 ? 90  ASP A CG  1 
ATOM   673  O OD1 . ASP A 1 90  ? 0.615   8.719   -16.475 1.00 35.34 ? 90  ASP A OD1 1 
ATOM   674  O OD2 . ASP A 1 90  ? 0.330   10.550  -15.278 1.00 32.82 ? 90  ASP A OD2 1 
ATOM   675  N N   . GLU A 1 91  ? 3.072   8.975   -13.221 1.00 30.84 ? 91  GLU A N   1 
ATOM   676  C CA  . GLU A 1 91  ? 3.960   9.917   -12.571 1.00 36.86 ? 91  GLU A CA  1 
ATOM   677  C C   . GLU A 1 91  ? 3.509   11.373  -12.611 1.00 33.71 ? 91  GLU A C   1 
ATOM   678  O O   . GLU A 1 91  ? 3.593   12.080  -11.601 1.00 34.56 ? 91  GLU A O   1 
ATOM   679  C CB  . GLU A 1 91  ? 5.385   9.760   -13.091 1.00 39.32 ? 91  GLU A CB  1 
ATOM   680  C CG  . GLU A 1 91  ? 6.379   10.602  -12.322 1.00 44.26 ? 91  GLU A CG  1 
ATOM   681  C CD  . GLU A 1 91  ? 7.816   10.195  -12.558 1.00 51.03 ? 91  GLU A CD  1 
ATOM   682  O OE1 . GLU A 1 91  ? 8.152   9.734   -13.666 1.00 53.82 ? 91  GLU A OE1 1 
ATOM   683  O OE2 . GLU A 1 91  ? 8.621   10.347  -11.619 1.00 59.74 ? 91  GLU A OE2 1 
ATOM   684  N N   . ALA A 1 92  ? 3.005   11.822  -13.754 1.00 31.21 ? 92  ALA A N   1 
ATOM   685  C CA  . ALA A 1 92  ? 2.543   13.204  -13.881 1.00 31.12 ? 92  ALA A CA  1 
ATOM   686  C C   . ALA A 1 92  ? 1.348   13.453  -12.977 1.00 29.37 ? 92  ALA A C   1 
ATOM   687  O O   . ALA A 1 92  ? 1.230   14.510  -12.355 1.00 30.13 ? 92  ALA A O   1 
ATOM   688  C CB  . ALA A 1 92  ? 2.170   13.514  -15.317 1.00 31.00 ? 92  ALA A CB  1 
ATOM   689  N N   . ARG A 1 93  ? 0.473   12.457  -12.884 1.00 29.96 ? 93  ARG A N   1 
ATOM   690  C CA  . ARG A 1 93  ? -0.712  12.563  -12.052 1.00 30.40 ? 93  ARG A CA  1 
ATOM   691  C C   . ARG A 1 93  ? -0.354  12.588  -10.571 1.00 30.65 ? 93  ARG A C   1 
ATOM   692  O O   . ARG A 1 93  ? -0.964  13.337  -9.810  1.00 33.07 ? 93  ARG A O   1 
ATOM   693  C CB  . ARG A 1 93  ? -1.688  11.427  -12.364 1.00 35.05 ? 93  ARG A CB  1 
ATOM   694  C CG  . ARG A 1 93  ? -2.578  11.695  -13.579 1.00 31.40 ? 93  ARG A CG  1 
ATOM   695  C CD  . ARG A 1 93  ? -3.917  12.211  -13.119 1.00 31.65 ? 93  ARG A CD  1 
ATOM   696  N NE  . ARG A 1 93  ? -4.266  13.500  -13.702 1.00 34.16 ? 93  ARG A NE  1 
ATOM   697  C CZ  . ARG A 1 93  ? -5.312  14.228  -13.314 1.00 38.45 ? 93  ARG A CZ  1 
ATOM   698  N NH1 . ARG A 1 93  ? -6.113  13.806  -12.340 1.00 43.18 ? 93  ARG A NH1 1 
ATOM   699  N NH2 . ARG A 1 93  ? -5.598  15.364  -13.927 1.00 50.21 ? 93  ARG A NH2 1 
ATOM   700  N N   . ALA A 1 94  ? 0.634   11.792  -10.163 1.00 25.32 ? 94  ALA A N   1 
ATOM   701  C CA  . ALA A 1 94  ? 1.046   11.759  -8.763  1.00 26.27 ? 94  ALA A CA  1 
ATOM   702  C C   . ALA A 1 94  ? 1.770   13.043  -8.408  1.00 29.01 ? 94  ALA A C   1 
ATOM   703  O O   . ALA A 1 94  ? 1.571   13.605  -7.328  1.00 32.07 ? 94  ALA A O   1 
ATOM   704  C CB  . ALA A 1 94  ? 1.940   10.589  -8.511  1.00 26.24 ? 94  ALA A CB  1 
ATOM   705  N N   . MET A 1 95  ? 2.594   13.499  -9.344  1.00 29.87 ? 95  MET A N   1 
ATOM   706  C CA  . MET A 1 95  ? 3.376   14.719  -9.212  1.00 32.19 ? 95  MET A CA  1 
ATOM   707  C C   . MET A 1 95  ? 2.423   15.911  -9.002  1.00 32.93 ? 95  MET A C   1 
ATOM   708  O O   . MET A 1 95  ? 2.647   16.786  -8.163  1.00 31.22 ? 95  MET A O   1 
ATOM   709  C CB  . MET A 1 95  ? 4.181   14.899  -10.495 1.00 31.98 ? 95  MET A CB  1 
ATOM   710  C CG  . MET A 1 95  ? 5.511   15.543  -10.286 1.00 41.71 ? 95  MET A CG  1 
ATOM   711  S SD  . MET A 1 95  ? 6.466   14.729  -9.007  1.00 50.31 ? 95  MET A SD  1 
ATOM   712  C CE  . MET A 1 95  ? 7.799   13.959  -10.000 1.00 54.27 ? 95  MET A CE  1 
ATOM   713  N N   . GLU A 1 96  ? 1.342   15.895  -9.771  1.00 31.50 ? 96  GLU A N   1 
ATOM   714  C CA  . GLU A 1 96  ? 0.288   16.887  -9.733  1.00 33.21 ? 96  GLU A CA  1 
ATOM   715  C C   . GLU A 1 96  ? -0.322  16.970  -8.332  1.00 33.65 ? 96  GLU A C   1 
ATOM   716  O O   . GLU A 1 96  ? -0.510  18.055  -7.778  1.00 36.56 ? 96  GLU A O   1 
ATOM   717  C CB  . GLU A 1 96  ? -0.784  16.438  -10.713 1.00 36.37 ? 96  GLU A CB  1 
ATOM   718  C CG  . GLU A 1 96  ? -2.005  17.280  -10.718 1.00 45.80 ? 96  GLU A CG  1 
ATOM   719  C CD  . GLU A 1 96  ? -1.770  18.581  -11.438 1.00 56.95 ? 96  GLU A CD  1 
ATOM   720  O OE1 . GLU A 1 96  ? -1.475  18.528  -12.657 1.00 60.61 ? 96  GLU A OE1 1 
ATOM   721  O OE2 . GLU A 1 96  ? -1.863  19.654  -10.792 1.00 58.24 ? 96  GLU A OE2 1 
ATOM   722  N N   . ALA A 1 97  ? -0.659  15.804  -7.785  1.00 34.87 ? 97  ALA A N   1 
ATOM   723  C CA  . ALA A 1 97  ? -1.259  15.672  -6.464  1.00 33.04 ? 97  ALA A CA  1 
ATOM   724  C C   . ALA A 1 97  ? -0.370  16.254  -5.376  1.00 35.11 ? 97  ALA A C   1 
ATOM   725  O O   . ALA A 1 97  ? -0.851  16.944  -4.468  1.00 33.67 ? 97  ALA A O   1 
ATOM   726  C CB  . ALA A 1 97  ? -1.522  14.228  -6.183  1.00 34.41 ? 97  ALA A CB  1 
ATOM   727  N N   . LYS A 1 98  ? 0.929   15.986  -5.495  1.00 34.91 ? 98  LYS A N   1 
ATOM   728  C CA  . LYS A 1 98  ? 1.937   16.473  -4.552  1.00 36.92 ? 98  LYS A CA  1 
ATOM   729  C C   . LYS A 1 98  ? 1.950   17.997  -4.558  1.00 37.83 ? 98  LYS A C   1 
ATOM   730  O O   . LYS A 1 98  ? 2.043   18.627  -3.507  1.00 35.29 ? 98  LYS A O   1 
ATOM   731  C CB  . LYS A 1 98  ? 3.309   15.919  -4.943  1.00 36.36 ? 98  LYS A CB  1 
ATOM   732  C CG  . LYS A 1 98  ? 4.461   16.188  -3.983  1.00 43.24 ? 98  LYS A CG  1 
ATOM   733  C CD  . LYS A 1 98  ? 5.608   15.182  -4.236  1.00 44.23 ? 98  LYS A CD  1 
ATOM   734  C CE  . LYS A 1 98  ? 6.922   15.611  -3.597  1.00 45.25 ? 98  LYS A CE  1 
ATOM   735  N NZ  . LYS A 1 98  ? 7.374   16.910  -4.173  1.00 44.93 ? 98  LYS A NZ  1 
ATOM   736  N N   . ARG A 1 99  ? 1.816   18.582  -5.744  1.00 38.33 ? 99  ARG A N   1 
ATOM   737  C CA  . ARG A 1 99  ? 1.792   20.029  -5.886  1.00 39.11 ? 99  ARG A CA  1 
ATOM   738  C C   . ARG A 1 99  ? 0.534   20.605  -5.239  1.00 36.63 ? 99  ARG A C   1 
ATOM   739  O O   . ARG A 1 99  ? 0.638   21.514  -4.422  1.00 40.31 ? 99  ARG A O   1 
ATOM   740  C CB  . ARG A 1 99  ? 1.896   20.425  -7.368  1.00 42.03 ? 99  ARG A CB  1 
ATOM   741  C CG  . ARG A 1 99  ? 1.503   21.871  -7.704  1.00 44.84 ? 99  ARG A CG  1 
ATOM   742  C CD  . ARG A 1 99  ? 0.079   21.942  -8.315  1.00 53.22 ? 99  ARG A CD  1 
ATOM   743  N NE  . ARG A 1 99  ? 0.072   22.333  -9.730  1.00 56.18 ? 99  ARG A NE  1 
ATOM   744  C CZ  . ARG A 1 99  ? 0.539   21.601  -10.742 1.00 61.26 ? 99  ARG A CZ  1 
ATOM   745  N NH1 . ARG A 1 99  ? 1.052   20.399  -10.523 1.00 61.53 ? 99  ARG A NH1 1 
ATOM   746  N NH2 . ARG A 1 99  ? 0.544   22.103  -11.973 1.00 62.64 ? 99  ARG A NH2 1 
ATOM   747  N N   . LYS A 1 100 ? -0.641  20.065  -5.562  1.00 36.85 ? 100 LYS A N   1 
ATOM   748  C CA  . LYS A 1 100 ? -1.889  20.561  -4.972  1.00 39.30 ? 100 LYS A CA  1 
ATOM   749  C C   . LYS A 1 100 ? -1.825  20.473  -3.447  1.00 41.13 ? 100 LYS A C   1 
ATOM   750  O O   . LYS A 1 100 ? -2.409  21.294  -2.736  1.00 41.49 ? 100 LYS A O   1 
ATOM   751  C CB  . LYS A 1 100 ? -3.082  19.732  -5.431  1.00 44.08 ? 100 LYS A CB  1 
ATOM   752  C CG  . LYS A 1 100 ? -3.384  19.750  -6.910  1.00 47.53 ? 100 LYS A CG  1 
ATOM   753  C CD  . LYS A 1 100 ? -4.391  18.649  -7.186  1.00 54.03 ? 100 LYS A CD  1 
ATOM   754  C CE  . LYS A 1 100 ? -4.764  18.541  -8.643  1.00 59.74 ? 100 LYS A CE  1 
ATOM   755  N NZ  . LYS A 1 100 ? -5.611  19.684  -9.082  1.00 67.14 ? 100 LYS A NZ  1 
ATOM   756  N N   . ALA A 1 101 ? -1.143  19.446  -2.953  1.00 41.23 ? 101 ALA A N   1 
ATOM   757  C CA  . ALA A 1 101 ? -1.011  19.230  -1.524  1.00 39.87 ? 101 ALA A CA  1 
ATOM   758  C C   . ALA A 1 101 ? -0.016  20.192  -0.910  1.00 39.93 ? 101 ALA A C   1 
ATOM   759  O O   . ALA A 1 101 ? -0.318  20.827  0.101   1.00 42.66 ? 101 ALA A O   1 
ATOM   760  C CB  . ALA A 1 101 ? -0.596  17.792  -1.250  1.00 35.67 ? 101 ALA A CB  1 
ATOM   761  N N   . GLU A 1 102 ? 1.159   20.304  -1.533  1.00 40.58 ? 102 GLU A N   1 
ATOM   762  C CA  . GLU A 1 102 ? 2.234   21.181  -1.060  1.00 38.31 ? 102 GLU A CA  1 
ATOM   763  C C   . GLU A 1 102 ? 1.790   22.628  -0.891  1.00 42.38 ? 102 GLU A C   1 
ATOM   764  O O   . GLU A 1 102 ? 2.283   23.360  -0.025  1.00 44.30 ? 102 GLU A O   1 
ATOM   765  C CB  . GLU A 1 102 ? 3.435   21.104  -1.994  1.00 30.88 ? 102 GLU A CB  1 
ATOM   766  C CG  . GLU A 1 102 ? 4.388   19.958  -1.677  1.00 37.78 ? 102 GLU A CG  1 
ATOM   767  C CD  . GLU A 1 102 ? 5.510   19.817  -2.694  1.00 43.50 ? 102 GLU A CD  1 
ATOM   768  O OE1 . GLU A 1 102 ? 5.464   20.499  -3.745  1.00 49.96 ? 102 GLU A OE1 1 
ATOM   769  O OE2 . GLU A 1 102 ? 6.438   19.014  -2.447  1.00 48.48 ? 102 GLU A OE2 1 
ATOM   770  N N   . GLU A 1 103 ? 0.855   23.044  -1.729  1.00 41.57 ? 103 GLU A N   1 
ATOM   771  C CA  . GLU A 1 103 ? 0.353   24.391  -1.628  1.00 45.54 ? 103 GLU A CA  1 
ATOM   772  C C   . GLU A 1 103 ? -0.828  24.428  -0.670  1.00 46.18 ? 103 GLU A C   1 
ATOM   773  O O   . GLU A 1 103 ? -1.191  25.483  -0.163  1.00 51.48 ? 103 GLU A O   1 
ATOM   774  C CB  . GLU A 1 103 ? -0.048  24.918  -2.992  1.00 48.54 ? 103 GLU A CB  1 
ATOM   775  C CG  . GLU A 1 103 ? -1.209  24.207  -3.615  1.00 54.20 ? 103 GLU A CG  1 
ATOM   776  C CD  . GLU A 1 103 ? -1.589  24.805  -4.953  1.00 60.16 ? 103 GLU A CD  1 
ATOM   777  O OE1 . GLU A 1 103 ? -1.072  25.908  -5.277  1.00 60.12 ? 103 GLU A OE1 1 
ATOM   778  O OE2 . GLU A 1 103 ? -2.401  24.167  -5.675  1.00 64.23 ? 103 GLU A OE2 1 
ATOM   779  N N   . HIS A 1 104 ? -1.450  23.280  -0.433  1.00 45.76 ? 104 HIS A N   1 
ATOM   780  C CA  . HIS A 1 104 ? -2.573  23.218  0.491   1.00 45.59 ? 104 HIS A CA  1 
ATOM   781  C C   . HIS A 1 104 ? -1.962  23.441  1.874   1.00 43.15 ? 104 HIS A C   1 
ATOM   782  O O   . HIS A 1 104 ? -2.568  24.068  2.751   1.00 37.60 ? 104 HIS A O   1 
ATOM   783  C CB  . HIS A 1 104 ? -3.260  21.856  0.403   1.00 54.77 ? 104 HIS A CB  1 
ATOM   784  C CG  . HIS A 1 104 ? -4.756  21.922  0.401   1.00 68.01 ? 104 HIS A CG  1 
ATOM   785  N ND1 . HIS A 1 104 ? -5.491  22.308  -0.703  1.00 68.57 ? 104 HIS A ND1 1 
ATOM   786  C CD2 . HIS A 1 104 ? -5.661  21.588  1.358   1.00 74.14 ? 104 HIS A CD2 1 
ATOM   787  C CE1 . HIS A 1 104 ? -6.781  22.201  -0.426  1.00 73.26 ? 104 HIS A CE1 1 
ATOM   788  N NE2 . HIS A 1 104 ? -6.908  21.768  0.812   1.00 76.69 ? 104 HIS A NE2 1 
ATOM   789  N N   . ILE A 1 105 ? -0.712  22.999  2.013   1.00 42.76 ? 105 ILE A N   1 
ATOM   790  C CA  . ILE A 1 105 ? 0.057   23.143  3.250   1.00 44.10 ? 105 ILE A CA  1 
ATOM   791  C C   . ILE A 1 105 ? 0.384   24.598  3.585   1.00 48.43 ? 105 ILE A C   1 
ATOM   792  O O   . ILE A 1 105 ? 0.221   25.022  4.733   1.00 48.12 ? 105 ILE A O   1 
ATOM   793  C CB  . ILE A 1 105 ? 1.350   22.319  3.185   1.00 40.26 ? 105 ILE A CB  1 
ATOM   794  C CG1 . ILE A 1 105 ? 0.991   20.833  3.240   1.00 38.51 ? 105 ILE A CG1 1 
ATOM   795  C CG2 . ILE A 1 105 ? 2.315   22.710  4.310   1.00 36.46 ? 105 ILE A CG2 1 
ATOM   796  C CD1 . ILE A 1 105 ? 2.161   19.929  3.155   1.00 35.45 ? 105 ILE A CD1 1 
ATOM   797  N N   . SER A 1 106 ? 0.895   25.343  2.602   1.00 53.40 ? 106 SER A N   1 
ATOM   798  C CA  . SER A 1 106 ? 1.210   26.760  2.801   1.00 57.18 ? 106 SER A CA  1 
ATOM   799  C C   . SER A 1 106 ? -0.050  27.619  2.593   1.00 60.45 ? 106 SER A C   1 
ATOM   800  O O   . SER A 1 106 ? -0.012  28.689  1.987   1.00 63.51 ? 106 SER A O   1 
ATOM   801  C CB  . SER A 1 106 ? 2.367   27.223  1.896   1.00 56.59 ? 106 SER A CB  1 
ATOM   802  O OG  . SER A 1 106 ? 2.188   26.835  0.543   1.00 54.50 ? 106 SER A OG  1 
ATOM   803  N N   . SER A 1 107 ? -1.175  27.097  3.071   1.00 60.89 ? 107 SER A N   1 
ATOM   804  C CA  . SER A 1 107 ? -2.472  27.761  3.008   1.00 61.89 ? 107 SER A CA  1 
ATOM   805  C C   . SER A 1 107 ? -3.155  27.453  4.323   1.00 64.38 ? 107 SER A C   1 
ATOM   806  O O   . SER A 1 107 ? -4.177  28.046  4.655   1.00 66.41 ? 107 SER A O   1 
ATOM   807  C CB  . SER A 1 107 ? -3.319  27.208  1.865   1.00 61.77 ? 107 SER A CB  1 
ATOM   808  O OG  . SER A 1 107 ? -2.872  27.721  0.623   1.00 60.40 ? 107 SER A OG  1 
ATOM   809  N N   . SER A 1 108 ? -2.568  26.506  5.053   1.00 67.81 ? 108 SER A N   1 
ATOM   810  C CA  . SER A 1 108 ? -3.069  26.058  6.344   1.00 69.90 ? 108 SER A CA  1 
ATOM   811  C C   . SER A 1 108 ? -3.337  27.248  7.244   1.00 73.20 ? 108 SER A C   1 
ATOM   812  O O   . SER A 1 108 ? -2.411  27.944  7.671   1.00 71.19 ? 108 SER A O   1 
ATOM   813  C CB  . SER A 1 108 ? -2.058  25.121  7.005   1.00 66.78 ? 108 SER A CB  1 
ATOM   814  O OG  . SER A 1 108 ? -1.776  24.023  6.154   1.00 59.89 ? 108 SER A OG  1 
ATOM   815  N N   . HIS A 1 109 ? -4.620  27.526  7.452   1.00 77.22 ? 109 HIS A N   1 
ATOM   816  C CA  . HIS A 1 109 ? -5.033  28.630  8.295   1.00 82.27 ? 109 HIS A CA  1 
ATOM   817  C C   . HIS A 1 109 ? -5.234  28.085  9.701   1.00 82.20 ? 109 HIS A C   1 
ATOM   818  O O   . HIS A 1 109 ? -5.531  28.834  10.625  1.00 84.54 ? 109 HIS A O   1 
ATOM   819  C CB  . HIS A 1 109 ? -6.327  29.249  7.763   1.00 86.00 ? 109 HIS A CB  1 
ATOM   820  C CG  . HIS A 1 109 ? -6.507  30.690  8.122   1.00 90.47 ? 109 HIS A CG  1 
ATOM   821  N ND1 . HIS A 1 109 ? -6.273  31.713  7.221   1.00 90.91 ? 109 HIS A ND1 1 
ATOM   822  C CD2 . HIS A 1 109 ? -6.894  31.285  9.273   1.00 91.56 ? 109 HIS A CD2 1 
ATOM   823  C CE1 . HIS A 1 109 ? -6.517  32.872  7.809   1.00 93.41 ? 109 HIS A CE1 1 
ATOM   824  N NE2 . HIS A 1 109 ? -6.893  32.639  9.053   1.00 93.31 ? 109 HIS A NE2 1 
ATOM   825  N N   . GLY A 1 110 ? -5.033  26.777  9.855   1.00 82.35 ? 110 GLY A N   1 
ATOM   826  C CA  . GLY A 1 110 ? -5.186  26.128  11.150  1.00 82.29 ? 110 GLY A CA  1 
ATOM   827  C C   . GLY A 1 110 ? -4.354  24.862  11.261  1.00 79.79 ? 110 GLY A C   1 
ATOM   828  O O   . GLY A 1 110 ? -3.446  24.647  10.460  1.00 80.56 ? 110 GLY A O   1 
ATOM   829  N N   . ASP A 1 111 ? -4.633  24.041  12.270  1.00 77.19 ? 111 ASP A N   1 
ATOM   830  C CA  . ASP A 1 111 ? -3.901  22.791  12.442  1.00 74.23 ? 111 ASP A CA  1 
ATOM   831  C C   . ASP A 1 111 ? -4.787  21.612  12.041  1.00 70.29 ? 111 ASP A C   1 
ATOM   832  O O   . ASP A 1 111 ? -4.362  20.453  12.051  1.00 69.28 ? 111 ASP A O   1 
ATOM   833  C CB  . ASP A 1 111 ? -3.379  22.645  13.880  1.00 78.37 ? 111 ASP A CB  1 
ATOM   834  C CG  . ASP A 1 111 ? -4.417  22.082  14.841  1.00 83.36 ? 111 ASP A CG  1 
ATOM   835  O OD1 . ASP A 1 111 ? -5.433  22.770  15.121  1.00 85.74 ? 111 ASP A OD1 1 
ATOM   836  O OD2 . ASP A 1 111 ? -4.198  20.952  15.338  1.00 84.23 ? 111 ASP A OD2 1 
ATOM   837  N N   . VAL A 1 112 ? -6.029  21.931  11.698  1.00 65.21 ? 112 VAL A N   1 
ATOM   838  C CA  . VAL A 1 112 ? -6.997  20.943  11.267  1.00 62.10 ? 112 VAL A CA  1 
ATOM   839  C C   . VAL A 1 112 ? -6.830  20.729  9.763   1.00 62.34 ? 112 VAL A C   1 
ATOM   840  O O   . VAL A 1 112 ? -6.682  19.596  9.318   1.00 65.33 ? 112 VAL A O   1 
ATOM   841  C CB  . VAL A 1 112 ? -8.446  21.383  11.622  1.00 62.09 ? 112 VAL A CB  1 
ATOM   842  C CG1 . VAL A 1 112 ? -8.743  22.760  11.049  1.00 64.02 ? 112 VAL A CG1 1 
ATOM   843  C CG2 . VAL A 1 112 ? -9.461  20.356  11.131  1.00 57.42 ? 112 VAL A CG2 1 
ATOM   844  N N   . ASP A 1 113 ? -6.802  21.815  8.991   1.00 62.38 ? 113 ASP A N   1 
ATOM   845  C CA  . ASP A 1 113 ? -6.636  21.724  7.538   1.00 59.07 ? 113 ASP A CA  1 
ATOM   846  C C   . ASP A 1 113 ? -5.236  21.262  7.121   1.00 53.90 ? 113 ASP A C   1 
ATOM   847  O O   . ASP A 1 113 ? -5.056  20.724  6.035   1.00 53.23 ? 113 ASP A O   1 
ATOM   848  C CB  . ASP A 1 113 ? -7.020  23.045  6.837   1.00 63.72 ? 113 ASP A CB  1 
ATOM   849  C CG  . ASP A 1 113 ? -6.225  24.271  7.338   1.00 70.66 ? 113 ASP A CG  1 
ATOM   850  O OD1 . ASP A 1 113 ? -5.369  24.154  8.253   1.00 74.32 ? 113 ASP A OD1 1 
ATOM   851  O OD2 . ASP A 1 113 ? -6.468  25.382  6.800   1.00 71.40 ? 113 ASP A OD2 1 
ATOM   852  N N   . TYR A 1 114 ? -4.258  21.459  8.004   1.00 48.55 ? 114 TYR A N   1 
ATOM   853  C CA  . TYR A 1 114 ? -2.878  21.046  7.759   1.00 47.50 ? 114 TYR A CA  1 
ATOM   854  C C   . TYR A 1 114 ? -2.767  19.511  7.770   1.00 50.42 ? 114 TYR A C   1 
ATOM   855  O O   . TYR A 1 114 ? -2.170  18.918  6.866   1.00 51.61 ? 114 TYR A O   1 
ATOM   856  C CB  . TYR A 1 114 ? -1.952  21.648  8.824   1.00 45.05 ? 114 TYR A CB  1 
ATOM   857  C CG  . TYR A 1 114 ? -0.530  21.127  8.790   1.00 44.37 ? 114 TYR A CG  1 
ATOM   858  C CD1 . TYR A 1 114 ? 0.419   21.706  7.963   1.00 44.66 ? 114 TYR A CD1 1 
ATOM   859  C CD2 . TYR A 1 114 ? -0.156  19.997  9.526   1.00 45.40 ? 114 TYR A CD2 1 
ATOM   860  C CE1 . TYR A 1 114 ? 1.701   21.179  7.852   1.00 41.06 ? 114 TYR A CE1 1 
ATOM   861  C CE2 . TYR A 1 114 ? 1.130   19.456  9.425   1.00 42.83 ? 114 TYR A CE2 1 
ATOM   862  C CZ  . TYR A 1 114 ? 2.056   20.056  8.573   1.00 44.07 ? 114 TYR A CZ  1 
ATOM   863  O OH  . TYR A 1 114 ? 3.322   19.527  8.420   1.00 40.42 ? 114 TYR A OH  1 
ATOM   864  N N   . ALA A 1 115 ? -3.358  18.880  8.783   1.00 51.48 ? 115 ALA A N   1 
ATOM   865  C CA  . ALA A 1 115 ? -3.341  17.420  8.928   1.00 50.00 ? 115 ALA A CA  1 
ATOM   866  C C   . ALA A 1 115 ? -4.021  16.741  7.739   1.00 46.95 ? 115 ALA A C   1 
ATOM   867  O O   . ALA A 1 115 ? -3.716  15.595  7.422   1.00 48.23 ? 115 ALA A O   1 
ATOM   868  C CB  . ALA A 1 115 ? -4.031  17.010  10.233  1.00 48.30 ? 115 ALA A CB  1 
ATOM   869  N N   . GLN A 1 116 ? -4.938  17.461  7.097   1.00 40.25 ? 116 GLN A N   1 
ATOM   870  C CA  . GLN A 1 116 ? -5.671  16.958  5.941   1.00 43.30 ? 116 GLN A CA  1 
ATOM   871  C C   . GLN A 1 116 ? -4.823  17.115  4.686   1.00 43.47 ? 116 GLN A C   1 
ATOM   872  O O   . GLN A 1 116 ? -4.897  16.305  3.763   1.00 43.25 ? 116 GLN A O   1 
ATOM   873  C CB  . GLN A 1 116 ? -6.977  17.734  5.781   1.00 45.45 ? 116 GLN A CB  1 
ATOM   874  C CG  . GLN A 1 116 ? -8.097  16.964  5.137   1.00 51.39 ? 116 GLN A CG  1 
ATOM   875  C CD  . GLN A 1 116 ? -8.098  17.073  3.637   1.00 57.76 ? 116 GLN A CD  1 
ATOM   876  O OE1 . GLN A 1 116 ? -8.097  18.175  3.081   1.00 64.93 ? 116 GLN A OE1 1 
ATOM   877  N NE2 . GLN A 1 116 ? -8.138  15.928  2.963   1.00 60.32 ? 116 GLN A NE2 1 
ATOM   878  N N   . ALA A 1 117 ? -4.041  18.190  4.639   1.00 41.24 ? 117 ALA A N   1 
ATOM   879  C CA  . ALA A 1 117 ? -3.169  18.441  3.502   1.00 33.93 ? 117 ALA A CA  1 
ATOM   880  C C   . ALA A 1 117 ? -1.991  17.517  3.684   1.00 32.78 ? 117 ALA A C   1 
ATOM   881  O O   . ALA A 1 117 ? -1.409  17.039  2.712   1.00 35.17 ? 117 ALA A O   1 
ATOM   882  C CB  . ALA A 1 117 ? -2.712  19.887  3.478   1.00 29.70 ? 117 ALA A CB  1 
ATOM   883  N N   . SER A 1 118 ? -1.668  17.246  4.946   1.00 32.72 ? 118 SER A N   1 
ATOM   884  C CA  . SER A 1 118 ? -0.570  16.355  5.304   1.00 39.19 ? 118 SER A CA  1 
ATOM   885  C C   . SER A 1 118 ? -0.893  14.923  4.901   1.00 37.73 ? 118 SER A C   1 
ATOM   886  O O   . SER A 1 118 ? 0.006   14.157  4.570   1.00 40.86 ? 118 SER A O   1 
ATOM   887  C CB  . SER A 1 118 ? -0.307  16.407  6.807   1.00 41.78 ? 118 SER A CB  1 
ATOM   888  O OG  . SER A 1 118 ? 0.778   15.561  7.150   1.00 38.70 ? 118 SER A OG  1 
ATOM   889  N N   . ALA A 1 119 ? -2.167  14.558  4.987   1.00 35.25 ? 119 ALA A N   1 
ATOM   890  C CA  . ALA A 1 119 ? -2.633  13.234  4.611   1.00 35.83 ? 119 ALA A CA  1 
ATOM   891  C C   . ALA A 1 119 ? -2.514  13.092  3.104   1.00 37.72 ? 119 ALA A C   1 
ATOM   892  O O   . ALA A 1 119 ? -1.946  12.116  2.608   1.00 37.90 ? 119 ALA A O   1 
ATOM   893  C CB  . ALA A 1 119 ? -4.084  13.054  5.038   1.00 33.28 ? 119 ALA A CB  1 
ATOM   894  N N   . GLU A 1 120 ? -3.023  14.104  2.395   1.00 36.56 ? 120 GLU A N   1 
ATOM   895  C CA  . GLU A 1 120 ? -3.020  14.171  0.932   1.00 36.58 ? 120 GLU A CA  1 
ATOM   896  C C   . GLU A 1 120 ? -1.616  13.978  0.399   1.00 34.23 ? 120 GLU A C   1 
ATOM   897  O O   . GLU A 1 120 ? -1.409  13.318  -0.618  1.00 33.88 ? 120 GLU A O   1 
ATOM   898  C CB  . GLU A 1 120 ? -3.531  15.541  0.458   1.00 41.93 ? 120 GLU A CB  1 
ATOM   899  C CG  . GLU A 1 120 ? -5.031  15.824  0.667   1.00 53.79 ? 120 GLU A CG  1 
ATOM   900  C CD  . GLU A 1 120 ? -5.455  17.287  0.350   1.00 59.25 ? 120 GLU A CD  1 
ATOM   901  O OE1 . GLU A 1 120 ? -4.792  17.973  -0.464  1.00 60.00 ? 120 GLU A OE1 1 
ATOM   902  O OE2 . GLU A 1 120 ? -6.478  17.758  0.906   1.00 58.27 ? 120 GLU A OE2 1 
ATOM   903  N N   . LEU A 1 121 ? -0.652  14.547  1.109   1.00 31.87 ? 121 LEU A N   1 
ATOM   904  C CA  . LEU A 1 121 ? 0.736   14.460  0.706   1.00 31.09 ? 121 LEU A CA  1 
ATOM   905  C C   . LEU A 1 121 ? 1.311   13.067  0.898   1.00 30.82 ? 121 LEU A C   1 
ATOM   906  O O   . LEU A 1 121 ? 2.048   12.566  0.043   1.00 35.61 ? 121 LEU A O   1 
ATOM   907  C CB  . LEU A 1 121 ? 1.570   15.475  1.474   1.00 24.08 ? 121 LEU A CB  1 
ATOM   908  C CG  . LEU A 1 121 ? 3.011   15.579  0.989   1.00 26.78 ? 121 LEU A CG  1 
ATOM   909  C CD1 . LEU A 1 121 ? 3.096   16.183  -0.403  1.00 28.91 ? 121 LEU A CD1 1 
ATOM   910  C CD2 . LEU A 1 121 ? 3.741   16.440  1.956   1.00 31.22 ? 121 LEU A CD2 1 
ATOM   911  N N   . ALA A 1 122 ? 0.958   12.428  2.009   1.00 27.95 ? 122 ALA A N   1 
ATOM   912  C CA  . ALA A 1 122 ? 1.434   11.082  2.313   1.00 24.58 ? 122 ALA A CA  1 
ATOM   913  C C   . ALA A 1 122 ? 1.106   10.179  1.131   1.00 22.99 ? 122 ALA A C   1 
ATOM   914  O O   . ALA A 1 122 ? 1.978   9.464   0.638   1.00 26.56 ? 122 ALA A O   1 
ATOM   915  C CB  . ALA A 1 122 ? 0.770   10.573  3.567   1.00 22.88 ? 122 ALA A CB  1 
ATOM   916  N N   . LYS A 1 123 ? -0.145  10.244  0.672   1.00 21.13 ? 123 LYS A N   1 
ATOM   917  C CA  . LYS A 1 123 ? -0.620  9.474   -0.479  1.00 20.32 ? 123 LYS A CA  1 
ATOM   918  C C   . LYS A 1 123 ? 0.180   9.742   -1.747  1.00 23.01 ? 123 LYS A C   1 
ATOM   919  O O   . LYS A 1 123 ? 0.419   8.823   -2.530  1.00 22.50 ? 123 LYS A O   1 
ATOM   920  C CB  . LYS A 1 123 ? -2.069  9.818   -0.821  1.00 24.88 ? 123 LYS A CB  1 
ATOM   921  C CG  . LYS A 1 123 ? -3.130  9.459   0.197   1.00 26.95 ? 123 LYS A CG  1 
ATOM   922  C CD  . LYS A 1 123 ? -4.494  9.608   -0.446  1.00 26.83 ? 123 LYS A CD  1 
ATOM   923  C CE  . LYS A 1 123 ? -5.580  9.885   0.587   1.00 41.05 ? 123 LYS A CE  1 
ATOM   924  N NZ  . LYS A 1 123 ? -5.764  8.781   1.577   1.00 42.24 ? 123 LYS A NZ  1 
ATOM   925  N N   . ALA A 1 124 ? 0.489   11.020  -1.994  1.00 23.81 ? 124 ALA A N   1 
ATOM   926  C CA  . ALA A 1 124 ? 1.236   11.442  -3.168  1.00 22.69 ? 124 ALA A CA  1 
ATOM   927  C C   . ALA A 1 124 ? 2.649   10.937  -3.079  1.00 21.88 ? 124 ALA A C   1 
ATOM   928  O O   . ALA A 1 124 ? 3.158   10.391  -4.038  1.00 24.31 ? 124 ALA A O   1 
ATOM   929  C CB  . ALA A 1 124 ? 1.217   12.943  -3.293  1.00 25.65 ? 124 ALA A CB  1 
ATOM   930  N N   . ILE A 1 125 ? 3.270   11.096  -1.918  1.00 22.26 ? 125 ILE A N   1 
ATOM   931  C CA  . ILE A 1 125 ? 4.622   10.595  -1.707  1.00 28.68 ? 125 ILE A CA  1 
ATOM   932  C C   . ILE A 1 125 ? 4.628   9.066   -1.921  1.00 32.92 ? 125 ILE A C   1 
ATOM   933  O O   . ILE A 1 125 ? 5.490   8.526   -2.631  1.00 31.05 ? 125 ILE A O   1 
ATOM   934  C CB  . ILE A 1 125 ? 5.129   10.889  -0.253  1.00 29.70 ? 125 ILE A CB  1 
ATOM   935  C CG1 . ILE A 1 125 ? 5.342   12.377  -0.045  1.00 25.82 ? 125 ILE A CG1 1 
ATOM   936  C CG2 . ILE A 1 125 ? 6.455   10.201  -0.004  1.00 31.52 ? 125 ILE A CG2 1 
ATOM   937  C CD1 . ILE A 1 125 ? 6.352   12.946  -1.008  1.00 22.83 ? 125 ILE A CD1 1 
ATOM   938  N N   . ALA A 1 126 ? 3.633   8.387   -1.341  1.00 29.17 ? 126 ALA A N   1 
ATOM   939  C CA  . ALA A 1 126 ? 3.514   6.936   -1.439  1.00 24.57 ? 126 ALA A CA  1 
ATOM   940  C C   . ALA A 1 126 ? 3.455   6.485   -2.884  1.00 27.17 ? 126 ALA A C   1 
ATOM   941  O O   . ALA A 1 126 ? 4.168   5.559   -3.257  1.00 24.82 ? 126 ALA A O   1 
ATOM   942  C CB  . ALA A 1 126 ? 2.285   6.455   -0.704  1.00 26.79 ? 126 ALA A CB  1 
ATOM   943  N N   . GLN A 1 127 ? 2.638   7.157   -3.704  1.00 25.05 ? 127 GLN A N   1 
ATOM   944  C CA  . GLN A 1 127 ? 2.500   6.810   -5.118  1.00 21.09 ? 127 GLN A CA  1 
ATOM   945  C C   . GLN A 1 127 ? 3.821   6.895   -5.861  1.00 22.86 ? 127 GLN A C   1 
ATOM   946  O O   . GLN A 1 127 ? 4.180   5.994   -6.622  1.00 20.85 ? 127 GLN A O   1 
ATOM   947  C CB  . GLN A 1 127 ? 1.448   7.697   -5.772  1.00 20.78 ? 127 GLN A CB  1 
ATOM   948  C CG  . GLN A 1 127 ? 0.064   7.413   -5.237  1.00 26.26 ? 127 GLN A CG  1 
ATOM   949  C CD  . GLN A 1 127 ? -0.937  8.490   -5.546  1.00 24.90 ? 127 GLN A CD  1 
ATOM   950  O OE1 . GLN A 1 127 ? -0.817  9.199   -6.540  1.00 27.63 ? 127 GLN A OE1 1 
ATOM   951  N NE2 . GLN A 1 127 ? -1.943  8.616   -4.686  1.00 22.76 ? 127 GLN A NE2 1 
ATOM   952  N N   . LEU A 1 128 ? 4.560   7.966   -5.606  1.00 22.38 ? 128 LEU A N   1 
ATOM   953  C CA  . LEU A 1 128 ? 5.852   8.157   -6.238  1.00 24.33 ? 128 LEU A CA  1 
ATOM   954  C C   . LEU A 1 128 ? 6.869   7.102   -5.823  1.00 28.20 ? 128 LEU A C   1 
ATOM   955  O O   . LEU A 1 128 ? 7.718   6.699   -6.624  1.00 28.67 ? 128 LEU A O   1 
ATOM   956  C CB  . LEU A 1 128 ? 6.365   9.543   -5.917  1.00 23.82 ? 128 LEU A CB  1 
ATOM   957  C CG  . LEU A 1 128 ? 5.480   10.620  -6.544  1.00 26.44 ? 128 LEU A CG  1 
ATOM   958  C CD1 . LEU A 1 128 ? 5.814   11.961  -5.920  1.00 28.84 ? 128 LEU A CD1 1 
ATOM   959  C CD2 . LEU A 1 128 ? 5.655   10.653  -8.061  1.00 16.30 ? 128 LEU A CD2 1 
ATOM   960  N N   . ARG A 1 129 ? 6.774   6.655   -4.577  1.00 29.78 ? 129 ARG A N   1 
ATOM   961  C CA  . ARG A 1 129 ? 7.686   5.642   -4.083  1.00 34.97 ? 129 ARG A CA  1 
ATOM   962  C C   . ARG A 1 129 ? 7.440   4.357   -4.869  1.00 34.70 ? 129 ARG A C   1 
ATOM   963  O O   . ARG A 1 129 ? 8.378   3.783   -5.419  1.00 37.05 ? 129 ARG A O   1 
ATOM   964  C CB  . ARG A 1 129 ? 7.477   5.410   -2.586  1.00 37.34 ? 129 ARG A CB  1 
ATOM   965  C CG  . ARG A 1 129 ? 8.615   4.656   -1.897  1.00 47.23 ? 129 ARG A CG  1 
ATOM   966  C CD  . ARG A 1 129 ? 8.313   4.380   -0.412  1.00 62.65 ? 129 ARG A CD  1 
ATOM   967  N NE  . ARG A 1 129 ? 7.801   5.563   0.305   1.00 74.04 ? 129 ARG A NE  1 
ATOM   968  C CZ  . ARG A 1 129 ? 7.617   5.652   1.625   1.00 76.46 ? 129 ARG A CZ  1 
ATOM   969  N NH1 . ARG A 1 129 ? 7.909   4.625   2.425   1.00 73.42 ? 129 ARG A NH1 1 
ATOM   970  N NH2 . ARG A 1 129 ? 7.121   6.776   2.143   1.00 76.13 ? 129 ARG A NH2 1 
ATOM   971  N N   . VAL A 1 130 ? 6.174   3.951   -4.994  1.00 33.00 ? 130 VAL A N   1 
ATOM   972  C CA  . VAL A 1 130 ? 5.806   2.738   -5.742  1.00 30.54 ? 130 VAL A CA  1 
ATOM   973  C C   . VAL A 1 130 ? 6.241   2.835   -7.204  1.00 31.85 ? 130 VAL A C   1 
ATOM   974  O O   . VAL A 1 130 ? 6.778   1.865   -7.766  1.00 33.21 ? 130 VAL A O   1 
ATOM   975  C CB  . VAL A 1 130 ? 4.283   2.469   -5.719  1.00 24.35 ? 130 VAL A CB  1 
ATOM   976  C CG1 . VAL A 1 130 ? 3.954   1.224   -6.567  1.00 14.86 ? 130 VAL A CG1 1 
ATOM   977  C CG2 . VAL A 1 130 ? 3.804   2.253   -4.295  1.00 22.38 ? 130 VAL A CG2 1 
ATOM   978  N N   . ILE A 1 131 ? 5.983   3.993   -7.810  1.00 32.09 ? 131 ILE A N   1 
ATOM   979  C CA  . ILE A 1 131 ? 6.363   4.225   -9.194  1.00 31.94 ? 131 ILE A CA  1 
ATOM   980  C C   . ILE A 1 131 ? 7.849   3.938   -9.386  1.00 34.12 ? 131 ILE A C   1 
ATOM   981  O O   . ILE A 1 131 ? 8.230   3.097   -10.188 1.00 30.29 ? 131 ILE A O   1 
ATOM   982  C CB  . ILE A 1 131 ? 6.032   5.666   -9.613  1.00 31.17 ? 131 ILE A CB  1 
ATOM   983  C CG1 . ILE A 1 131 ? 4.525   5.839   -9.784  1.00 26.15 ? 131 ILE A CG1 1 
ATOM   984  C CG2 . ILE A 1 131 ? 6.759   6.042   -10.891 1.00 26.80 ? 131 ILE A CG2 1 
ATOM   985  C CD1 . ILE A 1 131 ? 4.125   7.227   -10.206 1.00 26.96 ? 131 ILE A CD1 1 
ATOM   986  N N   . GLU A 1 132 ? 8.673   4.547   -8.548  1.00 39.10 ? 132 GLU A N   1 
ATOM   987  C CA  . GLU A 1 132 ? 10.107  4.362   -8.639  1.00 43.91 ? 132 GLU A CA  1 
ATOM   988  C C   . GLU A 1 132 ? 10.549  2.953   -8.287  1.00 44.05 ? 132 GLU A C   1 
ATOM   989  O O   . GLU A 1 132 ? 11.442  2.413   -8.945  1.00 49.41 ? 132 GLU A O   1 
ATOM   990  C CB  . GLU A 1 132 ? 10.853  5.405   -7.798  1.00 45.86 ? 132 GLU A CB  1 
ATOM   991  C CG  . GLU A 1 132 ? 10.792  6.839   -8.409  1.00 50.66 ? 132 GLU A CG  1 
ATOM   992  C CD  . GLU A 1 132 ? 11.412  6.942   -9.826  1.00 54.44 ? 132 GLU A CD  1 
ATOM   993  O OE1 . GLU A 1 132 ? 12.249  6.080   -10.196 1.00 59.58 ? 132 GLU A OE1 1 
ATOM   994  O OE2 . GLU A 1 132 ? 11.089  7.904   -10.570 1.00 51.49 ? 132 GLU A OE2 1 
ATOM   995  N N   . LEU A 1 133 ? 9.885   2.327   -7.321  1.00 40.61 ? 133 LEU A N   1 
ATOM   996  C CA  . LEU A 1 133 ? 10.232  0.954   -6.941  1.00 39.56 ? 133 LEU A CA  1 
ATOM   997  C C   . LEU A 1 133 ? 9.918   -0.037  -8.056  1.00 40.36 ? 133 LEU A C   1 
ATOM   998  O O   . LEU A 1 133 ? 10.560  -1.079  -8.160  1.00 40.63 ? 133 LEU A O   1 
ATOM   999  C CB  . LEU A 1 133 ? 9.531   0.515   -5.647  1.00 34.45 ? 133 LEU A CB  1 
ATOM   1000 C CG  . LEU A 1 133 ? 10.105  1.035   -4.326  1.00 33.67 ? 133 LEU A CG  1 
ATOM   1001 C CD1 . LEU A 1 133 ? 9.282   0.543   -3.176  1.00 30.45 ? 133 LEU A CD1 1 
ATOM   1002 C CD2 . LEU A 1 133 ? 11.531  0.592   -4.151  1.00 35.90 ? 133 LEU A CD2 1 
ATOM   1003 N N   . THR A 1 134 ? 8.958   0.309   -8.906  1.00 43.05 ? 134 THR A N   1 
ATOM   1004 C CA  . THR A 1 134 ? 8.572   -0.561  -10.010 1.00 45.08 ? 134 THR A CA  1 
ATOM   1005 C C   . THR A 1 134 ? 9.593   -0.536  -11.138 1.00 48.04 ? 134 THR A C   1 
ATOM   1006 O O   . THR A 1 134 ? 9.949   -1.588  -11.672 1.00 49.36 ? 134 THR A O   1 
ATOM   1007 C CB  . THR A 1 134 ? 7.158   -0.213  -10.538 1.00 43.91 ? 134 THR A CB  1 
ATOM   1008 O OG1 . THR A 1 134 ? 6.202   -0.434  -9.497  1.00 40.86 ? 134 THR A OG1 1 
ATOM   1009 C CG2 . THR A 1 134 ? 6.776   -1.093  -11.735 1.00 44.17 ? 134 THR A CG2 1 
ATOM   1010 N N   . LYS A 1 135 ? 10.083  0.662   -11.464 1.00 50.65 ? 135 LYS A N   1 
ATOM   1011 C CA  . LYS A 1 135 ? 11.082  0.847   -12.523 1.00 55.66 ? 135 LYS A CA  1 
ATOM   1012 C C   . LYS A 1 135 ? 12.275  -0.109  -12.384 1.00 58.59 ? 135 LYS A C   1 
ATOM   1013 O O   . LYS A 1 135 ? 12.747  -0.692  -13.366 1.00 60.39 ? 135 LYS A O   1 
ATOM   1014 C CB  . LYS A 1 135 ? 11.588  2.294   -12.538 1.00 54.08 ? 135 LYS A CB  1 
ATOM   1015 C CG  . LYS A 1 135 ? 10.589  3.308   -13.074 1.00 53.02 ? 135 LYS A CG  1 
ATOM   1016 C CD  . LYS A 1 135 ? 11.154  4.717   -13.013 1.00 52.70 ? 135 LYS A CD  1 
ATOM   1017 C CE  . LYS A 1 135 ? 10.179  5.754   -13.566 1.00 57.07 ? 135 LYS A CE  1 
ATOM   1018 N NZ  . LYS A 1 135 ? 10.741  7.149   -13.513 1.00 58.39 ? 135 LYS A NZ  1 
ATOM   1019 N N   . LYS A 1 136 ? 12.734  -0.271  -11.147 1.00 60.39 ? 136 LYS A N   1 
ATOM   1020 C CA  . LYS A 1 136 ? 13.859  -1.142  -10.829 1.00 60.37 ? 136 LYS A CA  1 
ATOM   1021 C C   . LYS A 1 136 ? 13.537  -2.623  -11.044 1.00 60.81 ? 136 LYS A C   1 
ATOM   1022 O O   . LYS A 1 136 ? 12.478  -3.076  -10.561 1.00 59.09 ? 136 LYS A O   1 
ATOM   1023 C CB  . LYS A 1 136 ? 14.297  -0.902  -9.382  1.00 60.88 ? 136 LYS A CB  1 
ATOM   1024 C CG  . LYS A 1 136 ? 14.420  0.589   -9.025  1.00 60.83 ? 136 LYS A CG  1 
ATOM   1025 C CD  . LYS A 1 136 ? 15.207  0.826   -7.740  1.00 62.83 ? 136 LYS A CD  1 
ATOM   1026 C CE  . LYS A 1 136 ? 14.579  0.104   -6.558  1.00 64.98 ? 136 LYS A CE  1 
ATOM   1027 N NZ  . LYS A 1 136 ? 15.337  0.389   -5.302  1.00 64.53 ? 136 LYS A NZ  1 
HETATM 1028 O O   . HOH B 2 .   ? -4.119  -1.780  -11.225 1.00 37.15 ? 139 HOH A O   1 
HETATM 1029 O O   . HOH B 2 .   ? -3.769  -3.810  15.364  1.00 91.82 ? 140 HOH A O   1 
HETATM 1030 O O   . HOH B 2 .   ? -9.045  5.686   2.446   1.00 97.46 ? 141 HOH A O   1 
HETATM 1031 O O   . HOH B 2 .   ? -10.092 5.899   -1.628  1.00 85.30 ? 142 HOH A O   1 
HETATM 1032 O O   . HOH B 2 .   ? -13.180 -12.970 -6.327  1.00 82.63 ? 143 HOH A O   1 
HETATM 1033 O O   . HOH B 2 .   ? 14.570  -7.684  1.171   1.00 50.99 ? 144 HOH A O   1 
HETATM 1034 O O   . HOH B 2 .   ? 1.626   7.700   6.244   1.00 74.80 ? 145 HOH A O   1 
HETATM 1035 O O   . HOH B 2 .   ? -12.668 -0.906  -3.602  1.00 65.18 ? 146 HOH A O   1 
HETATM 1036 O O   . HOH B 2 .   ? 2.214   -18.171 -7.010  1.00 91.11 ? 147 HOH A O   1 
HETATM 1037 O O   . HOH B 2 .   ? -2.596  10.879  -7.553  1.00 38.96 ? 148 HOH A O   1 
HETATM 1038 O O   . HOH B 2 .   ? -9.684  -8.342  -10.702 1.00 48.60 ? 149 HOH A O   1 
HETATM 1039 O O   . HOH B 2 .   ? -17.317 -6.723  -3.917  1.00 55.58 ? 150 HOH A O   1 
HETATM 1040 O O   . HOH B 2 .   ? -8.762  0.985   7.553   1.00 94.72 ? 151 HOH A O   1 
HETATM 1041 O O   . HOH B 2 .   ? -12.673 2.697   -1.825  1.00 77.75 ? 152 HOH A O   1 
# 
